data_4XPX
# 
_entry.id   4XPX 
# 
_audit_conform.dict_name       mmcif_pdbx.dic 
_audit_conform.dict_version    5.380 
_audit_conform.dict_location   http://mmcif.pdb.org/dictionaries/ascii/mmcif_pdbx.dic 
# 
loop_
_database_2.database_id 
_database_2.database_code 
_database_2.pdbx_database_accession 
_database_2.pdbx_DOI 
PDB   4XPX         pdb_00004xpx 10.2210/pdb4xpx/pdb 
WWPDB D_1000206091 ?            ?                   
# 
loop_
_pdbx_database_related.db_name 
_pdbx_database_related.details 
_pdbx_database_related.db_id 
_pdbx_database_related.content_type 
PDB . 4xpw unspecified 
PDB . 4xpy unspecified 
PDB . 4xq1 unspecified 
# 
_pdbx_database_status.status_code                     REL 
_pdbx_database_status.status_code_sf                  REL 
_pdbx_database_status.status_code_mr                  ? 
_pdbx_database_status.entry_id                        4XPX 
_pdbx_database_status.recvd_initial_deposition_date   2015-01-18 
_pdbx_database_status.SG_entry                        N 
_pdbx_database_status.deposit_site                    RCSB 
_pdbx_database_status.process_site                    PDBJ 
_pdbx_database_status.status_code_cs                  ? 
_pdbx_database_status.methods_development_category    ? 
_pdbx_database_status.pdb_format_compatible           Y 
_pdbx_database_status.status_code_nmr_data            ? 
# 
loop_
_audit_author.name 
_audit_author.pdbx_ordinal 
'Chuankhayan, P.' 1 
'Chen, K.H.C.'    2 
'Wu, H.H.'        3 
'Chen, C.J.'      4 
'Fukuda, M.'      5 
'Yu, S.S.F.'      6 
'Chan, S.I.'      7 
# 
_citation.abstract                  ? 
_citation.abstract_id_CAS           ? 
_citation.book_id_ISBN              ? 
_citation.book_publisher            ? 
_citation.book_publisher_city       ? 
_citation.book_title                ? 
_citation.coordinate_linkage        ? 
_citation.country                   US 
_citation.database_id_Medline       ? 
_citation.details                   ? 
_citation.id                        primary 
_citation.journal_abbrev            J.Inorg.Biochem. 
_citation.journal_id_ASTM           JIBIDJ 
_citation.journal_id_CSD            0525 
_citation.journal_id_ISSN           0162-0134 
_citation.journal_full              ? 
_citation.journal_issue             ? 
_citation.journal_volume            150 
_citation.language                  ? 
_citation.page_first                81 
_citation.page_last                 89 
_citation.title                     
'The bacteriohemerythrin from Methylococcus capsulatus (Bath): Crystal structures reveal that Leu114 regulates a water tunnel.' 
_citation.year                      2015 
_citation.database_id_CSD           ? 
_citation.pdbx_database_id_DOI      10.1016/j.jinorgbio.2015.04.001 
_citation.pdbx_database_id_PubMed   25890483 
_citation.unpublished_flag          ? 
# 
loop_
_citation_author.citation_id 
_citation_author.name 
_citation_author.ordinal 
_citation_author.identifier_ORCID 
primary 'Chen, K.H.C.'    1 ? 
primary 'Chuankhayan, P.' 2 ? 
primary 'Wu, H.H.'        3 ? 
primary 'Chen, C.J.'      4 ? 
primary 'Fukuda, M.'      5 ? 
primary 'Yu, S.S.F.'      6 ? 
primary 'Chan, S.I.'      7 ? 
# 
_cell.entry_id           4XPX 
_cell.length_a           83.428 
_cell.length_b           83.428 
_cell.length_c           30.894 
_cell.angle_alpha        90.00 
_cell.angle_beta         90.00 
_cell.angle_gamma        120.00 
_cell.Z_PDB              6 
_cell.pdbx_unique_axis   ? 
# 
_symmetry.entry_id                         4XPX 
_symmetry.space_group_name_H-M             'P 6' 
_symmetry.pdbx_full_space_group_name_H-M   ? 
_symmetry.cell_setting                     ? 
_symmetry.Int_Tables_number                168 
# 
loop_
_entity.id 
_entity.type 
_entity.src_method 
_entity.pdbx_description 
_entity.formula_weight 
_entity.pdbx_number_of_molecules 
_entity.pdbx_ec 
_entity.pdbx_mutation 
_entity.pdbx_fragment 
_entity.details 
1 polymer     nat Bacteriohemerythrin 14605.473 1   ? ? ? ? 
2 non-polymer syn 'FE (II) ION'       55.845    2   ? ? ? ? 
3 water       nat water               18.015    158 ? ? ? ? 
# 
_entity_name_com.entity_id   1 
_entity_name_com.name        McHr 
# 
_entity_poly.entity_id                      1 
_entity_poly.type                           'polypeptide(L)' 
_entity_poly.nstd_linkage                   no 
_entity_poly.nstd_monomer                   no 
_entity_poly.pdbx_seq_one_letter_code       
;ALMTWTAAEFGTNVGFADDQHKTIFDMVNKLHDTAATGNRSEIGKQLDALIDYVVMHFKSEETEMQKKGYADFAAHKAEH
DKLVGVCADLQKKFHAGEAEVNQDTTRFVRDWLVNHIPKVDKLYGPCLSA
;
_entity_poly.pdbx_seq_one_letter_code_can   
;ALMTWTAAEFGTNVGFADDQHKTIFDMVNKLHDTAATGNRSEIGKQLDALIDYVVMHFKSEETEMQKKGYADFAAHKAEH
DKLVGVCADLQKKFHAGEAEVNQDTTRFVRDWLVNHIPKVDKLYGPCLSA
;
_entity_poly.pdbx_strand_id                 A 
_entity_poly.pdbx_target_identifier         ? 
# 
loop_
_entity_poly_seq.entity_id 
_entity_poly_seq.num 
_entity_poly_seq.mon_id 
_entity_poly_seq.hetero 
1 1   ALA n 
1 2   LEU n 
1 3   MET n 
1 4   THR n 
1 5   TRP n 
1 6   THR n 
1 7   ALA n 
1 8   ALA n 
1 9   GLU n 
1 10  PHE n 
1 11  GLY n 
1 12  THR n 
1 13  ASN n 
1 14  VAL n 
1 15  GLY n 
1 16  PHE n 
1 17  ALA n 
1 18  ASP n 
1 19  ASP n 
1 20  GLN n 
1 21  HIS n 
1 22  LYS n 
1 23  THR n 
1 24  ILE n 
1 25  PHE n 
1 26  ASP n 
1 27  MET n 
1 28  VAL n 
1 29  ASN n 
1 30  LYS n 
1 31  LEU n 
1 32  HIS n 
1 33  ASP n 
1 34  THR n 
1 35  ALA n 
1 36  ALA n 
1 37  THR n 
1 38  GLY n 
1 39  ASN n 
1 40  ARG n 
1 41  SER n 
1 42  GLU n 
1 43  ILE n 
1 44  GLY n 
1 45  LYS n 
1 46  GLN n 
1 47  LEU n 
1 48  ASP n 
1 49  ALA n 
1 50  LEU n 
1 51  ILE n 
1 52  ASP n 
1 53  TYR n 
1 54  VAL n 
1 55  VAL n 
1 56  MET n 
1 57  HIS n 
1 58  PHE n 
1 59  LYS n 
1 60  SER n 
1 61  GLU n 
1 62  GLU n 
1 63  THR n 
1 64  GLU n 
1 65  MET n 
1 66  GLN n 
1 67  LYS n 
1 68  LYS n 
1 69  GLY n 
1 70  TYR n 
1 71  ALA n 
1 72  ASP n 
1 73  PHE n 
1 74  ALA n 
1 75  ALA n 
1 76  HIS n 
1 77  LYS n 
1 78  ALA n 
1 79  GLU n 
1 80  HIS n 
1 81  ASP n 
1 82  LYS n 
1 83  LEU n 
1 84  VAL n 
1 85  GLY n 
1 86  VAL n 
1 87  CYS n 
1 88  ALA n 
1 89  ASP n 
1 90  LEU n 
1 91  GLN n 
1 92  LYS n 
1 93  LYS n 
1 94  PHE n 
1 95  HIS n 
1 96  ALA n 
1 97  GLY n 
1 98  GLU n 
1 99  ALA n 
1 100 GLU n 
1 101 VAL n 
1 102 ASN n 
1 103 GLN n 
1 104 ASP n 
1 105 THR n 
1 106 THR n 
1 107 ARG n 
1 108 PHE n 
1 109 VAL n 
1 110 ARG n 
1 111 ASP n 
1 112 TRP n 
1 113 LEU n 
1 114 VAL n 
1 115 ASN n 
1 116 HIS n 
1 117 ILE n 
1 118 PRO n 
1 119 LYS n 
1 120 VAL n 
1 121 ASP n 
1 122 LYS n 
1 123 LEU n 
1 124 TYR n 
1 125 GLY n 
1 126 PRO n 
1 127 CYS n 
1 128 LEU n 
1 129 SER n 
1 130 ALA n 
# 
_entity_src_nat.entity_id                  1 
_entity_src_nat.pdbx_src_id                1 
_entity_src_nat.pdbx_alt_source_flag       sample 
_entity_src_nat.pdbx_beg_seq_num           1 
_entity_src_nat.pdbx_end_seq_num           130 
_entity_src_nat.common_name                ? 
_entity_src_nat.pdbx_organism_scientific   'Methylococcus capsulatus (strain ATCC 33009 / NCIMB 11132 / Bath)' 
_entity_src_nat.pdbx_ncbi_taxonomy_id      243233 
_entity_src_nat.genus                      ? 
_entity_src_nat.species                    ? 
_entity_src_nat.strain                     'ATCC 33009 / NCIMB 11132 / Bath' 
_entity_src_nat.tissue                     ? 
_entity_src_nat.tissue_fraction            ? 
_entity_src_nat.pdbx_secretion             ? 
_entity_src_nat.pdbx_fragment              ? 
_entity_src_nat.pdbx_variant               ? 
_entity_src_nat.pdbx_cell_line             ? 
_entity_src_nat.pdbx_atcc                  ? 
_entity_src_nat.pdbx_cellular_location     ? 
_entity_src_nat.pdbx_organ                 ? 
_entity_src_nat.pdbx_organelle             ? 
_entity_src_nat.pdbx_cell                  ? 
_entity_src_nat.pdbx_plasmid_name          ? 
_entity_src_nat.pdbx_plasmid_details       ? 
_entity_src_nat.details                    ? 
# 
_struct_ref.id                         1 
_struct_ref.db_name                    UNP 
_struct_ref.db_code                    HEMTB_METCA 
_struct_ref.pdbx_db_accession          Q60AX2 
_struct_ref.pdbx_db_isoform            ? 
_struct_ref.entity_id                  1 
_struct_ref.pdbx_seq_one_letter_code   
;ALMTWTAAEFGTNVGFADDQHKTIFDMVNKLHDTAATGNRSEIGKQLDALIDYVVMHFKSEETEMQKKGYADFAAHKAEH
DKLVGVCADLQKKFHAGEAEVNQDTTRFVRDWLVNHIPKVDKLYGPCLSA
;
_struct_ref.pdbx_align_begin           2 
# 
_struct_ref_seq.align_id                      1 
_struct_ref_seq.ref_id                        1 
_struct_ref_seq.pdbx_PDB_id_code              4XPX 
_struct_ref_seq.pdbx_strand_id                A 
_struct_ref_seq.seq_align_beg                 1 
_struct_ref_seq.pdbx_seq_align_beg_ins_code   ? 
_struct_ref_seq.seq_align_end                 130 
_struct_ref_seq.pdbx_seq_align_end_ins_code   ? 
_struct_ref_seq.pdbx_db_accession             Q60AX2 
_struct_ref_seq.db_align_beg                  2 
_struct_ref_seq.pdbx_db_align_beg_ins_code    ? 
_struct_ref_seq.db_align_end                  131 
_struct_ref_seq.pdbx_db_align_end_ins_code    ? 
_struct_ref_seq.pdbx_auth_seq_align_beg       2 
_struct_ref_seq.pdbx_auth_seq_align_end       131 
# 
loop_
_chem_comp.id 
_chem_comp.type 
_chem_comp.mon_nstd_flag 
_chem_comp.name 
_chem_comp.pdbx_synonyms 
_chem_comp.formula 
_chem_comp.formula_weight 
ALA 'L-peptide linking' y ALANINE         ? 'C3 H7 N O2'     89.093  
ARG 'L-peptide linking' y ARGININE        ? 'C6 H15 N4 O2 1' 175.209 
ASN 'L-peptide linking' y ASPARAGINE      ? 'C4 H8 N2 O3'    132.118 
ASP 'L-peptide linking' y 'ASPARTIC ACID' ? 'C4 H7 N O4'     133.103 
CYS 'L-peptide linking' y CYSTEINE        ? 'C3 H7 N O2 S'   121.158 
FE2 non-polymer         . 'FE (II) ION'   ? 'Fe 2'           55.845  
GLN 'L-peptide linking' y GLUTAMINE       ? 'C5 H10 N2 O3'   146.144 
GLU 'L-peptide linking' y 'GLUTAMIC ACID' ? 'C5 H9 N O4'     147.129 
GLY 'peptide linking'   y GLYCINE         ? 'C2 H5 N O2'     75.067  
HIS 'L-peptide linking' y HISTIDINE       ? 'C6 H10 N3 O2 1' 156.162 
HOH non-polymer         . WATER           ? 'H2 O'           18.015  
ILE 'L-peptide linking' y ISOLEUCINE      ? 'C6 H13 N O2'    131.173 
LEU 'L-peptide linking' y LEUCINE         ? 'C6 H13 N O2'    131.173 
LYS 'L-peptide linking' y LYSINE          ? 'C6 H15 N2 O2 1' 147.195 
MET 'L-peptide linking' y METHIONINE      ? 'C5 H11 N O2 S'  149.211 
PHE 'L-peptide linking' y PHENYLALANINE   ? 'C9 H11 N O2'    165.189 
PRO 'L-peptide linking' y PROLINE         ? 'C5 H9 N O2'     115.130 
SER 'L-peptide linking' y SERINE          ? 'C3 H7 N O3'     105.093 
THR 'L-peptide linking' y THREONINE       ? 'C4 H9 N O3'     119.119 
TRP 'L-peptide linking' y TRYPTOPHAN      ? 'C11 H12 N2 O2'  204.225 
TYR 'L-peptide linking' y TYROSINE        ? 'C9 H11 N O3'    181.189 
VAL 'L-peptide linking' y VALINE          ? 'C5 H11 N O2'    117.146 
# 
_exptl.absorpt_coefficient_mu     ? 
_exptl.absorpt_correction_T_max   ? 
_exptl.absorpt_correction_T_min   ? 
_exptl.absorpt_correction_type    ? 
_exptl.absorpt_process_details    ? 
_exptl.entry_id                   4XPX 
_exptl.crystals_number            ? 
_exptl.details                    ? 
_exptl.method                     'X-RAY DIFFRACTION' 
_exptl.method_details             ? 
# 
_exptl_crystal.colour                      ? 
_exptl_crystal.density_diffrn              ? 
_exptl_crystal.density_Matthews            2.13 
_exptl_crystal.density_method              ? 
_exptl_crystal.density_percent_sol         42.12 
_exptl_crystal.description                 ? 
_exptl_crystal.F_000                       ? 
_exptl_crystal.id                          1 
_exptl_crystal.preparation                 ? 
_exptl_crystal.size_max                    ? 
_exptl_crystal.size_mid                    ? 
_exptl_crystal.size_min                    ? 
_exptl_crystal.size_rad                    ? 
_exptl_crystal.colour_lustre               ? 
_exptl_crystal.colour_modifier             ? 
_exptl_crystal.colour_primary              ? 
_exptl_crystal.density_meas                ? 
_exptl_crystal.density_meas_esd            ? 
_exptl_crystal.density_meas_gt             ? 
_exptl_crystal.density_meas_lt             ? 
_exptl_crystal.density_meas_temp           ? 
_exptl_crystal.density_meas_temp_esd       ? 
_exptl_crystal.density_meas_temp_gt        ? 
_exptl_crystal.density_meas_temp_lt        ? 
_exptl_crystal.pdbx_crystal_image_url      ? 
_exptl_crystal.pdbx_crystal_image_format   ? 
_exptl_crystal.pdbx_mosaicity              ? 
_exptl_crystal.pdbx_mosaicity_esd          ? 
# 
_exptl_crystal_grow.apparatus       ? 
_exptl_crystal_grow.atmosphere      ? 
_exptl_crystal_grow.crystal_id      1 
_exptl_crystal_grow.details         ? 
_exptl_crystal_grow.method          'VAPOR DIFFUSION, HANGING DROP' 
_exptl_crystal_grow.method_ref      ? 
_exptl_crystal_grow.pH              ? 
_exptl_crystal_grow.pressure        ? 
_exptl_crystal_grow.pressure_esd    ? 
_exptl_crystal_grow.seeding         ? 
_exptl_crystal_grow.seeding_ref     ? 
_exptl_crystal_grow.temp            291.15 
_exptl_crystal_grow.temp_details    ? 
_exptl_crystal_grow.temp_esd        ? 
_exptl_crystal_grow.time            ? 
_exptl_crystal_grow.pdbx_details    'PEG 400, Ammonium acetate, Hepes' 
_exptl_crystal_grow.pdbx_pH_range   7-7.5 
# 
_diffrn.ambient_environment    ? 
_diffrn.ambient_temp           100 
_diffrn.ambient_temp_details   ? 
_diffrn.ambient_temp_esd       ? 
_diffrn.crystal_id             1 
_diffrn.crystal_support        ? 
_diffrn.crystal_treatment      ? 
_diffrn.details                ? 
_diffrn.id                     1 
_diffrn.ambient_pressure       ? 
_diffrn.ambient_pressure_esd   ? 
_diffrn.ambient_pressure_gt    ? 
_diffrn.ambient_pressure_lt    ? 
_diffrn.ambient_temp_gt        ? 
_diffrn.ambient_temp_lt        ? 
# 
_diffrn_detector.details                      ? 
_diffrn_detector.detector                     CCD 
_diffrn_detector.diffrn_id                    1 
_diffrn_detector.type                         'RAYONIX MX225HE' 
_diffrn_detector.area_resol_mean              ? 
_diffrn_detector.dtime                        ? 
_diffrn_detector.pdbx_frames_total            ? 
_diffrn_detector.pdbx_collection_time_total   ? 
_diffrn_detector.pdbx_collection_date         2012-06-20 
# 
_diffrn_radiation.collimation                      ? 
_diffrn_radiation.diffrn_id                        1 
_diffrn_radiation.filter_edge                      ? 
_diffrn_radiation.inhomogeneity                    ? 
_diffrn_radiation.monochromator                    ? 
_diffrn_radiation.polarisn_norm                    ? 
_diffrn_radiation.polarisn_ratio                   ? 
_diffrn_radiation.probe                            ? 
_diffrn_radiation.type                             ? 
_diffrn_radiation.xray_symbol                      ? 
_diffrn_radiation.wavelength_id                    1 
_diffrn_radiation.pdbx_monochromatic_or_laue_m_l   M 
_diffrn_radiation.pdbx_wavelength_list             ? 
_diffrn_radiation.pdbx_wavelength                  ? 
_diffrn_radiation.pdbx_diffrn_protocol             'SINGLE WAVELENGTH' 
_diffrn_radiation.pdbx_analyzer                    ? 
_diffrn_radiation.pdbx_scattering_type             x-ray 
# 
_diffrn_radiation_wavelength.id           1 
_diffrn_radiation_wavelength.wavelength   1 
_diffrn_radiation_wavelength.wt           1.0 
# 
_diffrn_source.current                     ? 
_diffrn_source.details                     ? 
_diffrn_source.diffrn_id                   1 
_diffrn_source.power                       ? 
_diffrn_source.size                        ? 
_diffrn_source.source                      SYNCHROTRON 
_diffrn_source.target                      ? 
_diffrn_source.type                        'SPRING-8 BEAMLINE BL44XU' 
_diffrn_source.voltage                     ? 
_diffrn_source.take-off_angle              ? 
_diffrn_source.pdbx_wavelength_list        1 
_diffrn_source.pdbx_wavelength             ? 
_diffrn_source.pdbx_synchrotron_beamline   BL44XU 
_diffrn_source.pdbx_synchrotron_site       SPring-8 
# 
_reflns.B_iso_Wilson_estimate            ? 
_reflns.entry_id                         4XPX 
_reflns.data_reduction_details           ? 
_reflns.data_reduction_method            ? 
_reflns.d_resolution_high                1.03 
_reflns.d_resolution_low                 24.08 
_reflns.details                          ? 
_reflns.limit_h_max                      ? 
_reflns.limit_h_min                      ? 
_reflns.limit_k_max                      ? 
_reflns.limit_k_min                      ? 
_reflns.limit_l_max                      ? 
_reflns.limit_l_min                      ? 
_reflns.number_all                       ? 
_reflns.number_obs                       57799 
_reflns.observed_criterion               ? 
_reflns.observed_criterion_F_max         ? 
_reflns.observed_criterion_F_min         ? 
_reflns.observed_criterion_I_max         ? 
_reflns.observed_criterion_I_min         ? 
_reflns.observed_criterion_sigma_F       ? 
_reflns.observed_criterion_sigma_I       ? 
_reflns.percent_possible_obs             99.7 
_reflns.R_free_details                   ? 
_reflns.Rmerge_F_all                     ? 
_reflns.Rmerge_F_obs                     ? 
_reflns.Friedel_coverage                 ? 
_reflns.number_gt                        ? 
_reflns.threshold_expression             ? 
_reflns.pdbx_redundancy                  4.5 
_reflns.pdbx_Rmerge_I_obs                ? 
_reflns.pdbx_Rmerge_I_all                ? 
_reflns.pdbx_Rsym_value                  0.058 
_reflns.pdbx_netI_over_av_sigmaI         ? 
_reflns.pdbx_netI_over_sigmaI            2.37 
_reflns.pdbx_res_netI_over_av_sigmaI_2   ? 
_reflns.pdbx_res_netI_over_sigmaI_2      ? 
_reflns.pdbx_chi_squared                 ? 
_reflns.pdbx_scaling_rejects             ? 
_reflns.pdbx_d_res_high_opt              ? 
_reflns.pdbx_d_res_low_opt               ? 
_reflns.pdbx_d_res_opt_method            ? 
_reflns.phase_calculation_details        ? 
_reflns.pdbx_Rrim_I_all                  ? 
_reflns.pdbx_Rpim_I_all                  ? 
_reflns.pdbx_d_opt                       ? 
_reflns.pdbx_number_measured_all         ? 
_reflns.pdbx_diffrn_id                   1 
_reflns.pdbx_ordinal                     1 
_reflns.pdbx_CC_half                     ? 
_reflns.pdbx_R_split                     ? 
# 
_reflns_shell.Rmerge_F_all                ? 
_reflns_shell.Rmerge_F_gt                 ? 
_reflns_shell.Rmerge_F_obs                ? 
_reflns_shell.Rmerge_I_all                ? 
_reflns_shell.Rmerge_I_gt                 ? 
_reflns_shell.Rmerge_I_obs                ? 
_reflns_shell.d_res_high                  1.03 
_reflns_shell.d_res_low                   1.07 
_reflns_shell.meanI_over_sigI_all         ? 
_reflns_shell.meanI_over_sigI_gt          ? 
_reflns_shell.meanI_over_sigI_obs         ? 
_reflns_shell.meanI_over_uI_all           ? 
_reflns_shell.meanI_over_uI_gt            ? 
_reflns_shell.number_measured_all         ? 
_reflns_shell.number_measured_gt          ? 
_reflns_shell.number_measured_obs         ? 
_reflns_shell.number_possible             ? 
_reflns_shell.number_unique_all           ? 
_reflns_shell.number_unique_gt            ? 
_reflns_shell.number_unique_obs           ? 
_reflns_shell.pdbx_CC_half                ? 
_reflns_shell.pdbx_R_split                ? 
_reflns_shell.pdbx_Rpim_I_all             ? 
_reflns_shell.pdbx_Rrim_I_all             ? 
_reflns_shell.pdbx_Rsym_value             0.438 
_reflns_shell.pdbx_chi_squared            ? 
_reflns_shell.pdbx_diffrn_id              1 
_reflns_shell.pdbx_netI_over_sigmaI_all   ? 
_reflns_shell.pdbx_netI_over_sigmaI_obs   ? 
_reflns_shell.pdbx_ordinal                1 
_reflns_shell.pdbx_redundancy             ? 
_reflns_shell.pdbx_rejects                ? 
_reflns_shell.percent_possible_all        ? 
_reflns_shell.percent_possible_gt         ? 
_reflns_shell.percent_possible_obs        ? 
# 
_refine.pdbx_refine_id                           'X-RAY DIFFRACTION' 
_refine.entry_id                                 4XPX 
_refine.pdbx_diffrn_id                           1 
_refine.pdbx_TLS_residual_ADP_flag               ? 
_refine.ls_number_reflns_obs                     57799 
_refine.ls_number_reflns_all                     ? 
_refine.pdbx_ls_sigma_I                          ? 
_refine.pdbx_ls_sigma_F                          ? 
_refine.pdbx_data_cutoff_high_absF               ? 
_refine.pdbx_data_cutoff_low_absF                ? 
_refine.pdbx_data_cutoff_high_rms_absF           ? 
_refine.ls_d_res_low                             24.08 
_refine.ls_d_res_high                            1.03 
_refine.ls_percent_reflns_obs                    99.82 
_refine.ls_R_factor_obs                          0.15779 
_refine.ls_R_factor_all                          ? 
_refine.ls_R_factor_R_work                       0.15736 
_refine.ls_R_factor_R_free                       0.16596 
_refine.ls_R_factor_R_free_error                 ? 
_refine.ls_R_factor_R_free_error_details         ? 
_refine.ls_percent_reflns_R_free                 5.1 
_refine.ls_number_reflns_R_free                  3089 
_refine.ls_number_parameters                     ? 
_refine.ls_number_restraints                     ? 
_refine.occupancy_min                            ? 
_refine.occupancy_max                            ? 
_refine.correlation_coeff_Fo_to_Fc               0.974 
_refine.correlation_coeff_Fo_to_Fc_free          0.971 
_refine.B_iso_mean                               13.315 
_refine.aniso_B[1][1]                            -0.01 
_refine.aniso_B[2][2]                            -0.01 
_refine.aniso_B[3][3]                            0.01 
_refine.aniso_B[1][2]                            0.00 
_refine.aniso_B[1][3]                            0.00 
_refine.aniso_B[2][3]                            0.00 
_refine.solvent_model_details                    MASK 
_refine.solvent_model_param_ksol                 ? 
_refine.solvent_model_param_bsol                 ? 
_refine.pdbx_solvent_vdw_probe_radii             1.40 
_refine.pdbx_solvent_ion_probe_radii             0.80 
_refine.pdbx_solvent_shrinkage_radii             0.80 
_refine.pdbx_ls_cross_valid_method               THROUGHOUT 
_refine.details                                  'HYDROGENS HAVE BEEN ADDED IN THE RIDING POSITIONS' 
_refine.pdbx_starting_model                      2AVK 
_refine.pdbx_method_to_determine_struct          'MOLECULAR REPLACEMENT' 
_refine.pdbx_isotropic_thermal_model             ? 
_refine.pdbx_stereochemistry_target_values       'MAXIMUM LIKELIHOOD' 
_refine.pdbx_stereochem_target_val_spec_case     ? 
_refine.pdbx_R_Free_selection_details            RANDOM 
_refine.pdbx_overall_ESU_R                       0.025 
_refine.pdbx_overall_ESU_R_Free                  0.025 
_refine.overall_SU_ML                            0.015 
_refine.pdbx_overall_phase_error                 ? 
_refine.overall_SU_B                             0.282 
_refine.overall_SU_R_Cruickshank_DPI             ? 
_refine.pdbx_overall_SU_R_free_Cruickshank_DPI   ? 
_refine.pdbx_overall_SU_R_Blow_DPI               ? 
_refine.pdbx_overall_SU_R_free_Blow_DPI          ? 
# 
_refine_hist.pdbx_refine_id                   'X-RAY DIFFRACTION' 
_refine_hist.cycle_id                         LAST 
_refine_hist.pdbx_number_atoms_protein        1025 
_refine_hist.pdbx_number_atoms_nucleic_acid   0 
_refine_hist.pdbx_number_atoms_ligand         4 
_refine_hist.number_atoms_solvent             156 
_refine_hist.number_atoms_total               1185 
_refine_hist.d_res_high                       1.03 
_refine_hist.d_res_low                        24.08 
# 
loop_
_refine_ls_restr.type 
_refine_ls_restr.dev_ideal 
_refine_ls_restr.dev_ideal_target 
_refine_ls_restr.weight 
_refine_ls_restr.number 
_refine_ls_restr.pdbx_refine_id 
_refine_ls_restr.pdbx_restraint_function 
r_bond_refined_d             0.028  0.021  ? 1047 'X-RAY DIFFRACTION' ? 
r_bond_other_d               ?      ?      ? ?    'X-RAY DIFFRACTION' ? 
r_angle_refined_deg          2.204  1.920  ? 1413 'X-RAY DIFFRACTION' ? 
r_angle_other_deg            ?      ?      ? ?    'X-RAY DIFFRACTION' ? 
r_dihedral_angle_1_deg       5.122  5.000  ? 129  'X-RAY DIFFRACTION' ? 
r_dihedral_angle_2_deg       37.857 25.192 ? 52   'X-RAY DIFFRACTION' ? 
r_dihedral_angle_3_deg       11.167 15.000 ? 181  'X-RAY DIFFRACTION' ? 
r_dihedral_angle_4_deg       6.566  15.000 ? 3    'X-RAY DIFFRACTION' ? 
r_chiral_restr               0.478  0.200  ? 154  'X-RAY DIFFRACTION' ? 
r_gen_planes_refined         0.014  0.020  ? 794  'X-RAY DIFFRACTION' ? 
r_gen_planes_other           ?      ?      ? ?    'X-RAY DIFFRACTION' ? 
r_nbd_refined                ?      ?      ? ?    'X-RAY DIFFRACTION' ? 
r_nbd_other                  ?      ?      ? ?    'X-RAY DIFFRACTION' ? 
r_nbtor_refined              ?      ?      ? ?    'X-RAY DIFFRACTION' ? 
r_nbtor_other                ?      ?      ? ?    'X-RAY DIFFRACTION' ? 
r_xyhbond_nbd_refined        ?      ?      ? ?    'X-RAY DIFFRACTION' ? 
r_xyhbond_nbd_other          ?      ?      ? ?    'X-RAY DIFFRACTION' ? 
r_metal_ion_refined          ?      ?      ? ?    'X-RAY DIFFRACTION' ? 
r_metal_ion_other            ?      ?      ? ?    'X-RAY DIFFRACTION' ? 
r_symmetry_vdw_refined       ?      ?      ? ?    'X-RAY DIFFRACTION' ? 
r_symmetry_vdw_other         ?      ?      ? ?    'X-RAY DIFFRACTION' ? 
r_symmetry_hbond_refined     ?      ?      ? ?    'X-RAY DIFFRACTION' ? 
r_symmetry_hbond_other       ?      ?      ? ?    'X-RAY DIFFRACTION' ? 
r_symmetry_metal_ion_refined ?      ?      ? ?    'X-RAY DIFFRACTION' ? 
r_symmetry_metal_ion_other   ?      ?      ? ?    'X-RAY DIFFRACTION' ? 
r_mcbond_it                  1.178  1.500  ? 643  'X-RAY DIFFRACTION' ? 
r_mcbond_other               ?      ?      ? ?    'X-RAY DIFFRACTION' ? 
r_mcangle_it                 1.942  2.000  ? 1027 'X-RAY DIFFRACTION' ? 
r_mcangle_other              ?      ?      ? ?    'X-RAY DIFFRACTION' ? 
r_scbond_it                  3.073  3.000  ? 404  'X-RAY DIFFRACTION' ? 
r_scbond_other               ?      ?      ? ?    'X-RAY DIFFRACTION' ? 
r_scangle_it                 4.875  4.500  ? 386  'X-RAY DIFFRACTION' ? 
r_scangle_other              ?      ?      ? ?    'X-RAY DIFFRACTION' ? 
r_long_range_B_refined       ?      ?      ? ?    'X-RAY DIFFRACTION' ? 
r_long_range_B_other         ?      ?      ? ?    'X-RAY DIFFRACTION' ? 
r_rigid_bond_restr           ?      ?      ? ?    'X-RAY DIFFRACTION' ? 
r_sphericity_free            ?      ?      ? ?    'X-RAY DIFFRACTION' ? 
r_sphericity_bonded          ?      ?      ? ?    'X-RAY DIFFRACTION' ? 
# 
_refine_ls_shell.pdbx_refine_id                   'X-RAY DIFFRACTION' 
_refine_ls_shell.pdbx_total_number_of_bins_used   20 
_refine_ls_shell.d_res_high                       1.030 
_refine_ls_shell.d_res_low                        1.056 
_refine_ls_shell.number_reflns_R_work             4191 
_refine_ls_shell.R_factor_R_work                  0.250 
_refine_ls_shell.percent_reflns_obs               99.68 
_refine_ls_shell.R_factor_R_free                  0.262 
_refine_ls_shell.R_factor_R_free_error            ? 
_refine_ls_shell.percent_reflns_R_free            ? 
_refine_ls_shell.number_reflns_R_free             239 
_refine_ls_shell.number_reflns_all                ? 
_refine_ls_shell.R_factor_all                     ? 
_refine_ls_shell.R_factor_obs                     ? 
_refine_ls_shell.number_reflns_obs                ? 
# 
_struct.entry_id                     4XPX 
_struct.title                        'Crystal structure of hemerythrin:wild-type' 
_struct.pdbx_model_details           ? 
_struct.pdbx_formula_weight          ? 
_struct.pdbx_formula_weight_method   ? 
_struct.pdbx_model_type_details      ? 
_struct.pdbx_CASP_flag               ? 
# 
_struct_keywords.entry_id        4XPX 
_struct_keywords.text            'oxygen binding protein' 
_struct_keywords.pdbx_keywords   'OXYGEN BINDING PROTEIN' 
# 
loop_
_struct_asym.id 
_struct_asym.pdbx_blank_PDB_chainid_flag 
_struct_asym.pdbx_modified 
_struct_asym.entity_id 
_struct_asym.details 
A N N 1 ? 
B N N 2 ? 
C N N 2 ? 
D N N 3 ? 
# 
loop_
_struct_conf.conf_type_id 
_struct_conf.id 
_struct_conf.pdbx_PDB_helix_id 
_struct_conf.beg_label_comp_id 
_struct_conf.beg_label_asym_id 
_struct_conf.beg_label_seq_id 
_struct_conf.pdbx_beg_PDB_ins_code 
_struct_conf.end_label_comp_id 
_struct_conf.end_label_asym_id 
_struct_conf.end_label_seq_id 
_struct_conf.pdbx_end_PDB_ins_code 
_struct_conf.beg_auth_comp_id 
_struct_conf.beg_auth_asym_id 
_struct_conf.beg_auth_seq_id 
_struct_conf.end_auth_comp_id 
_struct_conf.end_auth_asym_id 
_struct_conf.end_auth_seq_id 
_struct_conf.pdbx_PDB_helix_class 
_struct_conf.details 
_struct_conf.pdbx_PDB_helix_length 
HELX_P HELX_P1 AA1 THR A 6   ? GLY A 11  ? THR A 7   GLY A 12  1 ? 6  
HELX_P HELX_P2 AA2 VAL A 14  ? ALA A 35  ? VAL A 15  ALA A 36  1 ? 22 
HELX_P HELX_P3 AA3 ASN A 39  ? LYS A 68  ? ASN A 40  LYS A 69  1 ? 30 
HELX_P HELX_P4 AA4 ASP A 72  ? ALA A 96  ? ASP A 73  ALA A 97  1 ? 25 
HELX_P HELX_P5 AA5 ASN A 102 ? VAL A 120 ? ASN A 103 VAL A 121 1 ? 19 
HELX_P HELX_P6 AA6 ASP A 121 ? LEU A 123 ? ASP A 122 LEU A 124 5 ? 3  
HELX_P HELX_P7 AA7 TYR A 124 ? ALA A 130 ? TYR A 125 ALA A 131 1 ? 7  
# 
_struct_conf_type.id          HELX_P 
_struct_conf_type.criteria    ? 
_struct_conf_type.reference   ? 
# 
loop_
_struct_conn.id 
_struct_conn.conn_type_id 
_struct_conn.pdbx_leaving_atom_flag 
_struct_conn.pdbx_PDB_id 
_struct_conn.ptnr1_label_asym_id 
_struct_conn.ptnr1_label_comp_id 
_struct_conn.ptnr1_label_seq_id 
_struct_conn.ptnr1_label_atom_id 
_struct_conn.pdbx_ptnr1_label_alt_id 
_struct_conn.pdbx_ptnr1_PDB_ins_code 
_struct_conn.pdbx_ptnr1_standard_comp_id 
_struct_conn.ptnr1_symmetry 
_struct_conn.ptnr2_label_asym_id 
_struct_conn.ptnr2_label_comp_id 
_struct_conn.ptnr2_label_seq_id 
_struct_conn.ptnr2_label_atom_id 
_struct_conn.pdbx_ptnr2_label_alt_id 
_struct_conn.pdbx_ptnr2_PDB_ins_code 
_struct_conn.ptnr1_auth_asym_id 
_struct_conn.ptnr1_auth_comp_id 
_struct_conn.ptnr1_auth_seq_id 
_struct_conn.ptnr2_auth_asym_id 
_struct_conn.ptnr2_auth_comp_id 
_struct_conn.ptnr2_auth_seq_id 
_struct_conn.ptnr2_symmetry 
_struct_conn.pdbx_ptnr3_label_atom_id 
_struct_conn.pdbx_ptnr3_label_seq_id 
_struct_conn.pdbx_ptnr3_label_comp_id 
_struct_conn.pdbx_ptnr3_label_asym_id 
_struct_conn.pdbx_ptnr3_label_alt_id 
_struct_conn.pdbx_ptnr3_PDB_ins_code 
_struct_conn.details 
_struct_conn.pdbx_dist_value 
_struct_conn.pdbx_value_order 
_struct_conn.pdbx_role 
metalc1  metalc ? ? A HIS 21  NE2 ? ? ? 1_555 C FE2 . FE ? ? A HIS 22  A FE2 202 1_555 ? ? ? ? ? ? ? 2.094 ? ? 
metalc2  metalc ? ? A HIS 57  NE2 ? ? ? 1_555 C FE2 . FE ? ? A HIS 58  A FE2 202 1_555 ? ? ? ? ? ? ? 2.151 ? ? 
metalc3  metalc ? ? A GLU 61  OE1 ? ? ? 1_555 B FE2 . FE ? ? A GLU 62  A FE2 201 1_555 ? ? ? ? ? ? ? 2.164 ? ? 
metalc4  metalc ? ? A GLU 61  OE2 ? ? ? 1_555 C FE2 . FE ? ? A GLU 62  A FE2 202 1_555 ? ? ? ? ? ? ? 2.223 ? ? 
metalc5  metalc ? ? A HIS 76  NE2 ? ? ? 1_555 B FE2 . FE ? ? A HIS 77  A FE2 201 1_555 ? ? ? ? ? ? ? 2.189 ? ? 
metalc6  metalc ? ? A HIS 80  NE2 ? ? ? 1_555 B FE2 . FE ? ? A HIS 81  A FE2 201 1_555 ? ? ? ? ? ? ? 2.188 ? ? 
metalc7  metalc ? ? A HIS 116 NE2 ? ? ? 1_555 B FE2 . FE ? ? A HIS 117 A FE2 201 1_555 ? ? ? ? ? ? ? 2.164 ? ? 
metalc8  metalc ? ? A ASP 121 OD1 ? ? ? 1_555 B FE2 . FE ? ? A ASP 122 A FE2 201 1_555 ? ? ? ? ? ? ? 2.139 ? ? 
metalc9  metalc ? ? A ASP 121 OD2 ? ? ? 1_555 C FE2 . FE ? ? A ASP 122 A FE2 202 1_555 ? ? ? ? ? ? ? 2.108 ? ? 
metalc10 metalc ? ? B FE2 .   FE  ? ? ? 1_555 D HOH . O  ? ? A FE2 201 A HOH 401 1_555 ? ? ? ? ? ? ? 2.275 ? ? 
metalc11 metalc ? ? C FE2 .   FE  ? ? ? 1_555 D HOH . O  ? ? A FE2 202 A HOH 400 1_555 ? ? ? ? ? ? ? 2.515 ? ? 
metalc12 metalc ? ? C FE2 .   FE  ? ? ? 1_555 D HOH . O  ? ? A FE2 202 A HOH 401 1_555 ? ? ? ? ? ? ? 1.984 ? ? 
# 
_struct_conn_type.id          metalc 
_struct_conn_type.criteria    ? 
_struct_conn_type.reference   ? 
# 
loop_
_struct_site.id 
_struct_site.pdbx_evidence_code 
_struct_site.pdbx_auth_asym_id 
_struct_site.pdbx_auth_comp_id 
_struct_site.pdbx_auth_seq_id 
_struct_site.pdbx_auth_ins_code 
_struct_site.pdbx_num_residues 
_struct_site.details 
AC1 Software A FE2 201 ? 7 'binding site for residue FE2 A 201' 
AC2 Software A FE2 202 ? 7 'binding site for residue FE2 A 202' 
# 
loop_
_struct_site_gen.id 
_struct_site_gen.site_id 
_struct_site_gen.pdbx_num_res 
_struct_site_gen.label_comp_id 
_struct_site_gen.label_asym_id 
_struct_site_gen.label_seq_id 
_struct_site_gen.pdbx_auth_ins_code 
_struct_site_gen.auth_comp_id 
_struct_site_gen.auth_asym_id 
_struct_site_gen.auth_seq_id 
_struct_site_gen.label_atom_id 
_struct_site_gen.label_alt_id 
_struct_site_gen.symmetry 
_struct_site_gen.details 
1  AC1 7 GLU A 61  ? GLU A 62  . ? 1_555 ? 
2  AC1 7 HIS A 76  ? HIS A 77  . ? 1_555 ? 
3  AC1 7 HIS A 80  ? HIS A 81  . ? 1_555 ? 
4  AC1 7 HIS A 116 ? HIS A 117 . ? 1_555 ? 
5  AC1 7 ASP A 121 ? ASP A 122 . ? 1_555 ? 
6  AC1 7 FE2 C .   ? FE2 A 202 . ? 1_555 ? 
7  AC1 7 HOH D .   ? HOH A 401 . ? 1_555 ? 
8  AC2 7 HIS A 21  ? HIS A 22  . ? 1_555 ? 
9  AC2 7 HIS A 57  ? HIS A 58  . ? 1_555 ? 
10 AC2 7 GLU A 61  ? GLU A 62  . ? 1_555 ? 
11 AC2 7 ASP A 121 ? ASP A 122 . ? 1_555 ? 
12 AC2 7 FE2 B .   ? FE2 A 201 . ? 1_555 ? 
13 AC2 7 HOH D .   ? HOH A 400 . ? 1_555 ? 
14 AC2 7 HOH D .   ? HOH A 401 . ? 1_555 ? 
# 
_atom_sites.entry_id                    4XPX 
_atom_sites.fract_transf_matrix[1][1]   0.00824977 
_atom_sites.fract_transf_matrix[1][2]   -0.00677159 
_atom_sites.fract_transf_matrix[1][3]   0.00881121 
_atom_sites.fract_transf_matrix[2][1]   -0.00483442 
_atom_sites.fract_transf_matrix[2][2]   -0.01091045 
_atom_sites.fract_transf_matrix[2][3]   0.00701169 
_atom_sites.fract_transf_matrix[3][1]   0.00949304 
_atom_sites.fract_transf_matrix[3][2]   -0.01959759 
_atom_sites.fract_transf_matrix[3][3]   -0.02394930 
_atom_sites.fract_transf_vector[1]      -0.407583 
_atom_sites.fract_transf_vector[2]      -0.188020 
_atom_sites.fract_transf_vector[3]      0.019104 
# 
loop_
_atom_type.symbol 
C  
FE 
N  
O  
S  
# 
loop_
_atom_site.group_PDB 
_atom_site.id 
_atom_site.type_symbol 
_atom_site.label_atom_id 
_atom_site.label_alt_id 
_atom_site.label_comp_id 
_atom_site.label_asym_id 
_atom_site.label_entity_id 
_atom_site.label_seq_id 
_atom_site.pdbx_PDB_ins_code 
_atom_site.Cartn_x 
_atom_site.Cartn_y 
_atom_site.Cartn_z 
_atom_site.occupancy 
_atom_site.B_iso_or_equiv 
_atom_site.pdbx_formal_charge 
_atom_site.auth_seq_id 
_atom_site.auth_comp_id 
_atom_site.auth_asym_id 
_atom_site.auth_atom_id 
_atom_site.pdbx_PDB_model_num 
ATOM   1    N  N   . ALA A 1 1   ? 8.554   1.157   13.122  1.00 23.73 ? 2   ALA A N   1 
ATOM   2    C  CA  . ALA A 1 1   ? 9.391   2.261   12.922  1.00 15.07 ? 2   ALA A CA  1 
ATOM   3    C  C   . ALA A 1 1   ? 9.078   3.322   11.980  1.00 13.47 ? 2   ALA A C   1 
ATOM   4    O  O   . ALA A 1 1   ? 8.785   4.439   12.454  1.00 14.70 ? 2   ALA A O   1 
ATOM   5    C  CB  . ALA A 1 1   ? 10.766  1.723   12.555  1.00 20.00 ? 2   ALA A CB  1 
ATOM   6    N  N   . LEU A 1 2   ? 9.146   3.073   10.686  1.00 10.73 ? 3   LEU A N   1 
ATOM   7    C  CA  . LEU A 1 2   ? 8.892   4.139   9.765   1.00 9.95  ? 3   LEU A CA  1 
ATOM   8    C  C   . LEU A 1 2   ? 7.470   4.721   9.940   1.00 9.61  ? 3   LEU A C   1 
ATOM   9    O  O   . LEU A 1 2   ? 7.310   5.957   9.928   1.00 12.63 ? 3   LEU A O   1 
ATOM   10   C  CB  . LEU A 1 2   ? 9.101   3.643   8.339   1.00 9.59  ? 3   LEU A CB  1 
ATOM   11   C  CG  . LEU A 1 2   ? 8.811   4.703   7.264   1.00 9.66  ? 3   LEU A CG  1 
ATOM   12   C  CD1 . LEU A 1 2   ? 9.755   5.881   7.329   1.00 12.93 ? 3   LEU A CD1 1 
ATOM   13   C  CD2 . LEU A 1 2   ? 8.902   4.024   5.911   1.00 11.88 ? 3   LEU A CD2 1 
ATOM   14   N  N   . MET A 1 3   ? 6.481   3.841   9.971   1.00 9.42  ? 4   MET A N   1 
ATOM   15   C  CA  . MET A 1 3   ? 5.059   4.200   9.905   1.00 9.04  ? 4   MET A CA  1 
ATOM   16   C  C   . MET A 1 3   ? 4.364   3.908   11.199  1.00 8.92  ? 4   MET A C   1 
ATOM   17   O  O   . MET A 1 3   ? 4.640   2.870   11.840  1.00 11.19 ? 4   MET A O   1 
ATOM   18   C  CB  . MET A 1 3   ? 4.365   3.435   8.799   1.00 9.26  ? 4   MET A CB  1 
ATOM   19   C  CG  . MET A 1 3   ? 5.015   3.741   7.431   1.00 9.81  ? 4   MET A CG  1 
ATOM   20   S  SD  . MET A 1 3   ? 4.013   3.170   6.025   1.00 9.55  ? 4   MET A SD  1 
ATOM   21   C  CE  . MET A 1 3   ? 2.633   4.300   6.144   1.00 9.24  ? 4   MET A CE  1 
ATOM   22   N  N   . THR A 1 4   ? 3.414   4.732   11.568  1.00 9.45  ? 5   THR A N   1 
ATOM   23   C  CA  . THR A 1 4   ? 2.550   4.497   12.724  1.00 8.99  ? 5   THR A CA  1 
ATOM   24   C  C   . THR A 1 4   ? 1.110   4.750   12.320  1.00 8.48  ? 5   THR A C   1 
ATOM   25   O  O   . THR A 1 4   ? 0.771   5.840   11.839  1.00 11.02 ? 5   THR A O   1 
ATOM   26   C  CB  . THR A 1 4   ? 2.885   5.438   13.889  1.00 10.40 ? 5   THR A CB  1 
ATOM   27   O  OG1 . THR A 1 4   ? 4.232   5.186   14.306  1.00 11.77 ? 5   THR A OG1 1 
ATOM   28   C  CG2 . THR A 1 4   ? 1.997   5.215   15.064  1.00 12.10 ? 5   THR A CG2 1 
ATOM   29   N  N   . TRP A 1 5   ? 0.243   3.771   12.423  1.00 8.82  ? 6   TRP A N   1 
ATOM   30   C  CA  . TRP A 1 5   ? -1.181  3.921   12.138  1.00 8.71  ? 6   TRP A CA  1 
ATOM   31   C  C   . TRP A 1 5   ? -1.878  4.511   13.336  1.00 9.54  ? 6   TRP A C   1 
ATOM   32   O  O   . TRP A 1 5   ? -1.684  4.017   14.469  1.00 11.05 ? 6   TRP A O   1 
ATOM   33   C  CB  . TRP A 1 5   ? -1.752  2.552   11.755  1.00 9.61  ? 6   TRP A CB  1 
ATOM   34   C  CG  . TRP A 1 5   ? -3.186  2.668   11.239  1.00 9.37  ? 6   TRP A CG  1 
ATOM   35   C  CD1 . TRP A 1 5   ? -3.540  2.610   9.902   1.00 9.26  ? 6   TRP A CD1 1 
ATOM   36   C  CD2 . TRP A 1 5   ? -4.419  2.688   11.970  1.00 10.05 ? 6   TRP A CD2 1 
ATOM   37   N  NE1 . TRP A 1 5   ? -4.908  2.651   9.792   1.00 9.63  ? 6   TRP A NE1 1 
ATOM   38   C  CE2 . TRP A 1 5   ? -5.455  2.733   11.041  1.00 9.92  ? 6   TRP A CE2 1 
ATOM   39   C  CE3 . TRP A 1 5   ? -4.746  2.761   13.356  1.00 11.10 ? 6   TRP A CE3 1 
ATOM   40   C  CZ2 . TRP A 1 5   ? -6.821  2.782   11.402  1.00 10.89 ? 6   TRP A CZ2 1 
ATOM   41   C  CZ3 . TRP A 1 5   ? -6.081  2.807   13.701  1.00 12.93 ? 6   TRP A CZ3 1 
ATOM   42   C  CH2 . TRP A 1 5   ? -7.081  2.828   12.756  1.00 12.10 ? 6   TRP A CH2 1 
ATOM   43   N  N   . THR A 1 6   ? -2.709  5.520   13.111  1.00 9.84  ? 7   THR A N   1 
ATOM   44   C  CA  . THR A 1 6   ? -3.630  5.966   14.153  1.00 10.43 ? 7   THR A CA  1 
ATOM   45   C  C   . THR A 1 6   ? -4.979  6.203   13.492  1.00 10.35 ? 7   THR A C   1 
ATOM   46   O  O   . THR A 1 6   ? -5.039  6.488   12.305  1.00 10.61 ? 7   THR A O   1 
ATOM   47   C  CB  . THR A 1 6   ? -3.203  7.303   14.835  1.00 20.00 ? 7   THR A CB  1 
ATOM   48   O  OG1 . THR A 1 6   ? -3.376  8.351   13.933  1.00 20.00 ? 7   THR A OG1 1 
ATOM   49   C  CG2 . THR A 1 6   ? -1.783  7.232   15.340  1.00 20.00 ? 7   THR A CG2 1 
ATOM   50   N  N   . ALA A 1 7   ? -6.048  6.148   14.280  1.00 11.67 ? 8   ALA A N   1 
ATOM   51   C  CA  . ALA A 1 7   ? -7.383  6.354   13.748  1.00 12.09 ? 8   ALA A CA  1 
ATOM   52   C  C   . ALA A 1 7   ? -7.564  7.790   13.285  1.00 11.26 ? 8   ALA A C   1 
ATOM   53   O  O   . ALA A 1 7   ? -8.217  8.048   12.277  1.00 11.56 ? 8   ALA A O   1 
ATOM   54   C  CB  . ALA A 1 7   ? -8.422  5.953   14.760  1.00 14.13 ? 8   ALA A CB  1 
ATOM   55   N  N   . ALA A 1 8   ? -7.080  8.772   14.071  1.00 12.39 ? 9   ALA A N   1 
ATOM   56   C  CA  . ALA A 1 8   ? -7.226  10.146  13.675  1.00 12.43 ? 9   ALA A CA  1 
ATOM   57   C  C   . ALA A 1 8   ? -6.663  10.425  12.283  1.00 12.27 ? 9   ALA A C   1 
ATOM   58   O  O   . ALA A 1 8   ? -7.201  11.152  11.440  1.00 15.07 ? 9   ALA A O   1 
ATOM   59   C  CB  . ALA A 1 8   ? -6.559  11.123  14.666  1.00 13.87 ? 9   ALA A CB  1 
ATOM   60   N  N   . GLU A 1 9   ? -5.461  9.854   12.021  1.00 10.61 ? 10  GLU A N   1 
ATOM   61   C  CA  . GLU A 1 9   ? -4.846  10.125  10.713  1.00 11.68 ? 10  GLU A CA  1 
ATOM   62   C  C   . GLU A 1 9   ? -5.501  9.313   9.591   1.00 9.76  ? 10  GLU A C   1 
ATOM   63   O  O   . GLU A 1 9   ? -5.662  9.815   8.510   1.00 11.08 ? 10  GLU A O   1 
ATOM   64   C  CB  . GLU A 1 9   ? -3.363  9.771   10.776  1.00 11.31 ? 10  GLU A CB  1 
ATOM   65   C  CG  . GLU A 1 9   ? -2.453  10.653  11.605  1.00 15.78 ? 10  GLU A CG  1 
ATOM   66   C  CD  . GLU A 1 9   ? -1.023  9.804   11.981  1.00 14.19 ? 10  GLU A CD  1 
ATOM   67   O  OE1 . GLU A 1 9   ? -0.957  9.001   12.887  1.00 20.53 ? 10  GLU A OE1 1 
ATOM   68   O  OE2 . GLU A 1 9   ? -0.220  10.096  11.173  1.00 17.52 ? 10  GLU A OE2 1 
ATOM   69   N  N   . PHE A 1 10  ? -5.812  8.021   9.918   1.00 8.82  ? 11  PHE A N   1 
ATOM   70   C  CA  . PHE A 1 10  ? -6.008  7.066   8.850   1.00 8.98  ? 11  PHE A CA  1 
ATOM   71   C  C   . PHE A 1 10  ? -7.278  6.305   8.949   1.00 9.25  ? 11  PHE A C   1 
ATOM   72   O  O   . PHE A 1 10  ? -7.613  5.521   8.008   1.00 9.56  ? 11  PHE A O   1 
ATOM   73   C  CB  . PHE A 1 10  ? -4.848  6.070   8.766   1.00 9.12  ? 11  PHE A CB  1 
ATOM   74   C  CG  . PHE A 1 10  ? -3.512  6.737   8.537   1.00 9.06  ? 11  PHE A CG  1 
ATOM   75   C  CD1 . PHE A 1 10  ? -3.327  7.569   7.457   1.00 9.51  ? 11  PHE A CD1 1 
ATOM   76   C  CD2 . PHE A 1 10  ? -2.473  6.545   9.408   1.00 9.64  ? 11  PHE A CD2 1 
ATOM   77   C  CE1 . PHE A 1 10  ? -2.133  8.211   7.285   1.00 11.25 ? 11  PHE A CE1 1 
ATOM   78   C  CE2 . PHE A 1 10  ? -1.276  7.257   9.276   1.00 9.99  ? 11  PHE A CE2 1 
ATOM   79   C  CZ  . PHE A 1 10  ? -1.125  8.074   8.172   1.00 10.54 ? 11  PHE A CZ  1 
ATOM   80   N  N   . GLY A 1 11  ? -8.070  6.432   10.014  1.00 9.67  ? 12  GLY A N   1 
ATOM   81   C  CA  . GLY A 1 11  ? -9.272  5.630   10.124  1.00 9.83  ? 12  GLY A CA  1 
ATOM   82   C  C   . GLY A 1 11  ? -10.276 5.905   9.063   1.00 9.63  ? 12  GLY A C   1 
ATOM   83   O  O   . GLY A 1 11  ? -10.607 7.058   8.845   1.00 12.15 ? 12  GLY A O   1 
ATOM   84   N  N   . THR A 1 12  ? -10.801 4.876   8.430   1.00 9.52  ? 13  THR A N   1 
ATOM   85   C  CA  . THR A 1 12  ? -11.760 4.955   7.353   1.00 9.74  ? 13  THR A CA  1 
ATOM   86   C  C   . THR A 1 12  ? -13.160 4.697   7.774   1.00 10.07 ? 13  THR A C   1 
ATOM   87   O  O   . THR A 1 12  ? -14.087 4.896   6.955   1.00 12.06 ? 13  THR A O   1 
ATOM   88   C  CB  . THR A 1 12  ? -11.426 3.991   6.215   1.00 9.55  ? 13  THR A CB  1 
ATOM   89   O  OG1 . THR A 1 12  ? -11.592 2.657   6.682   1.00 10.06 ? 13  THR A OG1 1 
ATOM   90   C  CG2 . THR A 1 12  ? -10.058 4.243   5.617   1.00 10.70 ? 13  THR A CG2 1 
ATOM   91   N  N   . ASN A 1 13  ? -13.395 4.217   8.882   1.00 11.02 ? 14  ASN A N   1 
ATOM   92   C  CA  . ASN A 1 13  ? -14.636 3.688   9.442   1.00 11.97 ? 14  ASN A CA  1 
ATOM   93   C  C   . ASN A 1 13  ? -15.068 2.428   8.739   1.00 10.83 ? 14  ASN A C   1 
ATOM   94   O  O   . ASN A 1 13  ? -16.262 2.012   8.909   1.00 13.59 ? 14  ASN A O   1 
ATOM   95   C  CB  . ASN A 1 13  ? -15.746 4.738   9.379   1.00 20.00 ? 14  ASN A CB  1 
ATOM   96   C  CG  . ASN A 1 13  ? -16.960 4.353   10.200  1.00 20.00 ? 14  ASN A CG  1 
ATOM   97   O  OD1 . ASN A 1 13  ? -16.845 3.673   11.220  1.00 20.00 ? 14  ASN A OD1 1 
ATOM   98   N  ND2 . ASN A 1 13  ? -18.136 4.785   9.759   1.00 20.00 ? 14  ASN A ND2 1 
ATOM   99   N  N   . VAL A 1 14  ? -14.116 1.714   8.037   1.00 9.90  ? 15  VAL A N   1 
ATOM   100  C  CA  . VAL A 1 14  ? -14.380 0.476   7.310   1.00 10.54 ? 15  VAL A CA  1 
ATOM   101  C  C   . VAL A 1 14  ? -13.432 -0.545  7.896   1.00 10.41 ? 15  VAL A C   1 
ATOM   102  O  O   . VAL A 1 14  ? -12.172 -0.450  7.736   1.00 10.20 ? 15  VAL A O   1 
ATOM   103  C  CB  . VAL A 1 14  ? -14.180 0.625   5.812   1.00 10.06 ? 15  VAL A CB  1 
ATOM   104  C  CG1 . VAL A 1 14  ? -14.465 -0.685  5.114   1.00 11.67 ? 15  VAL A CG1 1 
ATOM   105  C  CG2 . VAL A 1 14  ? -15.096 1.730   5.284   1.00 11.26 ? 15  VAL A CG2 1 
ATOM   106  N  N   . GLY A 1 15  ? -13.957 -1.534  8.639   1.00 11.31 ? 16  GLY A N   1 
ATOM   107  C  CA  . GLY A 1 15  ? -13.047 -2.411  9.440   1.00 12.84 ? 16  GLY A CA  1 
ATOM   108  C  C   . GLY A 1 15  ? -12.063 -3.170  8.587   1.00 11.05 ? 16  GLY A C   1 
ATOM   109  O  O   . GLY A 1 15  ? -10.860 -3.208  8.956   1.00 10.85 ? 16  GLY A O   1 
ATOM   110  N  N   . PHE A 1 16  ? -12.461 -3.777  7.475   1.00 11.39 ? 17  PHE A N   1 
ATOM   111  C  CA  . PHE A 1 16  ? -11.508 -4.587  6.738   1.00 11.27 ? 17  PHE A CA  1 
ATOM   112  C  C   . PHE A 1 16  ? -10.393 -3.709  6.231   1.00 9.49  ? 17  PHE A C   1 
ATOM   113  O  O   . PHE A 1 16  ? -9.225  -4.190  6.151   1.00 10.71 ? 17  PHE A O   1 
ATOM   114  C  CB  . PHE A 1 16  ? -12.125 -5.414  5.631   1.00 12.56 ? 17  PHE A CB  1 
ATOM   115  C  CG  . PHE A 1 16  ? -12.392 -4.638  4.323   1.00 11.28 ? 17  PHE A CG  1 
ATOM   116  C  CD1 . PHE A 1 16  ? -13.646 -4.047  4.084   1.00 12.73 ? 17  PHE A CD1 1 
ATOM   117  C  CD2 . PHE A 1 16  ? -11.383 -4.445  3.300   1.00 12.83 ? 17  PHE A CD2 1 
ATOM   118  C  CE1 . PHE A 1 16  ? -13.863 -3.307  2.932   1.00 13.34 ? 17  PHE A CE1 1 
ATOM   119  C  CE2 . PHE A 1 16  ? -11.639 -3.723  2.182   1.00 12.87 ? 17  PHE A CE2 1 
ATOM   120  C  CZ  . PHE A 1 16  ? -12.879 -3.206  1.964   1.00 15.29 ? 17  PHE A CZ  1 
ATOM   121  N  N   . ALA A 1 17  ? -10.700 -2.507  5.806   1.00 9.00  ? 18  ALA A N   1 
ATOM   122  C  CA  . ALA A 1 17  ? -9.729  -1.644  5.234   1.00 8.95  ? 18  ALA A CA  1 
ATOM   123  C  C   . ALA A 1 17  ? -8.760  -1.168  6.245   1.00 8.23  ? 18  ALA A C   1 
ATOM   124  O  O   . ALA A 1 17  ? -7.524  -1.139  6.023   1.00 8.71  ? 18  ALA A O   1 
ATOM   125  C  CB  . ALA A 1 17  ? -10.398 -0.461  4.562   1.00 10.43 ? 18  ALA A CB  1 
ATOM   126  N  N   . ASP A 1 18  ? -9.221  -0.775  7.416   1.00 8.56  ? 19  ASP A N   1 
ATOM   127  C  CA  . ASP A 1 18  ? -8.321  -0.397  8.483   1.00 9.18  ? 19  ASP A CA  1 
ATOM   128  C  C   . ASP A 1 18  ? -7.366  -1.530  8.838   1.00 8.02  ? 19  ASP A C   1 
ATOM   129  O  O   . ASP A 1 18  ? -6.165  -1.300  9.059   1.00 8.43  ? 19  ASP A O   1 
ATOM   130  C  CB  . ASP A 1 18  ? -9.076  0.012   9.726   1.00 9.56  ? 19  ASP A CB  1 
ATOM   131  C  CG  . ASP A 1 18  ? -9.855  1.341   9.558   1.00 9.56  ? 19  ASP A CG  1 
ATOM   132  O  OD1 . ASP A 1 18  ? -9.604  2.154   8.707   1.00 10.28 ? 19  ASP A OD1 1 
ATOM   133  O  OD2 . ASP A 1 18  ? -10.755 1.504   10.470  1.00 15.10 ? 19  ASP A OD2 1 
ATOM   134  N  N   . ASP A 1 19  ? -7.878  -2.765  8.905   1.00 8.47  ? 20  ASP A N   1 
ATOM   135  C  CA  . ASP A 1 19  ? -7.026  -3.895  9.235   1.00 8.26  ? 20  ASP A CA  1 
ATOM   136  C  C   . ASP A 1 19  ? -5.975  -4.146  8.181   1.00 7.81  ? 20  ASP A C   1 
ATOM   137  O  O   . ASP A 1 19  ? -4.776  -4.396  8.505   1.00 7.85  ? 20  ASP A O   1 
ATOM   138  C  CB  . ASP A 1 19  ? -7.880  -5.147  9.396   1.00 9.21  ? 20  ASP A CB  1 
ATOM   139  C  CG  . ASP A 1 19  ? -8.681  -5.141  10.673  1.00 13.08 ? 20  ASP A CG  1 
ATOM   140  O  OD1 . ASP A 1 19  ? -8.401  -4.353  11.594  1.00 16.75 ? 20  ASP A OD1 1 
ATOM   141  O  OD2 . ASP A 1 19  ? -9.689  -5.920  10.677  1.00 16.07 ? 20  ASP A OD2 1 
ATOM   142  N  N   . GLN A 1 20  ? -6.372  -4.069  6.916   1.00 8.05  ? 21  GLN A N   1 
ATOM   143  C  CA  . GLN A 1 20  ? -5.386  -4.259  5.837   1.00 7.59  ? 21  GLN A CA  1 
ATOM   144  C  C   . GLN A 1 20  ? -4.372  -3.137  5.834   1.00 7.00  ? 21  GLN A C   1 
ATOM   145  O  O   . GLN A 1 20  ? -3.174  -3.378  5.594   1.00 7.46  ? 21  GLN A O   1 
ATOM   146  C  CB  . GLN A 1 20  ? -6.109  -4.386  4.451   1.00 7.71  ? 21  GLN A CB  1 
ATOM   147  C  CG  . GLN A 1 20  ? -6.926  -5.664  4.365   1.00 9.33  ? 21  GLN A CG  1 
ATOM   148  C  CD  . GLN A 1 20  ? -7.647  -5.800  3.045   1.00 7.91  ? 21  GLN A CD  1 
ATOM   149  O  OE1 . GLN A 1 20  ? -7.948  -4.881  2.359   1.00 9.18  ? 21  GLN A OE1 1 
ATOM   150  N  NE2 . GLN A 1 20  ? -7.810  -7.056  2.623   1.00 12.19 ? 21  GLN A NE2 1 
ATOM   151  N  N   . HIS A 1 21  ? -4.812  -1.903  6.107   1.00 6.83  ? 22  HIS A N   1 
ATOM   152  C  CA  . HIS A 1 21  ? -3.829  -0.794  6.208   1.00 7.35  ? 22  HIS A CA  1 
ATOM   153  C  C   . HIS A 1 21  ? -2.821  -1.048  7.291   1.00 7.07  ? 22  HIS A C   1 
ATOM   154  O  O   . HIS A 1 21  ? -1.615  -0.801  7.142   1.00 7.26  ? 22  HIS A O   1 
ATOM   155  C  CB  . HIS A 1 21  ? -4.536  0.528   6.427   1.00 7.34  ? 22  HIS A CB  1 
ATOM   156  C  CG  . HIS A 1 21  ? -5.346  0.964   5.247   1.00 7.08  ? 22  HIS A CG  1 
ATOM   157  N  ND1 . HIS A 1 21  ? -6.419  1.829   5.344   1.00 7.47  ? 22  HIS A ND1 1 
ATOM   158  C  CD2 . HIS A 1 21  ? -5.227  0.665   3.906   1.00 7.25  ? 22  HIS A CD2 1 
ATOM   159  C  CE1 . HIS A 1 21  ? -6.879  2.048   4.102   1.00 7.33  ? 22  HIS A CE1 1 
ATOM   160  N  NE2 . HIS A 1 21  ? -6.205  1.346   3.200   1.00 7.10  ? 22  HIS A NE2 1 
ATOM   161  N  N   . LYS A 1 22  ? -3.297  -1.531  8.468   1.00 6.97  ? 23  LYS A N   1 
ATOM   162  C  CA  . LYS A 1 22  ? -2.354  -1.800  9.577   1.00 7.35  ? 23  LYS A CA  1 
ATOM   163  C  C   . LYS A 1 22  ? -1.361  -2.864  9.165   1.00 7.86  ? 23  LYS A C   1 
ATOM   164  O  O   . LYS A 1 22  ? -0.127  -2.735  9.496   1.00 7.59  ? 23  LYS A O   1 
ATOM   165  C  CB  . LYS A 1 22  ? -3.115  -2.192  10.828  1.00 8.67  ? 23  LYS A CB  1 
ATOM   166  C  CG  . LYS A 1 22  ? -3.909  -1.083  11.444  1.00 9.79  ? 23  LYS A CG  1 
ATOM   167  C  CD  . LYS A 1 22  ? -4.806  -1.608  12.529  1.00 12.83 ? 23  LYS A CD  1 
ATOM   168  C  CE  . LYS A 1 22  ? -5.800  -0.638  12.876  1.00 13.38 ? 23  LYS A CE  1 
ATOM   169  N  NZ  . LYS A 1 22  ? -6.608  -0.976  14.070  1.00 13.66 ? 23  LYS A NZ  1 
ATOM   170  N  N   . THR A 1 23  ? -1.790  -3.922  8.434   1.00 7.37  ? 24  THR A N   1 
ATOM   171  C  CA  . THR A 1 23  ? -0.825  -4.897  7.951   1.00 7.13  ? 24  THR A CA  1 
ATOM   172  C  C   . THR A 1 23  ? 0.155   -4.284  6.979   1.00 6.50  ? 24  THR A C   1 
ATOM   173  O  O   . THR A 1 23  ? 1.383   -4.554  7.078   1.00 7.26  ? 24  THR A O   1 
ATOM   174  C  CB  . THR A 1 23  ? -1.572  -6.061  7.267   1.00 7.29  ? 24  THR A CB  1 
ATOM   175  O  OG1 . THR A 1 23  ? -2.346  -6.779  8.233   1.00 8.29  ? 24  THR A OG1 1 
ATOM   176  C  CG2 . THR A 1 23  ? -0.621  -7.014  6.562   1.00 8.04  ? 24  THR A CG2 1 
ATOM   177  N  N   . ILE A 1 24  ? -0.300  -3.458  6.038   1.00 6.49  ? 25  ILE A N   1 
ATOM   178  C  CA  . ILE A 1 24  ? 0.604   -2.789  5.118   1.00 6.40  ? 25  ILE A CA  1 
ATOM   179  C  C   . ILE A 1 24  ? 1.662   -2.014  5.895   1.00 6.41  ? 25  ILE A C   1 
ATOM   180  O  O   . ILE A 1 24  ? 2.859   -2.069  5.557   1.00 6.94  ? 25  ILE A O   1 
ATOM   181  C  CB  . ILE A 1 24  ? -0.168  -1.933  4.128   1.00 6.45  ? 25  ILE A CB  1 
ATOM   182  C  CG1 . ILE A 1 24  ? -0.975  -2.784  3.160   1.00 7.39  ? 25  ILE A CG1 1 
ATOM   183  C  CG2 . ILE A 1 24  ? 0.772   -1.019  3.373   1.00 7.45  ? 25  ILE A CG2 1 
ATOM   184  C  CD1 . ILE A 1 24  ? -2.027  -2.058  2.367   1.00 8.36  ? 25  ILE A CD1 1 
ATOM   185  N  N   . PHE A 1 25  ? 1.230   -1.249  6.858   1.00 6.60  ? 26  PHE A N   1 
ATOM   186  C  CA  . PHE A 1 25  ? 2.192   -0.411  7.615   1.00 7.04  ? 26  PHE A CA  1 
ATOM   187  C  C   . PHE A 1 25  ? 3.238   -1.317  8.267   1.00 6.71  ? 26  PHE A C   1 
ATOM   188  O  O   . PHE A 1 25  ? 4.445   -1.002  8.269   1.00 7.56  ? 26  PHE A O   1 
ATOM   189  C  CB  . PHE A 1 25  ? 1.521   0.433   8.688   1.00 7.58  ? 26  PHE A CB  1 
ATOM   190  C  CG  . PHE A 1 25  ? 0.770   1.658   8.223   1.00 7.19  ? 26  PHE A CG  1 
ATOM   191  C  CD1 . PHE A 1 25  ? 0.113   1.756   6.978   1.00 7.51  ? 26  PHE A CD1 1 
ATOM   192  C  CD2 . PHE A 1 25  ? 0.731   2.754   9.041   1.00 8.52  ? 26  PHE A CD2 1 
ATOM   193  C  CE1 . PHE A 1 25  ? -0.600  2.904   6.664   1.00 8.44  ? 26  PHE A CE1 1 
ATOM   194  C  CE2 . PHE A 1 25  ? 0.051   3.922   8.694   1.00 9.57  ? 26  PHE A CE2 1 
ATOM   195  C  CZ  . PHE A 1 25  ? -0.654  3.992   7.520   1.00 8.70  ? 26  PHE A CZ  1 
ATOM   196  N  N   . ASP A 1 26  ? 2.809   -2.427  8.856   1.00 7.11  ? 27  ASP A N   1 
ATOM   197  C  CA  . ASP A 1 26  ? 3.773   -3.348  9.499   1.00 8.14  ? 27  ASP A CA  1 
ATOM   198  C  C   . ASP A 1 26  ? 4.731   -3.906  8.475   1.00 7.48  ? 27  ASP A C   1 
ATOM   199  O  O   . ASP A 1 26  ? 5.961   -4.066  8.753   1.00 8.48  ? 27  ASP A O   1 
ATOM   200  C  CB  . ASP A 1 26  ? 3.012   -4.447  10.209  1.00 8.30  ? 27  ASP A CB  1 
ATOM   201  C  CG  . ASP A 1 26  ? 2.388   -4.065  11.508  1.00 12.52 ? 27  ASP A CG  1 
ATOM   202  O  OD1 . ASP A 1 26  ? 2.704   -2.987  12.095  1.00 15.97 ? 27  ASP A OD1 1 
ATOM   203  O  OD2 . ASP A 1 26  ? 1.506   -4.868  12.075  1.00 15.51 ? 27  ASP A OD2 1 
ATOM   204  N  N   . MET A 1 27  ? 4.240   -4.267  7.294   1.00 7.32  ? 28  MET A N   1 
ATOM   205  C  CA  . MET A 1 27  ? 5.107   -4.870  6.281   1.00 7.65  ? 28  MET A CA  1 
ATOM   206  C  C   . MET A 1 27  ? 6.053   -3.829  5.691   1.00 7.43  ? 28  MET A C   1 
ATOM   207  O  O   . MET A 1 27  ? 7.233   -4.181  5.367   1.00 7.98  ? 28  MET A O   1 
ATOM   208  C  CB  . MET A 1 27  ? 4.223   -5.538  5.193   1.00 7.34  ? 28  MET A CB  1 
ATOM   209  C  CG  . MET A 1 27  ? 3.423   -6.693  5.742   1.00 7.64  ? 28  MET A CG  1 
ATOM   210  S  SD  . MET A 1 27  ? 2.471   -7.558  4.466   1.00 8.41  ? 28  MET A SD  1 
ATOM   211  C  CE  . MET A 1 27  ? 3.761   -8.635  3.767   1.00 10.34 ? 28  MET A CE  1 
ATOM   212  N  N   . VAL A 1 28  ? 5.616   -2.580  5.504   1.00 7.09  ? 29  VAL A N   1 
ATOM   213  C  CA  . VAL A 1 28  ? 6.520   -1.478  5.114   1.00 7.51  ? 29  VAL A CA  1 
ATOM   214  C  C   . VAL A 1 28  ? 7.585   -1.313  6.178   1.00 7.15  ? 29  VAL A C   1 
ATOM   215  O  O   . VAL A 1 28  ? 8.782   -1.115  5.848   1.00 7.85  ? 29  VAL A O   1 
ATOM   216  C  CB  . VAL A 1 28  ? 5.758   -0.192  4.890   1.00 7.77  ? 29  VAL A CB  1 
ATOM   217  C  CG1 . VAL A 1 28  ? 6.694   0.986   4.717   1.00 9.05  ? 29  VAL A CG1 1 
ATOM   218  C  CG2 . VAL A 1 28  ? 4.829   -0.285  3.675   1.00 8.43  ? 29  VAL A CG2 1 
ATOM   219  N  N   . ASN A 1 29  ? 7.202   -1.328  7.437   1.00 7.57  ? 30  ASN A N   1 
ATOM   220  C  CA  . ASN A 1 29  ? 8.189   -1.116  8.497   1.00 8.02  ? 30  ASN A CA  1 
ATOM   221  C  C   . ASN A 1 29  ? 9.249   -2.170  8.477   1.00 7.96  ? 30  ASN A C   1 
ATOM   222  O  O   . ASN A 1 29  ? 10.451  -1.854  8.690   1.00 8.56  ? 30  ASN A O   1 
ATOM   223  C  CB  . ASN A 1 29  ? 7.467   -1.102  9.859   1.00 8.16  ? 30  ASN A CB  1 
ATOM   224  C  CG  . ASN A 1 29  ? 6.726   0.203   10.078  1.00 8.81  ? 30  ASN A CG  1 
ATOM   225  O  OD1 . ASN A 1 29  ? 6.941   1.173   9.367   1.00 9.55  ? 30  ASN A OD1 1 
ATOM   226  N  ND2 . ASN A 1 29  ? 5.834   0.248   11.067  1.00 9.98  ? 30  ASN A ND2 1 
ATOM   227  N  N   . LYS A 1 30  ? 8.878   -3.429  8.248   1.00 8.18  ? 31  LYS A N   1 
ATOM   228  C  CA  . LYS A 1 30  ? 9.858   -4.492  8.139   1.00 8.77  ? 31  LYS A CA  1 
ATOM   229  C  C   . LYS A 1 30  ? 10.758  -4.249  6.968   1.00 8.46  ? 31  LYS A C   1 
ATOM   230  O  O   . LYS A 1 30  ? 12.026  -4.403  7.107   1.00 9.31  ? 31  LYS A O   1 
ATOM   231  C  CB  . LYS A 1 30  ? 9.210   -5.845  8.048   1.00 9.91  ? 31  LYS A CB  1 
ATOM   232  C  CG  . LYS A 1 30  ? 8.585   -6.345  9.285   1.00 11.97 ? 31  LYS A CG  1 
ATOM   233  C  CD  . LYS A 1 30  ? 7.895   -7.656  9.064   1.00 16.11 ? 31  LYS A CD  1 
ATOM   234  C  CE  . LYS A 1 30  ? 7.203   -8.278  10.305  1.00 19.97 ? 31  LYS A CE  1 
ATOM   235  N  NZ  . LYS A 1 30  ? 8.050   -8.133  11.503  1.00 27.16 ? 31  LYS A NZ  1 
ATOM   236  N  N   . LEU A 1 31  ? 10.225  -3.915  5.829   1.00 8.33  ? 32  LEU A N   1 
ATOM   237  C  CA  . LEU A 1 31  ? 11.060  -3.664  4.665   1.00 8.46  ? 32  LEU A CA  1 
ATOM   238  C  C   . LEU A 1 31  ? 11.981  -2.495  4.907   1.00 8.12  ? 32  LEU A C   1 
ATOM   239  O  O   . LEU A 1 31  ? 13.193  -2.551  4.498   1.00 8.93  ? 32  LEU A O   1 
ATOM   240  C  CB  . LEU A 1 31  ? 10.180  -3.370  3.438   1.00 8.52  ? 32  LEU A CB  1 
ATOM   241  C  CG  . LEU A 1 31  ? 10.958  -3.176  2.112   1.00 8.91  ? 32  LEU A CG  1 
ATOM   242  C  CD1 . LEU A 1 31  ? 11.844  -4.321  1.733   1.00 10.53 ? 32  LEU A CD1 1 
ATOM   243  C  CD2 . LEU A 1 31  ? 9.961   -2.866  0.990   1.00 10.16 ? 32  LEU A CD2 1 
ATOM   244  N  N   . HIS A 1 32  ? 11.560  -1.528  5.587   1.00 7.99  ? 33  HIS A N   1 
ATOM   245  C  CA  . HIS A 1 32  ? 12.320  -0.279  5.809   1.00 8.12  ? 33  HIS A CA  1 
ATOM   246  C  C   . HIS A 1 32  ? 13.585  -0.528  6.569   1.00 8.39  ? 33  HIS A C   1 
ATOM   247  O  O   . HIS A 1 32  ? 14.649  0.025   6.236   1.00 9.41  ? 33  HIS A O   1 
ATOM   248  C  CB  . HIS A 1 32  ? 11.457  0.745   6.551   1.00 20.00 ? 33  HIS A CB  1 
ATOM   249  C  CG  . HIS A 1 32  ? 12.136  2.060   6.775   1.00 20.00 ? 33  HIS A CG  1 
ATOM   250  N  ND1 . HIS A 1 32  ? 12.555  2.868   5.739   1.00 20.00 ? 33  HIS A ND1 1 
ATOM   251  C  CD2 . HIS A 1 32  ? 12.471  2.708   7.915   1.00 20.00 ? 33  HIS A CD2 1 
ATOM   252  C  CE1 . HIS A 1 32  ? 13.118  3.957   6.232   1.00 20.00 ? 33  HIS A CE1 1 
ATOM   253  N  NE2 . HIS A 1 32  ? 13.079  3.886   7.550   1.00 20.00 ? 33  HIS A NE2 1 
ATOM   254  N  N   . ASP A 1 33  ? 13.382  -1.438  7.634   1.00 9.27  ? 34  ASP A N   1 
ATOM   255  C  CA  . ASP A 1 33  ? 14.509  -1.872  8.459   1.00 11.56 ? 34  ASP A CA  1 
ATOM   256  C  C   . ASP A 1 33  ? 15.467  -2.688  7.662   1.00 10.43 ? 34  ASP A C   1 
ATOM   257  O  O   . ASP A 1 33  ? 16.723  -2.476  7.701   1.00 11.83 ? 34  ASP A O   1 
ATOM   258  C  CB  . ASP A 1 33  ? 13.960  -2.583  9.693   1.00 14.28 ? 34  ASP A CB  1 
ATOM   259  C  CG  . ASP A 1 33  ? 13.334  -1.655  10.700  1.00 17.24 ? 34  ASP A CG  1 
ATOM   260  O  OD1 . ASP A 1 33  ? 13.478  -0.413  10.675  1.00 22.28 ? 34  ASP A OD1 1 
ATOM   261  O  OD2 . ASP A 1 33  ? 12.670  -2.268  11.555  1.00 23.71 ? 34  ASP A OD2 1 
ATOM   262  N  N   . THR A 1 34  ? 15.008  -3.614  6.921   1.00 10.61 ? 35  THR A N   1 
ATOM   263  C  CA  . THR A 1 34  ? 15.874  -4.469  6.112   1.00 11.29 ? 35  THR A CA  1 
ATOM   264  C  C   . THR A 1 34  ? 16.571  -3.691  5.032   1.00 10.01 ? 35  THR A C   1 
ATOM   265  O  O   . THR A 1 34  ? 17.758  -4.034  4.605   1.00 10.91 ? 35  THR A O   1 
ATOM   266  C  CB  . THR A 1 34  ? 15.028  -5.636  5.631   1.00 13.34 ? 35  THR A CB  1 
ATOM   267  O  OG1 . THR A 1 34  ? 14.353  -6.279  6.747   1.00 15.79 ? 35  THR A OG1 1 
ATOM   268  C  CG2 . THR A 1 34  ? 15.881  -6.628  4.885   1.00 15.49 ? 35  THR A CG2 1 
ATOM   269  N  N   . ALA A 1 35  ? 15.954  -2.644  4.510   1.00 8.87  ? 36  ALA A N   1 
ATOM   270  C  CA  . ALA A 1 35  ? 16.502  -1.830  3.445   1.00 9.83  ? 36  ALA A CA  1 
ATOM   271  C  C   . ALA A 1 35  ? 17.707  -0.997  3.902   1.00 9.47  ? 36  ALA A C   1 
ATOM   272  O  O   . ALA A 1 35  ? 18.376  -0.404  3.010   1.00 10.86 ? 36  ALA A O   1 
ATOM   273  C  CB  . ALA A 1 35  ? 15.434  -0.960  2.823   1.00 11.36 ? 36  ALA A CB  1 
ATOM   274  N  N   . ALA A 1 36  ? 17.973  -0.888  5.172   1.00 9.38  ? 37  ALA A N   1 
ATOM   275  C  CA  . ALA A 1 36  ? 19.192  -0.273  5.706   1.00 9.32  ? 37  ALA A CA  1 
ATOM   276  C  C   . ALA A 1 36  ? 20.349  -1.227  5.767   1.00 9.74  ? 37  ALA A C   1 
ATOM   277  O  O   . ALA A 1 36  ? 21.457  -0.841  6.227   1.00 10.67 ? 37  ALA A O   1 
ATOM   278  C  CB  . ALA A 1 36  ? 18.923  0.344   7.011   1.00 12.70 ? 37  ALA A CB  1 
ATOM   279  N  N   . THR A 1 37  ? 20.161  -2.470  5.320   1.00 10.80 ? 38  THR A N   1 
ATOM   280  C  CA  . THR A 1 37  ? 21.216  -3.476  5.303   1.00 11.36 ? 38  THR A CA  1 
ATOM   281  C  C   . THR A 1 37  ? 21.601  -3.827  3.856   1.00 10.55 ? 38  THR A C   1 
ATOM   282  O  O   . THR A 1 37  ? 21.005  -3.389  2.865   1.00 12.63 ? 38  THR A O   1 
ATOM   283  C  CB  . THR A 1 37  ? 20.757  -4.773  5.988   1.00 12.39 ? 38  THR A CB  1 
ATOM   284  O  OG1 . THR A 1 37  ? 19.908  -5.563  5.129   1.00 12.10 ? 38  THR A OG1 1 
ATOM   285  C  CG2 . THR A 1 37  ? 20.056  -4.475  7.340   1.00 16.22 ? 38  THR A CG2 1 
ATOM   286  N  N   . GLY A 1 38  ? 22.607  -4.682  3.754   1.00 11.31 ? 39  GLY A N   1 
ATOM   287  C  CA  . GLY A 1 38  ? 22.969  -5.302  2.516   1.00 12.30 ? 39  GLY A CA  1 
ATOM   288  C  C   . GLY A 1 38  ? 22.477  -6.676  2.327   1.00 10.38 ? 39  GLY A C   1 
ATOM   289  O  O   . GLY A 1 38  ? 23.042  -7.401  1.487   1.00 12.72 ? 39  GLY A O   1 
ATOM   290  N  N   . ASN A 1 39  ? 21.408  -7.078  3.015   1.00 9.96  ? 40  ASN A N   1 
ATOM   291  C  CA  . ASN A 1 39  ? 20.911  -8.439  2.904   1.00 10.87 ? 40  ASN A CA  1 
ATOM   292  C  C   . ASN A 1 39  ? 19.919  -8.477  1.748   1.00 10.11 ? 40  ASN A C   1 
ATOM   293  O  O   . ASN A 1 39  ? 18.687  -8.367  1.966   1.00 10.44 ? 40  ASN A O   1 
ATOM   294  C  CB  . ASN A 1 39  ? 20.270  -8.854  4.193   1.00 11.77 ? 40  ASN A CB  1 
ATOM   295  C  CG  . ASN A 1 39  ? 21.265  -8.853  5.354   1.00 15.89 ? 40  ASN A CG  1 
ATOM   296  O  OD1 . ASN A 1 39  ? 22.467  -9.110  5.173   1.00 19.81 ? 40  ASN A OD1 1 
ATOM   297  N  ND2 . ASN A 1 39  ? 20.790  -8.456  6.533   1.00 21.45 ? 40  ASN A ND2 1 
ATOM   298  N  N   . ARG A 1 40  ? 20.394  -8.576  0.544   1.00 11.71 ? 41  ARG A N   1 
ATOM   299  C  CA  . ARG A 1 40  ? 19.583  -8.381  -0.646  1.00 11.38 ? 41  ARG A CA  1 
ATOM   300  C  C   . ARG A 1 40  ? 18.513  -9.433  -0.790  1.00 11.29 ? 41  ARG A C   1 
ATOM   301  O  O   . ARG A 1 40  ? 17.357  -9.131  -1.192  1.00 11.96 ? 41  ARG A O   1 
ATOM   302  C  CB  . ARG A 1 40  ? 20.428  -8.240  -1.900  1.00 13.89 ? 41  ARG A CB  1 
ATOM   303  C  CG  . ARG A 1 40  ? 19.704  -7.511  -3.008  1.00 13.60 ? 41  ARG A CG  1 
ATOM   304  C  CD  . ARG A 1 40  ? 20.563  -7.388  -4.277  1.00 16.07 ? 41  ARG A CD  1 
ATOM   305  N  NE  . ARG A 1 40  ? 20.043  -6.495  -5.254  1.00 14.03 ? 41  ARG A NE  1 
ATOM   306  C  CZ  . ARG A 1 40  ? 19.225  -6.844  -6.211  1.00 11.99 ? 41  ARG A CZ  1 
ATOM   307  N  NH1 . ARG A 1 40  ? 18.728  -8.036  -6.377  1.00 15.57 ? 41  ARG A NH1 1 
ATOM   308  N  NH2 . ARG A 1 40  ? 18.804  -5.926  -7.044  1.00 13.65 ? 41  ARG A NH2 1 
ATOM   309  N  N   . SER A 1 41  ? 18.797  -10.660 -0.462  1.00 12.44 ? 42  SER A N   1 
ATOM   310  C  CA  . SER A 1 41  ? 17.776  -11.712 -0.497  1.00 13.36 ? 42  SER A CA  1 
ATOM   311  C  C   . SER A 1 41  ? 16.648  -11.428 0.492   1.00 11.25 ? 42  SER A C   1 
ATOM   312  O  O   . SER A 1 41  ? 15.422  -11.615 0.125   1.00 12.07 ? 42  SER A O   1 
ATOM   313  C  CB  . SER A 1 41  ? 18.355  -13.097 -0.151  1.00 15.94 ? 42  SER A CB  1 
ATOM   314  O  OG  . SER A 1 41  ? 17.426  -14.160 -0.110  1.00 25.76 ? 42  SER A OG  1 
ATOM   315  N  N   . GLU A 1 42  ? 16.958  -10.970 1.661   1.00 12.12 ? 43  GLU A N   1 
ATOM   316  C  CA  . GLU A 1 42  ? 15.905  -10.604 2.625   1.00 11.82 ? 43  GLU A CA  1 
ATOM   317  C  C   . GLU A 1 42  ? 15.128  -9.393  2.173   1.00 9.84  ? 43  GLU A C   1 
ATOM   318  O  O   . GLU A 1 42  ? 13.862  -9.369  2.352   1.00 10.43 ? 43  GLU A O   1 
ATOM   319  C  CB  . GLU A 1 42  ? 16.528  -10.301 4.007   1.00 13.29 ? 43  GLU A CB  1 
ATOM   320  C  CG  . GLU A 1 42  ? 17.281  -11.552 4.618   1.00 19.16 ? 43  GLU A CG  1 
ATOM   321  C  CD  . GLU A 1 42  ? 18.121  -11.192 5.846   1.00 38.91 ? 43  GLU A CD  1 
ATOM   322  O  OE1 . GLU A 1 42  ? 17.588  -10.384 6.701   1.00 45.22 ? 43  GLU A OE1 1 
ATOM   323  O  OE2 . GLU A 1 42  ? 19.298  -11.730 5.931   1.00 44.72 ? 43  GLU A OE2 1 
ATOM   324  N  N   . ILE A 1 43  ? 15.790  -8.408  1.588   1.00 8.88  ? 44  ILE A N   1 
ATOM   325  C  CA  . ILE A 1 43  ? 15.075  -7.298  1.012   1.00 9.07  ? 44  ILE A CA  1 
ATOM   326  C  C   . ILE A 1 43  ? 14.093  -7.787  -0.018  1.00 8.75  ? 44  ILE A C   1 
ATOM   327  O  O   . ILE A 1 43  ? 12.885  -7.360  -0.030  1.00 9.42  ? 44  ILE A O   1 
ATOM   328  C  CB  . ILE A 1 43  ? 16.056  -6.269  0.404   1.00 9.26  ? 44  ILE A CB  1 
ATOM   329  C  CG1 . ILE A 1 43  ? 16.884  -5.595  1.525   1.00 10.21 ? 44  ILE A CG1 1 
ATOM   330  C  CG2 . ILE A 1 43  ? 15.330  -5.239  -0.452  1.00 11.17 ? 44  ILE A CG2 1 
ATOM   331  C  CD1 . ILE A 1 43  ? 18.079  -4.780  1.044   1.00 12.27 ? 44  ILE A CD1 1 
ATOM   332  N  N   . GLY A 1 44  ? 14.523  -8.643  -0.930  1.00 9.62  ? 45  GLY A N   1 
ATOM   333  C  CA  . GLY A 1 44  ? 13.640  -9.120  -1.962  1.00 9.73  ? 45  GLY A CA  1 
ATOM   334  C  C   . GLY A 1 44  ? 12.446  -9.888  -1.478  1.00 8.78  ? 45  GLY A C   1 
ATOM   335  O  O   . GLY A 1 44  ? 11.318  -9.713  -2.020  1.00 10.04 ? 45  GLY A O   1 
ATOM   336  N  N   . LYS A 1 45  ? 12.632  -10.716 -0.507  1.00 9.27  ? 46  LYS A N   1 
ATOM   337  C  CA  . LYS A 1 45  ? 11.524  -11.510 0.040   1.00 9.50  ? 46  LYS A CA  1 
ATOM   338  C  C   . LYS A 1 45  ? 10.511  -10.577 0.647   1.00 8.56  ? 46  LYS A C   1 
ATOM   339  O  O   . LYS A 1 45  ? 9.251   -10.781 0.472   1.00 8.99  ? 46  LYS A O   1 
ATOM   340  C  CB  . LYS A 1 45  ? 11.991  -12.505 1.098   1.00 10.79 ? 46  LYS A CB  1 
ATOM   341  C  CG  . LYS A 1 45  ? 12.805  -13.658 0.581   1.00 14.76 ? 46  LYS A CG  1 
ATOM   342  C  CD  . LYS A 1 45  ? 13.109  -14.661 1.695   1.00 19.60 ? 46  LYS A CD  1 
ATOM   343  C  CE  . LYS A 1 45  ? 14.178  -15.652 1.212   1.00 26.21 ? 46  LYS A CE  1 
ATOM   344  N  NZ  . LYS A 1 45  ? 13.772  -16.538 0.081   1.00 36.81 ? 46  LYS A NZ  1 
ATOM   345  N  N   . GLN A 1 46  ? 10.913  -9.572  1.402   1.00 8.34  ? 47  GLN A N   1 
ATOM   346  C  CA  . GLN A 1 46  ? 10.005  -8.682  2.071   1.00 8.65  ? 47  GLN A CA  1 
ATOM   347  C  C   . GLN A 1 46  ? 9.340   -7.744  1.047   1.00 8.20  ? 47  GLN A C   1 
ATOM   348  O  O   . GLN A 1 46  ? 8.107   -7.455  1.172   1.00 8.77  ? 47  GLN A O   1 
ATOM   349  C  CB  . GLN A 1 46  ? 10.694  -7.907  3.178   1.00 8.53  ? 47  GLN A CB  1 
ATOM   350  C  CG  . GLN A 1 46  ? 9.716   -7.083  4.032   1.00 9.97  ? 47  GLN A CG  1 
ATOM   351  C  CD  . GLN A 1 46  ? 8.736   -7.939  4.786   1.00 9.58  ? 47  GLN A CD  1 
ATOM   352  O  OE1 . GLN A 1 46  ? 9.059   -9.105  5.147   1.00 13.97 ? 47  GLN A OE1 1 
ATOM   353  N  NE2 . GLN A 1 46  ? 7.566   -7.401  5.112   1.00 10.79 ? 47  GLN A NE2 1 
ATOM   354  N  N   . LEU A 1 47  ? 10.090  -7.302  0.026   1.00 7.97  ? 48  LEU A N   1 
ATOM   355  C  CA  . LEU A 1 47  ? 9.522   -6.493  -1.023  1.00 8.32  ? 48  LEU A CA  1 
ATOM   356  C  C   . LEU A 1 47  ? 8.365   -7.255  -1.707  1.00 7.92  ? 48  LEU A C   1 
ATOM   357  O  O   . LEU A 1 47  ? 7.258   -6.708  -1.931  1.00 8.18  ? 48  LEU A O   1 
ATOM   358  C  CB  . LEU A 1 47  ? 10.611  -6.194  -2.067  1.00 8.81  ? 48  LEU A CB  1 
ATOM   359  C  CG  . LEU A 1 47  ? 10.163  -5.444  -3.311  1.00 9.98  ? 48  LEU A CG  1 
ATOM   360  C  CD1 . LEU A 1 47  ? 9.778   -4.040  -2.990  1.00 13.15 ? 48  LEU A CD1 1 
ATOM   361  C  CD2 . LEU A 1 47  ? 11.232  -5.547  -4.420  1.00 11.85 ? 48  LEU A CD2 1 
ATOM   362  N  N   . ASP A 1 48  ? 8.657   -8.481  -2.085  1.00 8.27  ? 49  ASP A N   1 
ATOM   363  C  CA  . ASP A 1 48  ? 7.635   -9.258  -2.805  1.00 8.74  ? 49  ASP A CA  1 
ATOM   364  C  C   . ASP A 1 48  ? 6.409   -9.513  -1.927  1.00 7.61  ? 49  ASP A C   1 
ATOM   365  O  O   . ASP A 1 48  ? 5.284   -9.423  -2.407  1.00 8.12  ? 49  ASP A O   1 
ATOM   366  C  CB  . ASP A 1 48  ? 8.212   -10.548 -3.311  1.00 9.23  ? 49  ASP A CB  1 
ATOM   367  C  CG  . ASP A 1 48  ? 9.226   -10.384 -4.444  1.00 10.73 ? 49  ASP A CG  1 
ATOM   368  O  OD1 . ASP A 1 48  ? 9.345   -9.335  -5.051  1.00 12.31 ? 49  ASP A OD1 1 
ATOM   369  O  OD2 . ASP A 1 48  ? 9.967   -11.417 -4.718  1.00 13.81 ? 49  ASP A OD2 1 
ATOM   370  N  N   . ALA A 1 49  ? 6.610   -9.823  -0.674  1.00 8.25  ? 50  ALA A N   1 
ATOM   371  C  CA  . ALA A 1 49  ? 5.482   -10.052 0.243   1.00 8.21  ? 50  ALA A CA  1 
ATOM   372  C  C   . ALA A 1 49  ? 4.624   -8.808  0.376   1.00 7.30  ? 50  ALA A C   1 
ATOM   373  O  O   . ALA A 1 49  ? 3.394   -8.869  0.370   1.00 7.84  ? 50  ALA A O   1 
ATOM   374  C  CB  . ALA A 1 49  ? 5.997   -10.534 1.612   1.00 9.37  ? 50  ALA A CB  1 
ATOM   375  N  N   . LEU A 1 50  ? 5.274   -7.660  0.556   1.00 7.79  ? 51  LEU A N   1 
ATOM   376  C  CA  . LEU A 1 50  ? 4.563   -6.387  0.697   1.00 7.64  ? 51  LEU A CA  1 
ATOM   377  C  C   . LEU A 1 50  ? 3.737   -6.109  -0.564  1.00 7.23  ? 51  LEU A C   1 
ATOM   378  O  O   . LEU A 1 50  ? 2.540   -5.748  -0.470  1.00 7.65  ? 51  LEU A O   1 
ATOM   379  C  CB  . LEU A 1 50  ? 5.565   -5.259  0.905   1.00 7.77  ? 51  LEU A CB  1 
ATOM   380  C  CG  . LEU A 1 50  ? 4.951   -3.844  0.807   1.00 7.58  ? 51  LEU A CG  1 
ATOM   381  C  CD1 . LEU A 1 50  ? 3.963   -3.553  1.881   1.00 8.34  ? 51  LEU A CD1 1 
ATOM   382  C  CD2 . LEU A 1 50  ? 6.120   -2.821  0.841   1.00 9.71  ? 51  LEU A CD2 1 
ATOM   383  N  N   . ILE A 1 51  ? 4.348   -6.209  -1.734  1.00 7.60  ? 52  ILE A N   1 
ATOM   384  C  CA  . ILE A 1 51  ? 3.640   -5.838  -2.954  1.00 7.68  ? 52  ILE A CA  1 
ATOM   385  C  C   . ILE A 1 51  ? 2.485   -6.782  -3.174  1.00 8.00  ? 52  ILE A C   1 
ATOM   386  O  O   . ILE A 1 51  ? 1.381   -6.369  -3.585  1.00 7.95  ? 52  ILE A O   1 
ATOM   387  C  CB  . ILE A 1 51  ? 4.615   -5.802  -4.138  1.00 7.95  ? 52  ILE A CB  1 
ATOM   388  C  CG1 . ILE A 1 51  ? 5.539   -4.577  -3.993  1.00 9.16  ? 52  ILE A CG1 1 
ATOM   389  C  CG2 . ILE A 1 51  ? 3.857   -5.758  -5.451  1.00 9.92  ? 52  ILE A CG2 1 
ATOM   390  C  CD1 . ILE A 1 51  ? 6.683   -4.512  -4.897  1.00 10.45 ? 52  ILE A CD1 1 
ATOM   391  N  N   . ASP A 1 52  ? 2.649   -8.104  -2.946  1.00 7.98  ? 53  ASP A N   1 
ATOM   392  C  CA  . ASP A 1 52  ? 1.535   -9.013  -3.086  1.00 8.26  ? 53  ASP A CA  1 
ATOM   393  C  C   . ASP A 1 52  ? 0.368   -8.607  -2.212  1.00 7.73  ? 53  ASP A C   1 
ATOM   394  O  O   . ASP A 1 52  ? -0.811  -8.626  -2.638  1.00 8.41  ? 53  ASP A O   1 
ATOM   395  C  CB  . ASP A 1 52  ? 1.992   -10.451 -2.755  1.00 9.20  ? 53  ASP A CB  1 
ATOM   396  C  CG  . ASP A 1 52  ? 0.998   -11.468 -3.162  1.00 11.25 ? 53  ASP A CG  1 
ATOM   397  O  OD1 . ASP A 1 52  ? 0.881   -11.688 -4.389  1.00 14.75 ? 53  ASP A OD1 1 
ATOM   398  O  OD2 . ASP A 1 52  ? 0.219   -12.009 -2.315  1.00 15.88 ? 53  ASP A OD2 1 
ATOM   399  N  N   . TYR A 1 53  ? 0.673   -8.228  -0.972  1.00 7.32  ? 54  TYR A N   1 
ATOM   400  C  CA  . TYR A 1 53  ? -0.376  -7.857  -0.035  1.00 7.60  ? 54  TYR A CA  1 
ATOM   401  C  C   . TYR A 1 53  ? -1.053  -6.580  -0.458  1.00 6.82  ? 54  TYR A C   1 
ATOM   402  O  O   . TYR A 1 53  ? -2.319  -6.468  -0.373  1.00 7.62  ? 54  TYR A O   1 
ATOM   403  C  CB  . TYR A 1 53  ? 0.202   -7.759  1.397   1.00 7.34  ? 54  TYR A CB  1 
ATOM   404  C  CG  . TYR A 1 53  ? -0.907  -7.640  2.372   1.00 7.23  ? 54  TYR A CG  1 
ATOM   405  C  CD1 . TYR A 1 53  ? -1.540  -8.747  2.832   1.00 8.84  ? 54  TYR A CD1 1 
ATOM   406  C  CD2 . TYR A 1 53  ? -1.350  -6.410  2.828   1.00 8.12  ? 54  TYR A CD2 1 
ATOM   407  C  CE1 . TYR A 1 53  ? -2.628  -8.670  3.713   1.00 9.95  ? 54  TYR A CE1 1 
ATOM   408  C  CE2 . TYR A 1 53  ? -2.423  -6.302  3.688   1.00 8.35  ? 54  TYR A CE2 1 
ATOM   409  C  CZ  . TYR A 1 53  ? -3.040  -7.388  4.137   1.00 8.20  ? 54  TYR A CZ  1 
ATOM   410  O  OH  . TYR A 1 53  ? -4.093  -7.259  4.998   1.00 9.92  ? 54  TYR A OH  1 
ATOM   411  N  N   . VAL A 1 54  ? -0.290  -5.564  -0.873  1.00 7.14  ? 55  VAL A N   1 
ATOM   412  C  CA  . VAL A 1 54  ? -0.858  -4.312  -1.339  1.00 7.02  ? 55  VAL A CA  1 
ATOM   413  C  C   . VAL A 1 54  ? -1.822  -4.569  -2.511  1.00 7.49  ? 55  VAL A C   1 
ATOM   414  O  O   . VAL A 1 54  ? -2.955  -4.014  -2.552  1.00 7.84  ? 55  VAL A O   1 
ATOM   415  C  CB  . VAL A 1 54  ? 0.216   -3.324  -1.701  1.00 7.88  ? 55  VAL A CB  1 
ATOM   416  C  CG1 . VAL A 1 54  ? -0.366  -2.088  -2.417  1.00 8.96  ? 55  VAL A CG1 1 
ATOM   417  C  CG2 . VAL A 1 54  ? 0.943   -2.864  -0.424  1.00 8.67  ? 55  VAL A CG2 1 
ATOM   418  N  N   . VAL A 1 55  ? -1.425  -5.374  -3.473  1.00 7.77  ? 56  VAL A N   1 
ATOM   419  C  CA  . VAL A 1 55  ? -2.312  -5.666  -4.610  1.00 8.80  ? 56  VAL A CA  1 
ATOM   420  C  C   . VAL A 1 55  ? -3.579  -6.323  -4.127  1.00 8.65  ? 56  VAL A C   1 
ATOM   421  O  O   . VAL A 1 55  ? -4.682  -5.979  -4.647  1.00 9.55  ? 56  VAL A O   1 
ATOM   422  C  CB  . VAL A 1 55  ? -1.545  -6.466  -5.644  1.00 10.24 ? 56  VAL A CB  1 
ATOM   423  C  CG1 . VAL A 1 55  ? -2.495  -7.125  -6.680  1.00 15.16 ? 56  VAL A CG1 1 
ATOM   424  C  CG2 . VAL A 1 55  ? -0.469  -5.712  -6.298  1.00 12.35 ? 56  VAL A CG2 1 
ATOM   425  N  N   . MET A 1 56  ? -3.495  -7.223  -3.189  1.00 8.50  ? 57  MET A N   1 
ATOM   426  C  CA  . MET A 1 56  ? -4.672  -7.858  -2.657  1.00 10.03 ? 57  MET A CA  1 
ATOM   427  C  C   . MET A 1 56  ? -5.565  -6.867  -1.937  1.00 7.50  ? 57  MET A C   1 
ATOM   428  O  O   . MET A 1 56  ? -6.827  -6.889  -2.100  1.00 8.99  ? 57  MET A O   1 
ATOM   429  C  CB  . MET A 1 56  ? -4.246  -8.990  -1.725  1.00 10.12 ? 57  MET A CB  1 
ATOM   430  C  CG  . MET A 1 56  ? -5.381  -9.793  -1.177  1.00 15.35 ? 57  MET A CG  1 
ATOM   431  S  SD  . MET A 1 56  ? -6.166  -8.979  0.221   1.00 14.79 ? 57  MET A SD  1 
ATOM   432  C  CE  . MET A 1 56  ? -4.863  -8.842  1.413   1.00 18.23 ? 57  MET A CE  1 
ATOM   433  N  N   . HIS A 1 57  ? -4.984  -5.938  -1.177  1.00 7.32  ? 58  HIS A N   1 
ATOM   434  C  CA  . HIS A 1 57  ? -5.728  -4.897  -0.514  1.00 7.25  ? 58  HIS A CA  1 
ATOM   435  C  C   . HIS A 1 57  ? -6.491  -4.052  -1.553  1.00 7.00  ? 58  HIS A C   1 
ATOM   436  O  O   . HIS A 1 57  ? -7.696  -3.711  -1.361  1.00 7.44  ? 58  HIS A O   1 
ATOM   437  C  CB  . HIS A 1 57  ? -4.769  -4.035  0.290   1.00 7.24  ? 58  HIS A CB  1 
ATOM   438  C  CG  . HIS A 1 57  ? -5.405  -2.750  0.768   1.00 7.42  ? 58  HIS A CG  1 
ATOM   439  N  ND1 . HIS A 1 57  ? -6.526  -2.709  1.563   1.00 7.50  ? 58  HIS A ND1 1 
ATOM   440  C  CD2 . HIS A 1 57  ? -5.109  -1.453  0.492   1.00 7.11  ? 58  HIS A CD2 1 
ATOM   441  C  CE1 . HIS A 1 57  ? -6.867  -1.422  1.751   1.00 7.65  ? 58  HIS A CE1 1 
ATOM   442  N  NE2 . HIS A 1 57  ? -6.028  -0.638  1.105   1.00 7.85  ? 58  HIS A NE2 1 
ATOM   443  N  N   . PHE A 1 58  ? -5.813  -3.644  -2.601  1.00 7.65  ? 59  PHE A N   1 
ATOM   444  C  CA  . PHE A 1 58  ? -6.469  -2.844  -3.637  1.00 7.52  ? 59  PHE A CA  1 
ATOM   445  C  C   . PHE A 1 58  ? -7.631  -3.599  -4.210  1.00 8.21  ? 59  PHE A C   1 
ATOM   446  O  O   . PHE A 1 58  ? -8.719  -2.998  -4.456  1.00 8.65  ? 59  PHE A O   1 
ATOM   447  C  CB  . PHE A 1 58  ? -5.476  -2.464  -4.731  1.00 8.19  ? 59  PHE A CB  1 
ATOM   448  C  CG  . PHE A 1 58  ? -4.405  -1.455  -4.284  1.00 7.91  ? 59  PHE A CG  1 
ATOM   449  C  CD1 . PHE A 1 58  ? -3.347  -1.234  -5.163  1.00 8.78  ? 59  PHE A CD1 1 
ATOM   450  C  CD2 . PHE A 1 58  ? -4.485  -0.738  -3.121  1.00 8.28  ? 59  PHE A CD2 1 
ATOM   451  C  CE1 . PHE A 1 58  ? -2.372  -0.296  -4.861  1.00 9.18  ? 59  PHE A CE1 1 
ATOM   452  C  CE2 . PHE A 1 58  ? -3.479  0.177   -2.867  1.00 8.91  ? 59  PHE A CE2 1 
ATOM   453  C  CZ  . PHE A 1 58  ? -2.464  0.428   -3.712  1.00 9.14  ? 59  PHE A CZ  1 
ATOM   454  N  N   . LYS A 1 59  ? -7.484  -4.867  -4.495  1.00 8.59  ? 60  LYS A N   1 
ATOM   455  C  CA  . LYS A 1 59  ? -8.582  -5.690  -5.031  1.00 9.92  ? 60  LYS A CA  1 
ATOM   456  C  C   . LYS A 1 59  ? -9.711  -5.722  -4.047  1.00 9.59  ? 60  LYS A C   1 
ATOM   457  O  O   . LYS A 1 59  ? -10.902 -5.729  -4.463  1.00 10.05 ? 60  LYS A O   1 
ATOM   458  C  CB  . LYS A 1 59  ? -8.067  -7.062  -5.389  1.00 10.61 ? 60  LYS A CB  1 
ATOM   459  C  CG  . LYS A 1 59  ? -7.218  -7.136  -6.588  1.00 15.88 ? 60  LYS A CG  1 
ATOM   460  C  CD  . LYS A 1 59  ? -6.756  -8.601  -6.755  1.00 22.74 ? 60  LYS A CD  1 
ATOM   461  C  CE  . LYS A 1 59  ? -5.830  -8.759  -7.926  1.00 28.06 ? 60  LYS A CE  1 
ATOM   462  N  NZ  . LYS A 1 59  ? -5.472  -10.221 -7.759  1.00 29.62 ? 60  LYS A NZ  1 
ATOM   463  N  N   . SER A 1 60  ? -9.417  -5.821  -2.771  1.00 9.65  ? 61  SER A N   1 
ATOM   464  C  CA  . SER A 1 60  ? -10.466 -5.864  -1.776  1.00 9.50  ? 61  SER A CA  1 
ATOM   465  C  C   . SER A 1 60  ? -11.270 -4.589  -1.748  1.00 8.25  ? 61  SER A C   1 
ATOM   466  O  O   . SER A 1 60  ? -12.542 -4.615  -1.745  1.00 9.39  ? 61  SER A O   1 
ATOM   467  C  CB  . SER A 1 60  ? -9.866  -6.090  -0.400  1.00 9.99  ? 61  SER A CB  1 
ATOM   468  O  OG  . SER A 1 60  ? -9.118  -7.299  -0.258  1.00 11.97 ? 61  SER A OG  1 
ATOM   469  N  N   . GLU A 1 61  ? -10.594 -3.445  -1.732  1.00 8.07  ? 62  GLU A N   1 
ATOM   470  C  CA  . GLU A 1 61  ? -11.286 -2.167  -1.765  1.00 7.85  ? 62  GLU A CA  1 
ATOM   471  C  C   . GLU A 1 61  ? -12.079 -2.056  -3.086  1.00 7.98  ? 62  GLU A C   1 
ATOM   472  O  O   . GLU A 1 61  ? -13.255 -1.564  -3.063  1.00 9.10  ? 62  GLU A O   1 
ATOM   473  C  CB  . GLU A 1 61  ? -10.312 -0.981  -1.741  1.00 8.37  ? 62  GLU A CB  1 
ATOM   474  C  CG  . GLU A 1 61  ? -9.668  -0.738  -0.382  1.00 8.04  ? 62  GLU A CG  1 
ATOM   475  C  CD  . GLU A 1 61  ? -8.850  0.548   -0.380  1.00 7.07  ? 62  GLU A CD  1 
ATOM   476  O  OE1 . GLU A 1 61  ? -8.675  1.133   -1.433  1.00 7.97  ? 62  GLU A OE1 1 
ATOM   477  O  OE2 . GLU A 1 61  ? -8.415  0.932   0.762   1.00 7.32  ? 62  GLU A OE2 1 
ATOM   478  N  N   . GLU A 1 62  ? -11.501 -2.417  -4.189  1.00 8.64  ? 63  GLU A N   1 
ATOM   479  C  CA  . GLU A 1 62  ? -12.173 -2.225  -5.495  1.00 9.16  ? 63  GLU A CA  1 
ATOM   480  C  C   . GLU A 1 62  ? -13.398 -3.072  -5.581  1.00 9.06  ? 63  GLU A C   1 
ATOM   481  O  O   . GLU A 1 62  ? -14.440 -2.597  -6.122  1.00 9.66  ? 63  GLU A O   1 
ATOM   482  C  CB  . GLU A 1 62  ? -11.202 -2.550  -6.624  1.00 9.43  ? 63  GLU A CB  1 
ATOM   483  C  CG  . GLU A 1 62  ? -10.129 -1.496  -6.759  1.00 9.24  ? 63  GLU A CG  1 
ATOM   484  C  CD  . GLU A 1 62  ? -8.915  -1.933  -7.549  1.00 9.95  ? 63  GLU A CD  1 
ATOM   485  O  OE1 . GLU A 1 62  ? -9.042  -2.891  -8.409  1.00 13.87 ? 63  GLU A OE1 1 
ATOM   486  O  OE2 . GLU A 1 62  ? -7.813  -1.326  -7.431  1.00 9.88  ? 63  GLU A OE2 1 
ATOM   487  N  N   . THR A 1 63  ? -13.369 -4.304  -5.132  1.00 9.53  ? 64  THR A N   1 
ATOM   488  C  CA  . THR A 1 63  ? -14.543 -5.161  -5.195  1.00 10.51 ? 64  THR A CA  1 
ATOM   489  C  C   . THR A 1 63  ? -15.640 -4.555  -4.394  1.00 9.63  ? 64  THR A C   1 
ATOM   490  O  O   . THR A 1 63  ? -16.845 -4.518  -4.877  1.00 10.93 ? 64  THR A O   1 
ATOM   491  C  CB  . THR A 1 63  ? -14.211 -6.578  -4.687  1.00 12.31 ? 64  THR A CB  1 
ATOM   492  O  OG1 . THR A 1 63  ? -13.194 -7.175  -5.508  1.00 15.37 ? 64  THR A OG1 1 
ATOM   493  C  CG2 . THR A 1 63  ? -15.430 -7.460  -4.666  1.00 15.15 ? 64  THR A CG2 1 
ATOM   494  N  N   . GLU A 1 64  ? -15.382 -4.068  -3.212  1.00 9.71  ? 65  GLU A N   1 
ATOM   495  C  CA  . GLU A 1 64  ? -16.414 -3.479  -2.394  1.00 10.26 ? 65  GLU A CA  1 
ATOM   496  C  C   . GLU A 1 64  ? -16.931 -2.192  -2.980  1.00 9.44  ? 65  GLU A C   1 
ATOM   497  O  O   . GLU A 1 64  ? -18.175 -1.975  -3.012  1.00 10.79 ? 65  GLU A O   1 
ATOM   498  C  CB  . GLU A 1 64  ? -15.880 -3.288  -0.988  1.00 11.26 ? 65  GLU A CB  1 
ATOM   499  C  CG  . GLU A 1 64  ? -15.629 -4.520  -0.171  1.00 13.88 ? 65  GLU A CG  1 
ATOM   500  C  CD  . GLU A 1 64  ? -16.748 -5.508  -0.133  1.00 20.34 ? 65  GLU A CD  1 
ATOM   501  O  OE1 . GLU A 1 64  ? -17.784 -5.026  0.288   1.00 24.29 ? 65  GLU A OE1 1 
ATOM   502  O  OE2 . GLU A 1 64  ? -16.633 -6.701  -0.578  1.00 27.88 ? 65  GLU A OE2 1 
ATOM   503  N  N   . MET A 1 65  ? -16.072 -1.317  -3.410  1.00 9.26  ? 66  MET A N   1 
ATOM   504  C  CA  . MET A 1 65  ? -16.507 -0.096  -4.040  1.00 9.64  ? 66  MET A CA  1 
ATOM   505  C  C   . MET A 1 65  ? -17.393 -0.361  -5.250  1.00 9.41  ? 66  MET A C   1 
ATOM   506  O  O   . MET A 1 65  ? -18.469 0.299   -5.411  1.00 10.61 ? 66  MET A O   1 
ATOM   507  C  CB  . MET A 1 65  ? -15.318 0.761   -4.494  1.00 8.94  ? 66  MET A CB  1 
ATOM   508  C  CG  . MET A 1 65  ? -14.607 1.471   -3.346  1.00 9.65  ? 66  MET A CG  1 
ATOM   509  S  SD  . MET A 1 65  ? -13.306 2.621   -3.933  1.00 9.47  ? 66  MET A SD  1 
ATOM   510  C  CE  . MET A 1 65  ? -11.961 1.468   -4.404  1.00 12.32 ? 66  MET A CE  1 
ATOM   511  N  N   . GLN A 1 66  ? -16.956 -1.373  -6.077  1.00 9.59  ? 67  GLN A N   1 
ATOM   512  C  CA  . GLN A 1 66  ? -17.745 -1.386  -7.314  1.00 9.98  ? 67  GLN A CA  1 
ATOM   513  C  C   . GLN A 1 66  ? -19.086 -2.057  -7.051  1.00 9.86  ? 67  GLN A C   1 
ATOM   514  O  O   . GLN A 1 66  ? -20.134 -1.597  -7.575  1.00 10.62 ? 67  GLN A O   1 
ATOM   515  C  CB  . GLN A 1 66  ? -16.993 -2.107  -8.435  1.00 20.00 ? 67  GLN A CB  1 
ATOM   516  C  CG  . GLN A 1 66  ? -17.680 -2.040  -9.789  1.00 20.00 ? 67  GLN A CG  1 
ATOM   517  C  CD  . GLN A 1 66  ? -16.831 -2.614  -10.903 1.00 20.00 ? 67  GLN A CD  1 
ATOM   518  O  OE1 . GLN A 1 66  ? -15.677 -2.987  -10.686 1.00 20.00 ? 67  GLN A OE1 1 
ATOM   519  N  NE2 . GLN A 1 66  ? -17.399 -2.689  -12.104 1.00 20.00 ? 67  GLN A NE2 1 
ATOM   520  N  N   . LYS A 1 67  ? -19.138 -3.034  -6.156  1.00 11.05 ? 68  LYS A N   1 
ATOM   521  C  CA  . LYS A 1 67  ? -20.390 -3.749  -5.832  1.00 11.60 ? 68  LYS A CA  1 
ATOM   522  C  C   . LYS A 1 67  ? -21.361 -2.842  -5.218  1.00 12.35 ? 68  LYS A C   1 
ATOM   523  O  O   . LYS A 1 67  ? -22.600 -3.009  -5.443  1.00 13.50 ? 68  LYS A O   1 
ATOM   524  C  CB  . LYS A 1 67  ? -20.031 -4.834  -4.854  1.00 16.50 ? 68  LYS A CB  1 
ATOM   525  C  CG  . LYS A 1 67  ? -21.071 -5.543  -4.189  1.00 23.35 ? 68  LYS A CG  1 
ATOM   526  C  CD  . LYS A 1 67  ? -20.363 -6.640  -3.317  1.00 29.67 ? 68  LYS A CD  1 
ATOM   527  C  CE  . LYS A 1 67  ? -21.360 -7.694  -2.884  1.00 36.32 ? 68  LYS A CE  1 
ATOM   528  N  NZ  . LYS A 1 67  ? -22.398 -8.112  -3.974  1.00 40.01 ? 68  LYS A NZ  1 
ATOM   529  N  N   . LYS A 1 68  ? -20.957 -1.818  -4.496  1.00 11.39 ? 69  LYS A N   1 
ATOM   530  C  CA  . LYS A 1 68  ? -21.846 -0.915  -3.849  1.00 11.35 ? 69  LYS A CA  1 
ATOM   531  C  C   . LYS A 1 68  ? -22.121 0.339   -4.682  1.00 11.63 ? 69  LYS A C   1 
ATOM   532  O  O   . LYS A 1 68  ? -22.866 1.227   -4.214  1.00 14.05 ? 69  LYS A O   1 
ATOM   533  C  CB  . LYS A 1 68  ? -21.289 -0.532  -2.475  1.00 12.78 ? 69  LYS A CB  1 
ATOM   534  C  CG  . LYS A 1 68  ? -21.268 -1.754  -1.548  1.00 14.79 ? 69  LYS A CG  1 
ATOM   535  C  CD  . LYS A 1 68  ? -20.599 -1.550  -0.226  1.00 20.73 ? 69  LYS A CD  1 
ATOM   536  C  CE  . LYS A 1 68  ? -20.912 -2.816  0.732   1.00 21.99 ? 69  LYS A CE  1 
ATOM   537  N  NZ  . LYS A 1 68  ? -20.369 -2.633  2.169   1.00 30.00 ? 69  LYS A NZ  1 
ATOM   538  N  N   . GLY A 1 69  ? -21.598 0.430   -5.860  1.00 11.39 ? 70  GLY A N   1 
ATOM   539  C  CA  . GLY A 1 69  ? -21.864 1.625   -6.657  1.00 11.71 ? 70  GLY A CA  1 
ATOM   540  C  C   . GLY A 1 69  ? -21.216 2.875   -6.114  1.00 10.78 ? 70  GLY A C   1 
ATOM   541  O  O   . GLY A 1 69  ? -21.755 3.985   -6.349  1.00 10.87 ? 70  GLY A O   1 
ATOM   542  N  N   . TYR A 1 70  ? -20.061 2.735   -5.457  1.00 10.26 ? 71  TYR A N   1 
ATOM   543  C  CA  . TYR A 1 70  ? -19.405 3.882   -4.871  1.00 10.69 ? 71  TYR A CA  1 
ATOM   544  C  C   . TYR A 1 70  ? -19.081 4.958   -5.968  1.00 9.84  ? 71  TYR A C   1 
ATOM   545  O  O   . TYR A 1 70  ? -18.606 4.622   -7.029  1.00 10.34 ? 71  TYR A O   1 
ATOM   546  C  CB  . TYR A 1 70  ? -18.096 3.397   -4.223  1.00 10.74 ? 71  TYR A CB  1 
ATOM   547  C  CG  . TYR A 1 70  ? -17.228 4.561   -3.754  1.00 9.88  ? 71  TYR A CG  1 
ATOM   548  C  CD1 . TYR A 1 70  ? -17.689 5.436   -2.825  1.00 10.52 ? 71  TYR A CD1 1 
ATOM   549  C  CD2 . TYR A 1 70  ? -15.944 4.738   -4.252  1.00 9.58  ? 71  TYR A CD2 1 
ATOM   550  C  CE1 . TYR A 1 70  ? -16.937 6.467   -2.382  1.00 10.62 ? 71  TYR A CE1 1 
ATOM   551  C  CE2 . TYR A 1 70  ? -15.184 5.753   -3.864  1.00 9.54  ? 71  TYR A CE2 1 
ATOM   552  C  CZ  . TYR A 1 70  ? -15.632 6.662   -2.949  1.00 9.96  ? 71  TYR A CZ  1 
ATOM   553  O  OH  . TYR A 1 70  ? -14.896 7.718   -2.495  1.00 11.80 ? 71  TYR A OH  1 
ATOM   554  N  N   . ALA A 1 71  ? -19.366 6.224   -5.668  1.00 9.06  ? 72  ALA A N   1 
ATOM   555  C  CA  . ALA A 1 71  ? -19.347 7.264   -6.645  1.00 9.21  ? 72  ALA A CA  1 
ATOM   556  C  C   . ALA A 1 71  ? -18.026 7.430   -7.378  1.00 7.91  ? 72  ALA A C   1 
ATOM   557  O  O   . ALA A 1 71  ? -17.998 7.738   -8.537  1.00 9.24  ? 72  ALA A O   1 
ATOM   558  C  CB  . ALA A 1 71  ? -19.724 8.585   -5.982  1.00 10.59 ? 72  ALA A CB  1 
ATOM   559  N  N   . ASP A 1 72  ? -16.922 7.277   -6.659  1.00 8.83  ? 73  ASP A N   1 
ATOM   560  C  CA  . ASP A 1 72  ? -15.603 7.615   -7.149  1.00 9.11  ? 73  ASP A CA  1 
ATOM   561  C  C   . ASP A 1 72  ? -14.775 6.363   -7.394  1.00 9.06  ? 73  ASP A C   1 
ATOM   562  O  O   . ASP A 1 72  ? -13.515 6.450   -7.390  1.00 9.95  ? 73  ASP A O   1 
ATOM   563  C  CB  . ASP A 1 72  ? -14.914 8.659   -6.267  1.00 12.22 ? 73  ASP A CB  1 
ATOM   564  C  CG  . ASP A 1 72  ? -15.757 10.009  -6.317  1.00 15.15 ? 73  ASP A CG  1 
ATOM   565  O  OD1 . ASP A 1 72  ? -16.049 10.522  -7.358  1.00 15.71 ? 73  ASP A OD1 1 
ATOM   566  O  OD2 . ASP A 1 72  ? -16.265 10.487  -5.246  1.00 20.08 ? 73  ASP A OD2 1 
ATOM   567  N  N   . PHE A 1 73  ? -15.405 5.244   -7.663  1.00 9.47  ? 74  PHE A N   1 
ATOM   568  C  CA  . PHE A 1 73  ? -14.673 3.978   -7.866  1.00 9.51  ? 74  PHE A CA  1 
ATOM   569  C  C   . PHE A 1 73  ? -13.651 4.031   -8.961  1.00 8.21  ? 74  PHE A C   1 
ATOM   570  O  O   . PHE A 1 73  ? -12.491 3.585   -8.735  1.00 9.42  ? 74  PHE A O   1 
ATOM   571  C  CB  . PHE A 1 73  ? -15.739 2.901   -8.200  1.00 10.50 ? 74  PHE A CB  1 
ATOM   572  C  CG  . PHE A 1 73  ? -15.142 1.644   -8.761  1.00 9.15  ? 74  PHE A CG  1 
ATOM   573  C  CD1 . PHE A 1 73  ? -14.167 0.909   -8.085  1.00 10.45 ? 74  PHE A CD1 1 
ATOM   574  C  CD2 . PHE A 1 73  ? -15.500 1.228   -10.026 1.00 13.17 ? 74  PHE A CD2 1 
ATOM   575  C  CE1 . PHE A 1 73  ? -13.602 -0.227  -8.686  1.00 12.39 ? 74  PHE A CE1 1 
ATOM   576  C  CE2 . PHE A 1 73  ? -14.871 0.146   -10.655 1.00 16.47 ? 74  PHE A CE2 1 
ATOM   577  C  CZ  . PHE A 1 73  ? -13.908 -0.627  -9.909  1.00 14.06 ? 74  PHE A CZ  1 
ATOM   578  N  N   . ALA A 1 74  ? -14.004 4.488   -10.153 1.00 9.36  ? 75  ALA A N   1 
ATOM   579  C  CA  . ALA A 1 74  ? -13.039 4.401   -11.270 1.00 10.13 ? 75  ALA A CA  1 
ATOM   580  C  C   . ALA A 1 74  ? -11.857 5.287   -11.025 1.00 9.70  ? 75  ALA A C   1 
ATOM   581  O  O   . ALA A 1 74  ? -10.690 4.834   -11.299 1.00 10.57 ? 75  ALA A O   1 
ATOM   582  C  CB  . ALA A 1 74  ? -13.739 4.761   -12.591 1.00 11.02 ? 75  ALA A CB  1 
ATOM   583  N  N   . ALA A 1 75  ? -12.037 6.445   -10.481 1.00 9.79  ? 76  ALA A N   1 
ATOM   584  C  CA  . ALA A 1 75  ? -10.856 7.345   -10.208 1.00 11.28 ? 76  ALA A CA  1 
ATOM   585  C  C   . ALA A 1 75  ? -9.998  6.698   -9.121  1.00 9.62  ? 76  ALA A C   1 
ATOM   586  O  O   . ALA A 1 75  ? -8.755  6.734   -9.187  1.00 10.32 ? 76  ALA A O   1 
ATOM   587  C  CB  . ALA A 1 75  ? -11.323 8.734   -9.769  1.00 12.79 ? 76  ALA A CB  1 
ATOM   588  N  N   . HIS A 1 76  ? -10.622 6.119   -8.120  1.00 8.65  ? 77  HIS A N   1 
ATOM   589  C  CA  . HIS A 1 76  ? -9.861  5.488   -7.047  1.00 8.50  ? 77  HIS A CA  1 
ATOM   590  C  C   . HIS A 1 76  ? -9.078  4.328   -7.574  1.00 8.98  ? 77  HIS A C   1 
ATOM   591  O  O   . HIS A 1 76  ? -7.842  4.184   -7.295  1.00 8.36  ? 77  HIS A O   1 
ATOM   592  C  CB  . HIS A 1 76  ? -10.839 5.090   -5.964  1.00 8.83  ? 77  HIS A CB  1 
ATOM   593  C  CG  . HIS A 1 76  ? -10.216 4.641   -4.701  1.00 7.95  ? 77  HIS A CG  1 
ATOM   594  N  ND1 . HIS A 1 76  ? -10.815 4.946   -3.503  1.00 8.65  ? 77  HIS A ND1 1 
ATOM   595  C  CD2 . HIS A 1 76  ? -9.116  3.886   -4.402  1.00 7.82  ? 77  HIS A CD2 1 
ATOM   596  C  CE1 . HIS A 1 76  ? -10.037 4.393   -2.542  1.00 8.31  ? 77  HIS A CE1 1 
ATOM   597  N  NE2 . HIS A 1 76  ? -9.027  3.728   -3.036  1.00 7.76  ? 77  HIS A NE2 1 
ATOM   598  N  N   . LYS A 1 77  ? -9.688  3.461   -8.379  1.00 8.50  ? 78  LYS A N   1 
ATOM   599  C  CA  . LYS A 1 77  ? -8.955  2.356   -9.000  1.00 8.82  ? 78  LYS A CA  1 
ATOM   600  C  C   . LYS A 1 77  ? -7.814  2.854   -9.819  1.00 8.75  ? 78  LYS A C   1 
ATOM   601  O  O   . LYS A 1 77  ? -6.742  2.206   -9.865  1.00 9.36  ? 78  LYS A O   1 
ATOM   602  C  CB  . LYS A 1 77  ? -9.893  1.505   -9.822  1.00 9.90  ? 78  LYS A CB  1 
ATOM   603  C  CG  . LYS A 1 77  ? -9.199  0.326   -10.478 1.00 10.77 ? 78  LYS A CG  1 
ATOM   604  C  CD  . LYS A 1 77  ? -10.149 -0.621  -11.127 1.00 14.39 ? 78  LYS A CD  1 
ATOM   605  C  CE  . LYS A 1 77  ? -9.489  -1.892  -11.644 1.00 19.02 ? 78  LYS A CE  1 
ATOM   606  N  NZ  . LYS A 1 77  ? -8.523  -1.610  -12.671 1.00 23.99 ? 78  LYS A NZ  1 
ATOM   607  N  N   . ALA A 1 78  ? -7.988  3.961   -10.540 1.00 9.38  ? 79  ALA A N   1 
ATOM   608  C  CA  . ALA A 1 78  ? -6.864  4.509   -11.338 1.00 9.35  ? 79  ALA A CA  1 
ATOM   609  C  C   . ALA A 1 78  ? -5.688  4.853   -10.487 1.00 8.44  ? 79  ALA A C   1 
ATOM   610  O  O   . ALA A 1 78  ? -4.525  4.650   -10.895 1.00 9.17  ? 79  ALA A O   1 
ATOM   611  C  CB  . ALA A 1 78  ? -7.354  5.664   -12.175 1.00 11.42 ? 79  ALA A CB  1 
ATOM   612  N  N   . GLU A 1 79  ? -5.908  5.408   -9.292  1.00 8.42  ? 80  GLU A N   1 
ATOM   613  C  CA  . GLU A 1 79  ? -4.797  5.682   -8.371  1.00 7.79  ? 80  GLU A CA  1 
ATOM   614  C  C   . GLU A 1 79  ? -4.081  4.411   -7.979  1.00 7.48  ? 80  GLU A C   1 
ATOM   615  O  O   . GLU A 1 79  ? -2.845  4.322   -7.977  1.00 8.74  ? 80  GLU A O   1 
ATOM   616  C  CB  . GLU A 1 79  ? -5.236  6.440   -7.136  1.00 8.66  ? 80  GLU A CB  1 
ATOM   617  C  CG  . GLU A 1 79  ? -5.967  7.751   -7.387  1.00 9.39  ? 80  GLU A CG  1 
ATOM   618  C  CD  . GLU A 1 79  ? -5.272  8.806   -8.202  1.00 9.61  ? 80  GLU A CD  1 
ATOM   619  O  OE1 . GLU A 1 79  ? -4.033  8.743   -8.353  1.00 10.10 ? 80  GLU A OE1 1 
ATOM   620  O  OE2 . GLU A 1 79  ? -5.994  9.748   -8.774  1.00 10.81 ? 80  GLU A OE2 1 
ATOM   621  N  N   . HIS A 1 80  ? -4.845  3.399   -7.620  1.00 7.74  ? 81  HIS A N   1 
ATOM   622  C  CA  . HIS A 1 80  ? -4.257  2.063   -7.291  1.00 7.76  ? 81  HIS A CA  1 
ATOM   623  C  C   . HIS A 1 80  ? -3.436  1.557   -8.441  1.00 7.97  ? 81  HIS A C   1 
ATOM   624  O  O   . HIS A 1 80  ? -2.277  1.086   -8.250  1.00 8.32  ? 81  HIS A O   1 
ATOM   625  C  CB  . HIS A 1 80  ? -5.333  1.042   -7.013  1.00 7.26  ? 81  HIS A CB  1 
ATOM   626  C  CG  . HIS A 1 80  ? -6.102  1.270   -5.760  1.00 7.41  ? 81  HIS A CG  1 
ATOM   627  N  ND1 . HIS A 1 80  ? -7.191  0.485   -5.461  1.00 7.97  ? 81  HIS A ND1 1 
ATOM   628  C  CD2 . HIS A 1 80  ? -5.957  2.082   -4.683  1.00 7.39  ? 81  HIS A CD2 1 
ATOM   629  C  CE1 . HIS A 1 80  ? -7.653  0.853   -4.263  1.00 7.74  ? 81  HIS A CE1 1 
ATOM   630  N  NE2 . HIS A 1 80  ? -6.891  1.814   -3.751  1.00 7.55  ? 81  HIS A NE2 1 
ATOM   631  N  N   . ASP A 1 81  ? -3.993  1.601   -9.668  1.00 8.56  ? 82  ASP A N   1 
ATOM   632  C  CA  . ASP A 1 81  ? -3.330  0.960   -10.812 1.00 9.53  ? 82  ASP A CA  1 
ATOM   633  C  C   . ASP A 1 81  ? -2.032  1.683   -11.130 1.00 9.47  ? 82  ASP A C   1 
ATOM   634  O  O   . ASP A 1 81  ? -1.040  0.962   -11.512 1.00 10.05 ? 82  ASP A O   1 
ATOM   635  C  CB  . ASP A 1 81  ? -4.261  0.915   -11.974 1.00 11.59 ? 82  ASP A CB  1 
ATOM   636  C  CG  . ASP A 1 81  ? -5.410  -0.122  -11.808 1.00 12.71 ? 82  ASP A CG  1 
ATOM   637  O  OD1 . ASP A 1 81  ? -5.340  -1.033  -11.005 1.00 16.84 ? 82  ASP A OD1 1 
ATOM   638  O  OD2 . ASP A 1 81  ? -6.367  -0.043  -12.570 1.00 16.71 ? 82  ASP A OD2 1 
ATOM   639  N  N   . LYS A 1 82  ? -1.935  2.965   -10.921 1.00 9.89  ? 83  LYS A N   1 
ATOM   640  C  CA  . LYS A 1 82  ? -0.636  3.621   -11.189 1.00 10.26 ? 83  LYS A CA  1 
ATOM   641  C  C   . LYS A 1 82  ? 0.393   3.133   -10.154 1.00 9.49  ? 83  LYS A C   1 
ATOM   642  O  O   . LYS A 1 82  ? 1.552   2.897   -10.555 1.00 11.21 ? 83  LYS A O   1 
ATOM   643  C  CB  . LYS A 1 82  ? -0.794  5.133   -11.127 1.00 11.03 ? 83  LYS A CB  1 
ATOM   644  C  CG  . LYS A 1 82  ? -1.396  5.817   -12.326 1.00 14.26 ? 83  LYS A CG  1 
ATOM   645  C  CD  . LYS A 1 82  ? -0.538  5.737   -13.520 1.00 16.98 ? 83  LYS A CD  1 
ATOM   646  C  CE  . LYS A 1 82  ? -1.256  6.563   -14.703 1.00 21.31 ? 83  LYS A CE  1 
ATOM   647  N  NZ  . LYS A 1 82  ? -0.334  6.377   -15.897 1.00 28.81 ? 83  LYS A NZ  1 
ATOM   648  N  N   . LEU A 1 83  ? 0.023   2.969   -8.887  1.00 9.08  ? 84  LEU A N   1 
ATOM   649  C  CA  . LEU A 1 83  ? 0.958   2.446   -7.916  1.00 9.14  ? 84  LEU A CA  1 
ATOM   650  C  C   . LEU A 1 83  ? 1.368   1.040   -8.242  1.00 8.86  ? 84  LEU A C   1 
ATOM   651  O  O   . LEU A 1 83  ? 2.597   0.691   -8.121  1.00 9.45  ? 84  LEU A O   1 
ATOM   652  C  CB  . LEU A 1 83  ? 0.445   2.570   -6.504  1.00 10.29 ? 84  LEU A CB  1 
ATOM   653  C  CG  . LEU A 1 83  ? 1.497   2.131   -5.476  1.00 11.53 ? 84  LEU A CG  1 
ATOM   654  C  CD1 . LEU A 1 83  ? 2.697   3.039   -5.379  1.00 11.99 ? 84  LEU A CD1 1 
ATOM   655  C  CD2 . LEU A 1 83  ? 0.942   1.896   -4.130  1.00 12.57 ? 84  LEU A CD2 1 
ATOM   656  N  N   . VAL A 1 84  ? 0.451   0.211   -8.577  1.00 8.68  ? 85  VAL A N   1 
ATOM   657  C  CA  . VAL A 1 84  ? 0.804   -1.190  -8.938  1.00 9.98  ? 85  VAL A CA  1 
ATOM   658  C  C   . VAL A 1 84  ? 1.808   -1.151  -10.090 1.00 9.49  ? 85  VAL A C   1 
ATOM   659  O  O   . VAL A 1 84  ? 2.788   -1.941  -10.059 1.00 9.93  ? 85  VAL A O   1 
ATOM   660  C  CB  . VAL A 1 84  ? -0.455  -2.020  -9.288  1.00 11.56 ? 85  VAL A CB  1 
ATOM   661  C  CG1 . VAL A 1 84  ? 0.006   -3.401  -9.715  1.00 13.58 ? 85  VAL A CG1 1 
ATOM   662  C  CG2 . VAL A 1 84  ? -1.364  -2.124  -8.092  1.00 11.96 ? 85  VAL A CG2 1 
ATOM   663  N  N   . GLY A 1 85  ? 1.636   -0.273  -11.079 1.00 10.12 ? 86  GLY A N   1 
ATOM   664  C  CA  . GLY A 1 85  ? 2.589   -0.237  -12.192 1.00 11.19 ? 86  GLY A CA  1 
ATOM   665  C  C   . GLY A 1 85  ? 3.959   0.198   -11.685 1.00 10.88 ? 86  GLY A C   1 
ATOM   666  O  O   . GLY A 1 85  ? 4.991   -0.398  -12.186 1.00 11.15 ? 86  GLY A O   1 
ATOM   667  N  N   . VAL A 1 86  ? 4.058   1.133   -10.791 1.00 10.39 ? 87  VAL A N   1 
ATOM   668  C  CA  . VAL A 1 86  ? 5.370   1.551   -10.244 1.00 10.66 ? 87  VAL A CA  1 
ATOM   669  C  C   . VAL A 1 86  ? 5.974   0.357   -9.506  1.00 9.07  ? 87  VAL A C   1 
ATOM   670  O  O   . VAL A 1 86  ? 7.202   0.101   -9.636  1.00 10.28 ? 87  VAL A O   1 
ATOM   671  C  CB  . VAL A 1 86  ? 5.148   2.739   -9.309  1.00 12.01 ? 87  VAL A CB  1 
ATOM   672  C  CG1 . VAL A 1 86  ? 6.402   3.030   -8.488  1.00 14.61 ? 87  VAL A CG1 1 
ATOM   673  C  CG2 . VAL A 1 86  ? 4.740   3.966   -10.099 1.00 13.62 ? 87  VAL A CG2 1 
ATOM   674  N  N   . CYS A 1 87  ? 5.187   -0.326  -8.687  1.00 9.73  ? 88  CYS A N   1 
ATOM   675  C  CA  . CYS A 1 87  ? 5.677   -1.460  -7.912  1.00 10.20 ? 88  CYS A CA  1 
ATOM   676  C  C   . CYS A 1 87  ? 6.140   -2.618  -8.820  1.00 9.76  ? 88  CYS A C   1 
ATOM   677  O  O   . CYS A 1 87  ? 7.237   -3.232  -8.531  1.00 10.22 ? 88  CYS A O   1 
ATOM   678  C  CB  . CYS A 1 87  ? 4.687   -1.891  -6.860  1.00 12.38 ? 88  CYS A CB  1 
ATOM   679  S  SG  . CYS A 1 87  ? 4.500   -0.750  -5.549  1.00 15.22 ? 88  CYS A SG  1 
ATOM   680  N  N   . ALA A 1 88  ? 5.382   -2.952  -9.828  1.00 9.56  ? 89  ALA A N   1 
ATOM   681  C  CA  . ALA A 1 88  ? 5.796   -3.987  -10.748 1.00 10.94 ? 89  ALA A CA  1 
ATOM   682  C  C   . ALA A 1 88  ? 7.037   -3.666  -11.452 1.00 10.19 ? 89  ALA A C   1 
ATOM   683  O  O   . ALA A 1 88  ? 7.913   -4.535  -11.664 1.00 10.95 ? 89  ALA A O   1 
ATOM   684  C  CB  . ALA A 1 88  ? 4.624   -4.276  -11.699 1.00 13.32 ? 89  ALA A CB  1 
ATOM   685  N  N   . ASP A 1 89  ? 7.223   -2.415  -11.851 1.00 10.50 ? 90  ASP A N   1 
ATOM   686  C  CA  . ASP A 1 89  ? 8.438   -1.964  -12.508 1.00 11.99 ? 90  ASP A CA  1 
ATOM   687  C  C   . ASP A 1 89  ? 9.609   -2.039  -11.574 1.00 10.47 ? 90  ASP A C   1 
ATOM   688  O  O   . ASP A 1 89  ? 10.731  -2.473  -11.998 1.00 12.01 ? 90  ASP A O   1 
ATOM   689  C  CB  . ASP A 1 89  ? 8.253   -0.563  -13.048 1.00 13.96 ? 90  ASP A CB  1 
ATOM   690  C  CG  . ASP A 1 89  ? 9.483   0.003   -13.700 1.00 20.02 ? 90  ASP A CG  1 
ATOM   691  O  OD1 . ASP A 1 89  ? 9.856   -0.530  -14.780 1.00 26.16 ? 90  ASP A OD1 1 
ATOM   692  O  OD2 . ASP A 1 89  ? 10.179  0.918   -13.136 1.00 25.03 ? 90  ASP A OD2 1 
ATOM   693  N  N   . LEU A 1 90  ? 9.435   -1.664  -10.329 1.00 10.26 ? 91  LEU A N   1 
ATOM   694  C  CA  . LEU A 1 90  ? 10.483  -1.787  -9.344  1.00 11.10 ? 91  LEU A CA  1 
ATOM   695  C  C   . LEU A 1 90  ? 10.826  -3.257  -9.167  1.00 9.59  ? 91  LEU A C   1 
ATOM   696  O  O   . LEU A 1 90  ? 12.064  -3.565  -9.107  1.00 10.72 ? 91  LEU A O   1 
ATOM   697  C  CB  . LEU A 1 90  ? 9.991   -1.211  -8.009  1.00 12.31 ? 91  LEU A CB  1 
ATOM   698  C  CG  . LEU A 1 90  ? 10.862  -1.523  -6.853  1.00 14.77 ? 91  LEU A CG  1 
ATOM   699  C  CD1 . LEU A 1 90  ? 12.180  -0.835  -7.047  1.00 19.09 ? 91  LEU A CD1 1 
ATOM   700  C  CD2 . LEU A 1 90  ? 10.188  -0.958  -5.597  1.00 16.60 ? 91  LEU A CD2 1 
ATOM   701  N  N   . GLN A 1 91  ? 9.872   -4.137  -9.048  1.00 9.91  ? 92  GLN A N   1 
ATOM   702  C  CA  . GLN A 1 91  ? 10.192  -5.547  -8.921  1.00 9.29  ? 92  GLN A CA  1 
ATOM   703  C  C   . GLN A 1 91  ? 10.962  -6.025  -10.126 1.00 9.25  ? 92  GLN A C   1 
ATOM   704  O  O   . GLN A 1 91  ? 11.953  -6.832  -9.965  1.00 10.29 ? 92  GLN A O   1 
ATOM   705  C  CB  . GLN A 1 91  ? 8.930   -6.393  -8.760  1.00 10.66 ? 92  GLN A CB  1 
ATOM   706  C  CG  . GLN A 1 91  ? 8.313   -6.276  -7.356  1.00 10.75 ? 92  GLN A CG  1 
ATOM   707  C  CD  . GLN A 1 91  ? 7.085   -7.112  -7.274  1.00 11.54 ? 92  GLN A CD  1 
ATOM   708  O  OE1 . GLN A 1 91  ? 6.125   -6.838  -8.059  1.00 17.87 ? 92  GLN A OE1 1 
ATOM   709  N  NE2 . GLN A 1 91  ? 7.003   -7.986  -6.347  1.00 12.42 ? 92  GLN A NE2 1 
ATOM   710  N  N   . LYS A 1 92  ? 10.572  -5.662  -11.317 1.00 9.75  ? 93  LYS A N   1 
ATOM   711  C  CA  . LYS A 1 92  ? 11.275  -6.132  -12.511 1.00 10.41 ? 93  LYS A CA  1 
ATOM   712  C  C   . LYS A 1 92  ? 12.721  -5.673  -12.403 1.00 9.76  ? 93  LYS A C   1 
ATOM   713  O  O   . LYS A 1 92  ? 13.662  -6.491  -12.652 1.00 11.60 ? 93  LYS A O   1 
ATOM   714  C  CB  . LYS A 1 92  ? 10.598  -5.598  -13.751 1.00 13.26 ? 93  LYS A CB  1 
ATOM   715  C  CG  . LYS A 1 92  ? 9.221   -6.403  -14.025 1.00 17.56 ? 93  LYS A CG  1 
ATOM   716  C  CD  . LYS A 1 92  ? 8.362   -5.646  -15.057 1.00 23.12 ? 93  LYS A CD  1 
ATOM   717  C  CE  . LYS A 1 92  ? 6.980   -6.146  -14.942 1.00 16.41 ? 93  LYS A CE  1 
ATOM   718  N  NZ  . LYS A 1 92  ? 6.159   -5.204  -15.901 1.00 22.33 ? 93  LYS A NZ  1 
ATOM   719  N  N   . LYS A 1 93  ? 12.969  -4.447  -12.140 1.00 10.56 ? 94  LYS A N   1 
ATOM   720  C  CA  . LYS A 1 93  ? 14.343  -3.929  -12.097 1.00 10.76 ? 94  LYS A CA  1 
ATOM   721  C  C   . LYS A 1 93  ? 15.108  -4.507  -10.928 1.00 9.66  ? 94  LYS A C   1 
ATOM   722  O  O   . LYS A 1 93  ? 16.316  -4.910  -11.120 1.00 10.87 ? 94  LYS A O   1 
ATOM   723  C  CB  . LYS A 1 93  ? 14.387  -2.402  -12.080 1.00 12.42 ? 94  LYS A CB  1 
ATOM   724  C  CG  . LYS A 1 93  ? 13.908  -1.810  -13.345 1.00 16.17 ? 94  LYS A CG  1 
ATOM   725  C  CD  . LYS A 1 93  ? 13.615  -0.353  -13.121 1.00 23.78 ? 94  LYS A CD  1 
ATOM   726  C  CE  . LYS A 1 93  ? 13.524  0.535   -14.358 1.00 29.89 ? 94  LYS A CE  1 
ATOM   727  N  NZ  . LYS A 1 93  ? 12.635  -0.022  -15.420 1.00 32.24 ? 94  LYS A NZ  1 
ATOM   728  N  N   . PHE A 1 94  ? 14.509  -4.657  -9.753  1.00 9.04  ? 95  PHE A N   1 
ATOM   729  C  CA  . PHE A 1 94  ? 15.200  -5.200  -8.610  1.00 9.06  ? 95  PHE A CA  1 
ATOM   730  C  C   . PHE A 1 94  ? 15.600  -6.676  -8.894  1.00 8.57  ? 95  PHE A C   1 
ATOM   731  O  O   . PHE A 1 94  ? 16.748  -7.075  -8.648  1.00 9.33  ? 95  PHE A O   1 
ATOM   732  C  CB  . PHE A 1 94  ? 14.304  -5.113  -7.373  1.00 9.56  ? 95  PHE A CB  1 
ATOM   733  C  CG  . PHE A 1 94  ? 14.918  -5.803  -6.193  1.00 9.76  ? 95  PHE A CG  1 
ATOM   734  C  CD1 . PHE A 1 94  ? 15.862  -5.187  -5.397  1.00 11.12 ? 95  PHE A CD1 1 
ATOM   735  C  CD2 . PHE A 1 94  ? 14.588  -7.109  -5.893  1.00 11.40 ? 95  PHE A CD2 1 
ATOM   736  C  CE1 . PHE A 1 94  ? 16.396  -5.840  -4.340  1.00 11.70 ? 95  PHE A CE1 1 
ATOM   737  C  CE2 . PHE A 1 94  ? 15.159  -7.807  -4.848  1.00 11.90 ? 95  PHE A CE2 1 
ATOM   738  C  CZ  . PHE A 1 94  ? 16.082  -7.107  -4.052  1.00 11.36 ? 95  PHE A CZ  1 
ATOM   739  N  N   . HIS A 1 95  ? 14.645  -7.454  -9.395  1.00 8.85  ? 96  HIS A N   1 
ATOM   740  C  CA  . HIS A 1 95  ? 14.906  -8.842  -9.641  1.00 9.19  ? 96  HIS A CA  1 
ATOM   741  C  C   . HIS A 1 95  ? 15.783  -9.062  -10.833 1.00 10.38 ? 96  HIS A C   1 
ATOM   742  O  O   . HIS A 1 95  ? 16.403  -10.195 -10.930 1.00 14.87 ? 96  HIS A O   1 
ATOM   743  C  CB  . HIS A 1 95  ? 13.643  -9.677  -9.693  1.00 10.01 ? 96  HIS A CB  1 
ATOM   744  C  CG  . HIS A 1 95  ? 12.934  -9.762  -8.374  1.00 10.58 ? 96  HIS A CG  1 
ATOM   745  N  ND1 . HIS A 1 95  ? 13.513  -10.337 -7.262  1.00 12.75 ? 96  HIS A ND1 1 
ATOM   746  C  CD2 . HIS A 1 95  ? 11.664  -9.378  -8.006  1.00 12.32 ? 96  HIS A CD2 1 
ATOM   747  C  CE1 . HIS A 1 95  ? 12.603  -10.283 -6.253  1.00 12.85 ? 96  HIS A CE1 1 
ATOM   748  N  NE2 . HIS A 1 95  ? 11.488  -9.709  -6.681  1.00 13.06 ? 96  HIS A NE2 1 
ATOM   749  N  N   . ALA A 1 96  ? 16.047  -8.099  -11.632 1.00 9.28  ? 97  ALA A N   1 
ATOM   750  C  CA  . ALA A 1 96  ? 17.058  -8.144  -12.724 1.00 9.80  ? 97  ALA A CA  1 
ATOM   751  C  C   . ALA A 1 96  ? 18.385  -7.680  -12.243 1.00 10.11 ? 97  ALA A C   1 
ATOM   752  O  O   . ALA A 1 96  ? 19.372  -7.733  -13.004 1.00 11.22 ? 97  ALA A O   1 
ATOM   753  C  CB  . ALA A 1 96  ? 16.606  -7.342  -13.896 1.00 10.61 ? 97  ALA A CB  1 
ATOM   754  N  N   . GLY A 1 97  ? 18.518  -7.197  -10.999 1.00 10.48 ? 98  GLY A N   1 
ATOM   755  C  CA  . GLY A 1 97  ? 19.774  -6.638  -10.532 1.00 11.86 ? 98  GLY A CA  1 
ATOM   756  C  C   . GLY A 1 97  ? 20.041  -5.273  -11.047 1.00 11.33 ? 98  GLY A C   1 
ATOM   757  O  O   . GLY A 1 97  ? 21.215  -4.780  -10.870 1.00 14.61 ? 98  GLY A O   1 
ATOM   758  N  N   . GLU A 1 98  ? 19.063  -4.580  -11.637 1.00 11.61 ? 99  GLU A N   1 
ATOM   759  C  CA  . GLU A 1 98  ? 19.248  -3.301  -12.264 1.00 13.39 ? 99  GLU A CA  1 
ATOM   760  C  C   . GLU A 1 98  ? 18.928  -2.101  -11.376 1.00 14.67 ? 99  GLU A C   1 
ATOM   761  O  O   . GLU A 1 98  ? 19.367  -0.955  -11.686 1.00 17.42 ? 99  GLU A O   1 
ATOM   762  C  CB  . GLU A 1 98  ? 18.367  -3.172  -13.504 1.00 14.25 ? 99  GLU A CB  1 
ATOM   763  C  CG  . GLU A 1 98  ? 18.691  -4.184  -14.583 1.00 15.59 ? 99  GLU A CG  1 
ATOM   764  C  CD  . GLU A 1 98  ? 17.568  -4.274  -15.628 1.00 23.72 ? 99  GLU A CD  1 
ATOM   765  O  OE1 . GLU A 1 98  ? 16.447  -3.662  -15.524 1.00 24.82 ? 99  GLU A OE1 1 
ATOM   766  O  OE2 . GLU A 1 98  ? 17.714  -5.076  -16.584 1.00 21.04 ? 99  GLU A OE2 1 
ATOM   767  N  N   . ALA A 1 99  ? 18.281  -2.366  -10.236 1.00 13.34 ? 100 ALA A N   1 
ATOM   768  C  CA  . ALA A 1 99  ? 17.961  -1.309  -9.244  1.00 15.00 ? 100 ALA A CA  1 
ATOM   769  C  C   . ALA A 1 99  ? 18.035  -1.922  -7.900  1.00 12.27 ? 100 ALA A C   1 
ATOM   770  O  O   . ALA A 1 99  ? 17.829  -3.074  -7.719  1.00 13.96 ? 100 ALA A O   1 
ATOM   771  C  CB  . ALA A 1 99  ? 16.560  -0.798  -9.520  1.00 20.04 ? 100 ALA A CB  1 
ATOM   772  N  N   . GLU A 1 100 ? 18.300  -1.062  -6.902  1.00 14.09 ? 101 GLU A N   1 
ATOM   773  C  CA  . GLU A 1 100 ? 18.348  -1.469  -5.521  1.00 14.19 ? 101 GLU A CA  1 
ATOM   774  C  C   . GLU A 1 100 ? 17.109  -0.968  -4.812  1.00 13.25 ? 101 GLU A C   1 
ATOM   775  O  O   . GLU A 1 100 ? 16.473  -0.002  -5.285  1.00 15.69 ? 101 GLU A O   1 
ATOM   776  C  CB  . GLU A 1 100 ? 19.558  -0.920  -4.800  1.00 15.66 ? 101 GLU A CB  1 
ATOM   777  C  CG  . GLU A 1 100 ? 20.905  -1.404  -5.379  1.00 19.62 ? 101 GLU A CG  1 
ATOM   778  C  CD  . GLU A 1 100 ? 20.997  -2.920  -5.503  1.00 19.68 ? 101 GLU A CD  1 
ATOM   779  O  OE1 . GLU A 1 100 ? 20.335  -3.768  -4.842  1.00 20.84 ? 101 GLU A OE1 1 
ATOM   780  O  OE2 . GLU A 1 100 ? 21.716  -3.379  -6.426  1.00 26.36 ? 101 GLU A OE2 1 
ATOM   781  N  N   . VAL A 1 101 ? 16.742  -1.630  -3.753  1.00 11.46 ? 102 VAL A N   1 
ATOM   782  C  CA  . VAL A 1 101 ? 15.720  -1.153  -2.847  1.00 10.11 ? 102 VAL A CA  1 
ATOM   783  C  C   . VAL A 1 101 ? 16.434  -0.589  -1.633  1.00 9.60  ? 102 VAL A C   1 
ATOM   784  O  O   . VAL A 1 101 ? 17.302  -1.264  -1.058  1.00 13.02 ? 102 VAL A O   1 
ATOM   785  C  CB  . VAL A 1 101 ? 14.763  -2.296  -2.537  1.00 13.09 ? 102 VAL A CB  1 
ATOM   786  C  CG1 . VAL A 1 101 ? 13.927  -1.977  -1.342  1.00 13.80 ? 102 VAL A CG1 1 
ATOM   787  C  CG2 . VAL A 1 101 ? 13.908  -2.539  -3.850  1.00 15.68 ? 102 VAL A CG2 1 
ATOM   788  N  N   . ASN A 1 102 ? 16.058  0.625   -1.226  1.00 9.05  ? 103 ASN A N   1 
ATOM   789  C  CA  . ASN A 1 102 ? 16.693  1.292   -0.091  1.00 8.55  ? 103 ASN A CA  1 
ATOM   790  C  C   . ASN A 1 102 ? 15.619  2.059   0.652   1.00 7.49  ? 103 ASN A C   1 
ATOM   791  O  O   . ASN A 1 102 ? 14.415  1.914   0.358   1.00 8.28  ? 103 ASN A O   1 
ATOM   792  C  CB  . ASN A 1 102 ? 17.861  2.087   -0.568  1.00 9.11  ? 103 ASN A CB  1 
ATOM   793  C  CG  . ASN A 1 102 ? 17.451  3.120   -1.555  1.00 8.89  ? 103 ASN A CG  1 
ATOM   794  O  OD1 . ASN A 1 102 ? 16.362  3.716   -1.473  1.00 10.22 ? 103 ASN A OD1 1 
ATOM   795  N  ND2 . ASN A 1 102 ? 18.307  3.381   -2.563  1.00 11.04 ? 103 ASN A ND2 1 
ATOM   796  N  N   . GLN A 1 103 ? 16.005  2.827   1.647   1.00 8.22  ? 104 GLN A N   1 
ATOM   797  C  CA  . GLN A 1 103 ? 15.030  3.509   2.469   1.00 8.00  ? 104 GLN A CA  1 
ATOM   798  C  C   . GLN A 1 103 ? 14.320  4.655   1.686   1.00 8.73  ? 104 GLN A C   1 
ATOM   799  O  O   . GLN A 1 103 ? 13.287  5.172   2.177   1.00 8.63  ? 104 GLN A O   1 
ATOM   800  C  CB  . GLN A 1 103 ? 15.574  4.009   3.778   1.00 8.30  ? 104 GLN A CB  1 
ATOM   801  C  CG  . GLN A 1 103 ? 15.885  2.849   4.705   1.00 8.55  ? 104 GLN A CG  1 
ATOM   802  C  CD  . GLN A 1 103 ? 16.173  3.250   6.137   1.00 8.46  ? 104 GLN A CD  1 
ATOM   803  O  OE1 . GLN A 1 103 ? 16.591  4.407   6.408   1.00 8.91  ? 104 GLN A OE1 1 
ATOM   804  N  NE2 . GLN A 1 103 ? 15.955  2.336   7.054   1.00 9.19  ? 104 GLN A NE2 1 
ATOM   805  N  N   . ASP A 1 104 ? 14.851  5.080   0.510   1.00 8.45  ? 105 ASP A N   1 
ATOM   806  C  CA  . ASP A 1 104 ? 14.007  5.960   -0.299  1.00 8.74  ? 105 ASP A CA  1 
ATOM   807  C  C   . ASP A 1 104 ? 12.865  5.212   -0.925  1.00 8.31  ? 105 ASP A C   1 
ATOM   808  O  O   . ASP A 1 104 ? 11.783  5.810   -1.147  1.00 9.17  ? 105 ASP A O   1 
ATOM   809  C  CB  . ASP A 1 104 ? 14.819  6.603   -1.420  1.00 9.73  ? 105 ASP A CB  1 
ATOM   810  C  CG  . ASP A 1 104 ? 15.769  7.633   -0.947  1.00 11.28 ? 105 ASP A CG  1 
ATOM   811  O  OD1 . ASP A 1 104 ? 16.078  7.767   0.209   1.00 13.13 ? 105 ASP A OD1 1 
ATOM   812  O  OD2 . ASP A 1 104 ? 16.158  8.434   -1.849  1.00 20.75 ? 105 ASP A OD2 1 
ATOM   813  N  N   . THR A 1 105 ? 13.020  3.912   -1.184  1.00 8.41  ? 106 THR A N   1 
ATOM   814  C  CA  . THR A 1 105 ? 11.930  3.149   -1.722  1.00 8.83  ? 106 THR A CA  1 
ATOM   815  C  C   . THR A 1 105 ? 10.792  3.072   -0.716  1.00 8.24  ? 106 THR A C   1 
ATOM   816  O  O   . THR A 1 105 ? 9.599   3.293   -1.031  1.00 8.53  ? 106 THR A O   1 
ATOM   817  C  CB  . THR A 1 105 ? 12.385  1.686   -2.029  1.00 9.81  ? 106 THR A CB  1 
ATOM   818  O  OG1 . THR A 1 105 ? 13.674  1.700   -2.666  1.00 11.05 ? 106 THR A OG1 1 
ATOM   819  C  CG2 . THR A 1 105 ? 11.299  0.980   -2.818  1.00 12.58 ? 106 THR A CG2 1 
ATOM   820  N  N   . THR A 1 106 ? 11.137  2.728   0.548   1.00 8.65  ? 107 THR A N   1 
ATOM   821  C  CA  . THR A 1 106 ? 10.105  2.640   1.598   1.00 8.23  ? 107 THR A CA  1 
ATOM   822  C  C   . THR A 1 106 ? 9.559   3.980   1.960   1.00 7.39  ? 107 THR A C   1 
ATOM   823  O  O   . THR A 1 106 ? 8.326   4.067   2.205   1.00 7.87  ? 107 THR A O   1 
ATOM   824  C  CB  . THR A 1 106 ? 10.665  1.882   2.783   1.00 8.04  ? 107 THR A CB  1 
ATOM   825  O  OG1 . THR A 1 106 ? 11.947  2.362   3.078   1.00 9.42  ? 107 THR A OG1 1 
ATOM   826  C  CG2 . THR A 1 106 ? 10.708  0.396   2.502   1.00 11.75 ? 107 THR A CG2 1 
ATOM   827  N  N   . ARG A 1 107 ? 10.355  5.061   1.956   1.00 7.35  ? 108 ARG A N   1 
ATOM   828  C  CA  . ARG A 1 107 ? 9.736   6.382   2.166   1.00 7.96  ? 108 ARG A CA  1 
ATOM   829  C  C   . ARG A 1 107 ? 8.812   6.762   1.048   1.00 7.35  ? 108 ARG A C   1 
ATOM   830  O  O   . ARG A 1 107 ? 7.792   7.455   1.320   1.00 8.10  ? 108 ARG A O   1 
ATOM   831  C  CB  . ARG A 1 107 ? 10.785  7.451   2.396   1.00 8.22  ? 108 ARG A CB  1 
ATOM   832  C  CG  . ARG A 1 107 ? 11.380  7.475   3.773   1.00 8.94  ? 108 ARG A CG  1 
ATOM   833  C  CD  . ARG A 1 107 ? 12.264  8.675   3.999   1.00 9.70  ? 108 ARG A CD  1 
ATOM   834  N  NE  . ARG A 1 107 ? 13.498  8.550   3.247   1.00 10.33 ? 108 ARG A NE  1 
ATOM   835  C  CZ  . ARG A 1 107 ? 14.638  8.013   3.844   1.00 9.59  ? 108 ARG A CZ  1 
ATOM   836  N  NH1 . ARG A 1 107 ? 14.677  7.684   5.028   1.00 11.34 ? 108 ARG A NH1 1 
ATOM   837  N  NH2 . ARG A 1 107 ? 15.702  7.851   3.081   1.00 10.99 ? 108 ARG A NH2 1 
ATOM   838  N  N   . PHE A 1 108 ? 9.037   6.347   -0.187  1.00 7.57  ? 109 PHE A N   1 
ATOM   839  C  CA  . PHE A 1 108 ? 8.090   6.628   -1.262  1.00 8.26  ? 109 PHE A CA  1 
ATOM   840  C  C   . PHE A 1 108 ? 6.782   5.922   -0.979  1.00 7.00  ? 109 PHE A C   1 
ATOM   841  O  O   . PHE A 1 108 ? 5.690   6.511   -1.117  1.00 7.73  ? 109 PHE A O   1 
ATOM   842  C  CB  . PHE A 1 108 ? 8.667   6.231   -2.624  1.00 8.55  ? 109 PHE A CB  1 
ATOM   843  C  CG  . PHE A 1 108 ? 7.588   6.216   -3.678  1.00 8.45  ? 109 PHE A CG  1 
ATOM   844  C  CD1 . PHE A 1 108 ? 7.058   7.441   -4.152  1.00 11.33 ? 109 PHE A CD1 1 
ATOM   845  C  CD2 . PHE A 1 108 ? 6.989   5.046   -4.062  1.00 9.37  ? 109 PHE A CD2 1 
ATOM   846  C  CE1 . PHE A 1 108 ? 5.935   7.399   -5.030  1.00 13.64 ? 109 PHE A CE1 1 
ATOM   847  C  CE2 . PHE A 1 108 ? 5.935   5.039   -4.962  1.00 11.17 ? 109 PHE A CE2 1 
ATOM   848  C  CZ  . PHE A 1 108 ? 5.412   6.231   -5.418  1.00 14.84 ? 109 PHE A CZ  1 
ATOM   849  N  N   . VAL A 1 109 ? 6.828   4.623   -0.650  1.00 7.45  ? 110 VAL A N   1 
ATOM   850  C  CA  . VAL A 1 109 ? 5.616   3.891   -0.349  1.00 7.61  ? 110 VAL A CA  1 
ATOM   851  C  C   . VAL A 1 109 ? 4.880   4.565   0.826   1.00 7.07  ? 110 VAL A C   1 
ATOM   852  O  O   . VAL A 1 109 ? 3.651   4.734   0.764   1.00 7.52  ? 110 VAL A O   1 
ATOM   853  C  CB  . VAL A 1 109 ? 5.907   2.393   -0.111  1.00 7.97  ? 110 VAL A CB  1 
ATOM   854  C  CG1 . VAL A 1 109 ? 4.644   1.671   0.318   1.00 9.59  ? 110 VAL A CG1 1 
ATOM   855  C  CG2 . VAL A 1 109 ? 6.463   1.764   -1.352  1.00 9.46  ? 110 VAL A CG2 1 
ATOM   856  N  N   . ARG A 1 110 ? 5.618   4.923   1.860   1.00 6.96  ? 111 ARG A N   1 
ATOM   857  C  CA  . ARG A 1 110 ? 5.026   5.646   2.975   1.00 7.37  ? 111 ARG A CA  1 
ATOM   858  C  C   . ARG A 1 110 ? 4.338   6.922   2.497   1.00 7.43  ? 111 ARG A C   1 
ATOM   859  O  O   . ARG A 1 110 ? 3.189   7.201   2.879   1.00 7.67  ? 111 ARG A O   1 
ATOM   860  C  CB  . ARG A 1 110 ? 6.096   5.915   4.012   1.00 7.85  ? 111 ARG A CB  1 
ATOM   861  C  CG  . ARG A 1 110 ? 5.659   6.693   5.264   1.00 8.93  ? 111 ARG A CG  1 
ATOM   862  C  CD  . ARG A 1 110 ? 5.503   8.213   5.114   1.00 8.96  ? 111 ARG A CD  1 
ATOM   863  N  NE  . ARG A 1 110 ? 6.637   8.869   4.554   1.00 9.70  ? 111 ARG A NE  1 
ATOM   864  C  CZ  . ARG A 1 110 ? 7.716   9.166   5.229   1.00 9.04  ? 111 ARG A CZ  1 
ATOM   865  N  NH1 . ARG A 1 110 ? 7.886   8.855   6.492   1.00 9.64  ? 111 ARG A NH1 1 
ATOM   866  N  NH2 . ARG A 1 110 ? 8.674   9.787   4.526   1.00 11.14 ? 111 ARG A NH2 1 
ATOM   867  N  N   . ASP A 1 111 ? 5.021   7.742   1.699   1.00 7.55  ? 112 ASP A N   1 
ATOM   868  C  CA  . ASP A 1 111 ? 4.445   8.965   1.178   1.00 7.51  ? 112 ASP A CA  1 
ATOM   869  C  C   . ASP A 1 111 ? 3.146   8.691   0.448   1.00 7.14  ? 112 ASP A C   1 
ATOM   870  O  O   . ASP A 1 111 ? 2.133   9.419   0.622   1.00 8.50  ? 112 ASP A O   1 
ATOM   871  C  CB  . ASP A 1 111 ? 5.411   9.700   0.279   1.00 8.44  ? 112 ASP A CB  1 
ATOM   872  C  CG  . ASP A 1 111 ? 6.576   10.293  0.967   1.00 9.74  ? 112 ASP A CG  1 
ATOM   873  O  OD1 . ASP A 1 111 ? 6.569   10.431  2.210   1.00 10.46 ? 112 ASP A OD1 1 
ATOM   874  O  OD2 . ASP A 1 111 ? 7.561   10.730  0.283   1.00 11.94 ? 112 ASP A OD2 1 
ATOM   875  N  N   . TRP A 1 112 ? 3.163   7.668   -0.415  1.00 7.33  ? 113 TRP A N   1 
ATOM   876  C  CA  . TRP A 1 112 ? 1.972   7.350   -1.190  1.00 7.64  ? 113 TRP A CA  1 
ATOM   877  C  C   . TRP A 1 112 ? 0.834   6.996   -0.239  1.00 6.64  ? 113 TRP A C   1 
ATOM   878  O  O   . TRP A 1 112 ? -0.317  7.489   -0.427  1.00 7.26  ? 113 TRP A O   1 
ATOM   879  C  CB  . TRP A 1 112 ? 2.283   6.199   -2.157  1.00 7.87  ? 113 TRP A CB  1 
ATOM   880  C  CG  . TRP A 1 112 ? 1.177   5.931   -3.119  1.00 7.76  ? 113 TRP A CG  1 
ATOM   881  C  CD1 . TRP A 1 112 ? 1.071   6.457   -4.394  1.00 8.80  ? 113 TRP A CD1 1 
ATOM   882  C  CD2 . TRP A 1 112 ? -0.001  5.177   -2.898  1.00 7.50  ? 113 TRP A CD2 1 
ATOM   883  N  NE1 . TRP A 1 112 ? -0.060  6.034   -4.977  1.00 9.19  ? 113 TRP A NE1 1 
ATOM   884  C  CE2 . TRP A 1 112 ? -0.764  5.249   -4.087  1.00 8.31  ? 113 TRP A CE2 1 
ATOM   885  C  CE3 . TRP A 1 112 ? -0.488  4.404   -1.875  1.00 7.91  ? 113 TRP A CE3 1 
ATOM   886  C  CZ2 . TRP A 1 112 ? -1.996  4.616   -4.245  1.00 8.81  ? 113 TRP A CZ2 1 
ATOM   887  C  CZ3 . TRP A 1 112 ? -1.693  3.768   -1.994  1.00 7.96  ? 113 TRP A CZ3 1 
ATOM   888  C  CH2 . TRP A 1 112 ? -2.435  3.890   -3.204  1.00 8.33  ? 113 TRP A CH2 1 
ATOM   889  N  N   . LEU A 1 113 ? 1.095   6.162   0.756   1.00 6.69  ? 114 LEU A N   1 
ATOM   890  C  CA  . LEU A 1 113 ? 0.059   5.692   1.671   1.00 7.47  ? 114 LEU A CA  1 
ATOM   891  C  C   . LEU A 1 113 ? -0.480  6.834   2.523   1.00 7.32  ? 114 LEU A C   1 
ATOM   892  O  O   . LEU A 1 113 ? -1.721  6.894   2.747   1.00 8.12  ? 114 LEU A O   1 
ATOM   893  C  CB  . LEU A 1 113 ? 0.603   4.622   2.594   1.00 7.86  ? 114 LEU A CB  1 
ATOM   894  C  CG  . LEU A 1 113 ? 0.925   3.249   1.898   1.00 7.76  ? 114 LEU A CG  1 
ATOM   895  C  CD1 . LEU A 1 113 ? 1.820   2.424   2.823   1.00 8.31  ? 114 LEU A CD1 1 
ATOM   896  C  CD2 . LEU A 1 113 ? -0.394  2.522   1.612   1.00 8.99  ? 114 LEU A CD2 1 
ATOM   897  N  N   . VAL A 1 114 ? 0.393   7.666   3.058   1.00 8.02  ? 115 VAL A N   1 
ATOM   898  C  CA  . VAL A 1 114 ? -0.042  8.705   3.966   1.00 8.55  ? 115 VAL A CA  1 
ATOM   899  C  C   . VAL A 1 114 ? -0.871  9.765   3.239   1.00 8.64  ? 115 VAL A C   1 
ATOM   900  O  O   . VAL A 1 114 ? -1.625  10.493  3.903   1.00 9.63  ? 115 VAL A O   1 
ATOM   901  C  CB  . VAL A 1 114 ? 1.044   9.256   4.839   1.00 10.38 ? 115 VAL A CB  1 
ATOM   902  C  CG1 . VAL A 1 114 ? 1.671   8.087   5.685   1.00 10.84 ? 115 VAL A CG1 1 
ATOM   903  C  CG2 . VAL A 1 114 ? 1.888   10.026  4.208   1.00 12.21 ? 115 VAL A CG2 1 
ATOM   904  N  N   . ASN A 1 115 ? -0.650  9.921   1.895   1.00 8.00  ? 116 ASN A N   1 
ATOM   905  C  CA  . ASN A 1 115 ? -1.575  10.747  1.136   1.00 7.93  ? 116 ASN A CA  1 
ATOM   906  C  C   . ASN A 1 115 ? -2.839  9.988   0.741   1.00 7.66  ? 116 ASN A C   1 
ATOM   907  O  O   . ASN A 1 115 ? -3.917  10.576  0.660   1.00 8.87  ? 116 ASN A O   1 
ATOM   908  C  CB  . ASN A 1 115 ? -0.890  11.311  -0.109  1.00 20.00 ? 116 ASN A CB  1 
ATOM   909  C  CG  . ASN A 1 115 ? 0.138   12.375  0.222   1.00 20.00 ? 116 ASN A CG  1 
ATOM   910  O  OD1 . ASN A 1 115 ? -0.209  13.514  0.538   1.00 20.00 ? 116 ASN A OD1 1 
ATOM   911  N  ND2 . ASN A 1 115 ? 1.413   12.009  0.152   1.00 20.00 ? 116 ASN A ND2 1 
ATOM   912  N  N   . HIS A 1 116 ? -2.700  8.771   0.225   1.00 6.91  ? 117 HIS A N   1 
ATOM   913  C  CA  . HIS A 1 116 ? -3.855  8.087   -0.332  1.00 7.29  ? 117 HIS A CA  1 
ATOM   914  C  C   . HIS A 1 116 ? -4.900  7.744   0.727   1.00 7.23  ? 117 HIS A C   1 
ATOM   915  O  O   . HIS A 1 116 ? -6.100  7.860   0.468   1.00 7.54  ? 117 HIS A O   1 
ATOM   916  C  CB  . HIS A 1 116 ? -3.375  6.734   -0.935  1.00 7.18  ? 117 HIS A CB  1 
ATOM   917  C  CG  . HIS A 1 116 ? -4.456  5.947   -1.614  1.00 7.29  ? 117 HIS A CG  1 
ATOM   918  N  ND1 . HIS A 1 116 ? -4.872  6.178   -2.910  1.00 7.45  ? 117 HIS A ND1 1 
ATOM   919  C  CD2 . HIS A 1 116 ? -5.202  4.925   -1.141  1.00 7.58  ? 117 HIS A CD2 1 
ATOM   920  C  CE1 . HIS A 1 116 ? -5.821  5.290   -3.200  1.00 7.37  ? 117 HIS A CE1 1 
ATOM   921  N  NE2 . HIS A 1 116 ? -6.062  4.499   -2.175  1.00 7.42  ? 117 HIS A NE2 1 
ATOM   922  N  N   . ILE A 1 117 ? -4.481  7.269   1.892   1.00 7.01  ? 118 ILE A N   1 
ATOM   923  C  CA  . ILE A 1 117 ? -5.465  6.804   2.845   1.00 7.34  ? 118 ILE A CA  1 
ATOM   924  C  C   . ILE A 1 117 ? -6.383  7.949   3.305   1.00 7.56  ? 118 ILE A C   1 
ATOM   925  O  O   . ILE A 1 117 ? -7.597  7.838   3.250   1.00 8.16  ? 118 ILE A O   1 
ATOM   926  C  CB  . ILE A 1 117 ? -4.843  5.992   3.976   1.00 7.30  ? 118 ILE A CB  1 
ATOM   927  C  CG1 . ILE A 1 117 ? -4.256  4.701   3.428   1.00 8.22  ? 118 ILE A CG1 1 
ATOM   928  C  CG2 . ILE A 1 117 ? -5.905  5.718   5.058   1.00 9.10  ? 118 ILE A CG2 1 
ATOM   929  C  CD1 . ILE A 1 117 ? -3.317  4.000   4.387   1.00 8.70  ? 118 ILE A CD1 1 
ATOM   930  N  N   . PRO A 1 118 ? -5.848  9.112   3.709   1.00 8.45  ? 119 PRO A N   1 
ATOM   931  C  CA  . PRO A 1 118 ? -6.748  10.195  4.184   1.00 9.50  ? 119 PRO A CA  1 
ATOM   932  C  C   . PRO A 1 118 ? -7.482  10.848  3.038   1.00 9.22  ? 119 PRO A C   1 
ATOM   933  O  O   . PRO A 1 118 ? -8.620  11.314  3.271   1.00 11.40 ? 119 PRO A O   1 
ATOM   934  C  CB  . PRO A 1 118 ? -5.800  11.196  4.827   1.00 10.50 ? 119 PRO A CB  1 
ATOM   935  C  CG  . PRO A 1 118 ? -4.565  10.427  5.148   1.00 11.09 ? 119 PRO A CG  1 
ATOM   936  C  CD  . PRO A 1 118 ? -4.451  9.449   4.068   1.00 8.59  ? 119 PRO A CD  1 
ATOM   937  N  N   . LYS A 1 119 ? -6.882  10.992  1.856   1.00 9.40  ? 120 LYS A N   1 
ATOM   938  C  CA  . LYS A 1 119 ? -7.473  11.813  0.803   1.00 9.47  ? 120 LYS A CA  1 
ATOM   939  C  C   . LYS A 1 119 ? -8.305  11.025  -0.183  1.00 9.30  ? 120 LYS A C   1 
ATOM   940  O  O   . LYS A 1 119 ? -9.065  11.647  -0.997  1.00 10.43 ? 120 LYS A O   1 
ATOM   941  C  CB  . LYS A 1 119 ? -6.421  12.654  0.048   1.00 10.77 ? 120 LYS A CB  1 
ATOM   942  C  CG  . LYS A 1 119 ? -5.669  13.544  0.945   1.00 13.62 ? 120 LYS A CG  1 
ATOM   943  C  CD  . LYS A 1 119 ? -4.765  14.522  0.504   1.00 24.33 ? 120 LYS A CD  1 
ATOM   944  C  CE  . LYS A 1 119 ? -4.187  15.174  1.792   1.00 36.58 ? 120 LYS A CE  1 
ATOM   945  N  NZ  . LYS A 1 119 ? -2.829  14.645  2.192   1.00 38.26 ? 120 LYS A NZ  1 
ATOM   946  N  N   . VAL A 1 120 ? -8.109  9.698   -0.202  1.00 8.63  ? 121 VAL A N   1 
ATOM   947  C  CA  . VAL A 1 120 ? -8.789  8.868   -1.186  1.00 8.16  ? 121 VAL A CA  1 
ATOM   948  C  C   . VAL A 1 120 ? -9.585  7.792   -0.460  1.00 7.17  ? 121 VAL A C   1 
ATOM   949  O  O   . VAL A 1 120 ? -10.798 7.685   -0.641  1.00 9.01  ? 121 VAL A O   1 
ATOM   950  C  CB  . VAL A 1 120 ? -7.785  8.258   -2.232  1.00 8.15  ? 121 VAL A CB  1 
ATOM   951  C  CG1 . VAL A 1 120 ? -8.573  7.550   -3.331  1.00 9.46  ? 121 VAL A CG1 1 
ATOM   952  C  CG2 . VAL A 1 120 ? -6.897  9.340   -2.801  1.00 10.30 ? 121 VAL A CG2 1 
ATOM   953  N  N   . ASP A 1 121 ? -8.961  6.979   0.398   1.00 7.30  ? 122 ASP A N   1 
ATOM   954  C  CA  . ASP A 1 121 ? -9.696  5.928   1.074   1.00 7.38  ? 122 ASP A CA  1 
ATOM   955  C  C   . ASP A 1 121 ? -10.740 6.456   2.028   1.00 7.47  ? 122 ASP A C   1 
ATOM   956  O  O   . ASP A 1 121 ? -11.848 5.898   2.115   1.00 8.22  ? 122 ASP A O   1 
ATOM   957  C  CB  . ASP A 1 121 ? -8.764  4.952   1.828   1.00 7.38  ? 122 ASP A CB  1 
ATOM   958  C  CG  . ASP A 1 121 ? -7.958  4.050   0.932   1.00 7.10  ? 122 ASP A CG  1 
ATOM   959  O  OD1 . ASP A 1 121 ? -8.273  3.940   -0.275  1.00 7.15  ? 122 ASP A OD1 1 
ATOM   960  O  OD2 . ASP A 1 121 ? -7.002  3.446   1.492   1.00 7.88  ? 122 ASP A OD2 1 
ATOM   961  N  N   . LYS A 1 122 ? -10.458 7.489   2.813   1.00 8.31  ? 123 LYS A N   1 
ATOM   962  C  CA  . LYS A 1 122 ? -11.455 7.936   3.752   1.00 8.87  ? 123 LYS A CA  1 
ATOM   963  C  C   . LYS A 1 122 ? -12.745 8.263   3.048   1.00 8.71  ? 123 LYS A C   1 
ATOM   964  O  O   . LYS A 1 122 ? -13.860 8.221   3.689   1.00 10.20 ? 123 LYS A O   1 
ATOM   965  C  CB  . LYS A 1 122 ? -10.981 9.128   4.592   1.00 10.10 ? 123 LYS A CB  1 
ATOM   966  C  CG  . LYS A 1 122 ? -10.051 8.728   5.716   1.00 11.08 ? 123 LYS A CG  1 
ATOM   967  C  CD  . LYS A 1 122 ? -9.709  10.009  6.560   1.00 11.64 ? 123 LYS A CD  1 
ATOM   968  C  CE  . LYS A 1 122 ? -8.689  9.676   7.625   1.00 14.93 ? 123 LYS A CE  1 
ATOM   969  N  NZ  . LYS A 1 122 ? -8.696  10.813  8.621   1.00 17.25 ? 123 LYS A NZ  1 
ATOM   970  N  N   . LEU A 1 123 ? -12.702 8.720   1.824   1.00 9.37  ? 124 LEU A N   1 
ATOM   971  C  CA  . LEU A 1 123 ? -13.914 9.148   1.108   1.00 9.64  ? 124 LEU A CA  1 
ATOM   972  C  C   . LEU A 1 123 ? -14.877 7.998   0.903   1.00 9.38  ? 124 LEU A C   1 
ATOM   973  O  O   . LEU A 1 123 ? -16.113 8.275   0.711   1.00 10.07 ? 124 LEU A O   1 
ATOM   974  C  CB  . LEU A 1 123 ? -13.575 9.747   -0.235  1.00 10.57 ? 124 LEU A CB  1 
ATOM   975  C  CG  . LEU A 1 123 ? -12.711 10.997  -0.131  1.00 12.65 ? 124 LEU A CG  1 
ATOM   976  C  CD1 . LEU A 1 123 ? -12.434 11.588  -1.515  1.00 15.34 ? 124 LEU A CD1 1 
ATOM   977  C  CD2 . LEU A 1 123 ? -13.263 12.066  0.752   1.00 18.30 ? 124 LEU A CD2 1 
ATOM   978  N  N   . TYR A 1 124 ? -14.457 6.726   0.916   1.00 9.38  ? 125 TYR A N   1 
ATOM   979  C  CA  . TYR A 1 124 ? -15.413 5.650   0.765   1.00 9.47  ? 125 TYR A CA  1 
ATOM   980  C  C   . TYR A 1 124 ? -16.101 5.236   2.049   1.00 9.36  ? 125 TYR A C   1 
ATOM   981  O  O   . TYR A 1 124 ? -16.928 4.357   2.035   1.00 10.65 ? 125 TYR A O   1 
ATOM   982  C  CB  . TYR A 1 124 ? -14.829 4.390   0.033   1.00 9.03  ? 125 TYR A CB  1 
ATOM   983  C  CG  . TYR A 1 124 ? -13.648 3.722   0.687   1.00 8.18  ? 125 TYR A CG  1 
ATOM   984  C  CD1 . TYR A 1 124 ? -13.635 3.348   2.023   1.00 8.73  ? 125 TYR A CD1 1 
ATOM   985  C  CD2 . TYR A 1 124 ? -12.532 3.371   -0.089  1.00 8.20  ? 125 TYR A CD2 1 
ATOM   986  C  CE1 . TYR A 1 124 ? -12.543 2.695   2.591   1.00 9.03  ? 125 TYR A CE1 1 
ATOM   987  C  CE2 . TYR A 1 124 ? -11.439 2.773   0.467   1.00 8.36  ? 125 TYR A CE2 1 
ATOM   988  C  CZ  . TYR A 1 124 ? -11.411 2.441   1.790   1.00 7.80  ? 125 TYR A CZ  1 
ATOM   989  O  OH  . TYR A 1 124 ? -10.329 1.872   2.426   1.00 8.23  ? 125 TYR A OH  1 
ATOM   990  N  N   . GLY A 1 125 ? -15.749 5.872   3.160   1.00 9.99  ? 126 GLY A N   1 
ATOM   991  C  CA  . GLY A 1 125 ? -16.267 5.397   4.438   1.00 11.55 ? 126 GLY A CA  1 
ATOM   992  C  C   . GLY A 1 125 ? -17.785 5.395   4.491   1.00 12.05 ? 126 GLY A C   1 
ATOM   993  O  O   . GLY A 1 125 ? -18.357 4.398   4.864   1.00 13.47 ? 126 GLY A O   1 
ATOM   994  N  N   . PRO A 1 126 ? -18.457 6.528   4.149   1.00 13.32 ? 127 PRO A N   1 
ATOM   995  C  CA  . PRO A 1 126 ? -19.958 6.496   4.285   1.00 15.54 ? 127 PRO A CA  1 
ATOM   996  C  C   . PRO A 1 126 ? -20.526 5.386   3.432   1.00 15.03 ? 127 PRO A C   1 
ATOM   997  O  O   . PRO A 1 126 ? -21.522 4.707   3.886   1.00 18.73 ? 127 PRO A O   1 
ATOM   998  C  CB  . PRO A 1 126 ? -20.328 7.902   3.833   1.00 16.76 ? 127 PRO A CB  1 
ATOM   999  C  CG  . PRO A 1 126 ? -19.185 8.689   4.264   1.00 15.87 ? 127 PRO A CG  1 
ATOM   1000 C  CD  . PRO A 1 126 ? -17.953 7.854   3.949   1.00 14.17 ? 127 PRO A CD  1 
ATOM   1001 N  N   . CYS A 1 127 ? -20.070 5.169   2.206   1.00 13.31 ? 128 CYS A N   1 
ATOM   1002 C  CA  . CYS A 1 127 ? -20.645 4.175   1.337   1.00 14.32 ? 128 CYS A CA  1 
ATOM   1003 C  C   . CYS A 1 127 ? -20.359 2.768   1.830   1.00 14.28 ? 128 CYS A C   1 
ATOM   1004 O  O   . CYS A 1 127 ? -21.269 1.890   1.913   1.00 16.88 ? 128 CYS A O   1 
ATOM   1005 C  CB  . CYS A 1 127 ? -20.043 4.343   -0.094  1.00 13.92 ? 128 CYS A CB  1 
ATOM   1006 S  SG  . CYS A 1 127 ? -20.668 3.164   -1.306  1.00 16.53 ? 128 CYS A SG  1 
ATOM   1007 N  N   . LEU A 1 128 ? -19.109 2.477   2.214   1.00 13.71 ? 129 LEU A N   1 
ATOM   1008 C  CA  . LEU A 1 128 ? -18.714 1.114   2.529   1.00 15.09 ? 129 LEU A CA  1 
ATOM   1009 C  C   . LEU A 1 128 ? -19.042 0.738   3.941   1.00 18.27 ? 129 LEU A C   1 
ATOM   1010 O  O   . LEU A 1 128 ? -19.172 -0.468  4.177   1.00 22.11 ? 129 LEU A O   1 
ATOM   1011 C  CB  . LEU A 1 128 ? -17.260 0.845   2.285   1.00 14.02 ? 129 LEU A CB  1 
ATOM   1012 C  CG  . LEU A 1 128 ? -16.855 0.479   0.862   1.00 15.97 ? 129 LEU A CG  1 
ATOM   1013 C  CD1 . LEU A 1 128 ? -17.529 1.142   -0.340  1.00 16.93 ? 129 LEU A CD1 1 
ATOM   1014 C  CD2 . LEU A 1 128 ? -15.388 0.249   0.673   1.00 14.35 ? 129 LEU A CD2 1 
ATOM   1015 N  N   . SER A 1 129 ? -19.254 1.680   4.841   1.00 17.05 ? 130 SER A N   1 
ATOM   1016 C  CA  . SER A 1 129 ? -19.687 1.371   6.241   1.00 21.05 ? 130 SER A CA  1 
ATOM   1017 C  C   . SER A 1 129 ? -21.242 1.254   6.337   1.00 25.23 ? 130 SER A C   1 
ATOM   1018 O  O   . SER A 1 129 ? -21.729 0.688   7.334   1.00 28.83 ? 130 SER A O   1 
ATOM   1019 C  CB  . SER A 1 129 ? -19.129 2.413   7.206   1.00 19.16 ? 130 SER A CB  1 
ATOM   1020 O  OG  . SER A 1 129 ? -19.870 3.597   7.012   1.00 19.40 ? 130 SER A OG  1 
ATOM   1021 N  N   . ALA A 1 130 ? -22.026 1.847   5.395   1.00 28.19 ? 131 ALA A N   1 
ATOM   1022 C  CA  . ALA A 1 130 ? -23.526 1.843   5.395   1.00 30.99 ? 131 ALA A CA  1 
ATOM   1023 C  C   . ALA A 1 130 ? -24.115 0.450   5.672   1.00 33.99 ? 131 ALA A C   1 
ATOM   1024 O  O   . ALA A 1 130 ? -23.665 -0.552  5.080   1.00 35.49 ? 131 ALA A O   1 
ATOM   1025 C  CB  . ALA A 1 130 ? -24.047 2.377   4.070   1.00 20.00 ? 131 ALA A CB  1 
HETATM 1026 FE FE  . FE2 B 2 .   ? -7.402  2.825   -1.879  1.00 7.01  ? 201 FE2 A FE  1 
HETATM 1027 FE FE  . FE2 C 2 .   ? -6.294  1.497   1.113   1.00 7.98  ? 202 FE2 A FE  1 
HETATM 1028 O  O   . HOH D 3 .   ? 3.040   12.036  1.596   1.00 28.32 ? 301 HOH A O   1 
HETATM 1029 O  O   . HOH D 3 .   ? 7.013   -3.232  -15.225 1.00 32.61 ? 302 HOH A O   1 
HETATM 1030 O  O   . HOH D 3 .   ? -8.600  -2.331  12.789  1.00 36.06 ? 303 HOH A O   1 
HETATM 1031 O  O   . HOH D 3 .   ? -7.952  8.611   -10.672 1.00 25.56 ? 304 HOH A O   1 
HETATM 1032 O  O   . HOH D 3 .   ? 1.711   8.407   11.443  1.00 15.70 ? 305 HOH A O   1 
HETATM 1033 O  O   . HOH D 3 .   ? -1.754  7.215   -17.917 1.00 32.00 ? 306 HOH A O   1 
HETATM 1034 O  O   . HOH D 3 .   ? -24.214 2.269   -2.211  1.00 22.36 ? 307 HOH A O   1 
HETATM 1035 O  O   . HOH D 3 .   ? 15.469  8.606   -4.387  1.00 36.81 ? 308 HOH A O   1 
HETATM 1036 O  O   . HOH D 3 .   ? -9.900  -9.800  0.032   1.00 39.75 ? 309 HOH A O   1 
HETATM 1037 O  O   . HOH D 3 .   ? -23.269 5.271   5.780   1.00 34.01 ? 310 HOH A O   1 
HETATM 1038 O  O   . HOH D 3 .   ? 19.405  -7.127  -16.782 1.00 16.19 ? 311 HOH A O   1 
HETATM 1039 O  O   . HOH D 3 .   ? 8.512   -1.738  -16.741 1.00 33.96 ? 312 HOH A O   1 
HETATM 1040 O  O   . HOH D 3 .   ? 6.963   -5.589  -18.415 1.00 23.68 ? 313 HOH A O   1 
HETATM 1041 O  O   . HOH D 3 .   ? 22.870  -2.700  -10.600 1.00 24.37 ? 314 HOH A O   1 
HETATM 1042 O  O   . HOH D 3 .   ? 13.195  -8.543  -14.322 1.00 17.73 ? 315 HOH A O   1 
HETATM 1043 O  O   . HOH D 3 .   ? 6.434   5.970   12.965  1.00 14.06 ? 316 HOH A O   1 
HETATM 1044 O  O   . HOH D 3 .   ? -7.714  1.992   -13.716 1.00 19.86 ? 317 HOH A O   1 
HETATM 1045 O  O   . HOH D 3 .   ? 15.749  8.470   7.375   1.00 23.28 ? 318 HOH A O   1 
HETATM 1046 O  O   . HOH D 3 .   ? 6.029   7.846   8.486   1.00 12.51 ? 319 HOH A O   1 
HETATM 1047 O  O   . HOH D 3 .   ? 16.023  -11.357 -7.241  1.00 20.71 ? 320 HOH A O   1 
HETATM 1048 O  O   . HOH D 3 .   ? 16.433  -5.320  -18.965 1.00 42.57 ? 321 HOH A O   1 
HETATM 1049 O  O   . HOH D 3 .   ? 7.602   13.307  -0.572  1.00 40.00 ? 322 HOH A O   1 
HETATM 1050 O  O   . HOH D 3 .   ? 4.787   4.705   16.927  1.00 30.40 ? 323 HOH A O   1 
HETATM 1051 O  O   . HOH D 3 .   ? -1.696  14.367  -1.577  1.00 10.98 ? 324 HOH A O   1 
HETATM 1052 O  O   . HOH D 3 .   ? 23.206  -1.841  -8.108  1.00 26.54 ? 325 HOH A O   1 
HETATM 1053 O  O   . HOH D 3 .   ? -5.883  -4.911  12.474  1.00 28.41 ? 326 HOH A O   1 
HETATM 1054 O  O   . HOH D 3 .   ? -10.646 -7.694  8.838   1.00 19.23 ? 327 HOH A O   1 
HETATM 1055 O  O   . HOH D 3 .   ? -0.488  -11.411 0.253   1.00 13.20 ? 328 HOH A O   1 
HETATM 1056 O  O   . HOH D 3 .   ? -8.260  10.591  -7.505  1.00 15.13 ? 329 HOH A O   1 
HETATM 1057 O  O   . HOH D 3 .   ? -0.962  -5.875  11.481  1.00 14.42 ? 330 HOH A O   1 
HETATM 1058 O  O   . HOH D 3 .   ? -9.844  14.255  -0.735  1.00 22.80 ? 331 HOH A O   1 
HETATM 1059 O  O   . HOH D 3 .   ? 12.265  -12.508 -3.700  1.00 32.57 ? 332 HOH A O   1 
HETATM 1060 O  O   . HOH D 3 .   ? -20.046 6.946   -10.182 1.00 9.65  ? 333 HOH A O   1 
HETATM 1061 O  O   . HOH D 3 .   ? -10.603 -2.771  12.013  1.00 26.26 ? 334 HOH A O   1 
HETATM 1062 O  O   . HOH D 3 .   ? 5.043   -9.880  -5.106  1.00 11.88 ? 335 HOH A O   1 
HETATM 1063 O  O   . HOH D 3 .   ? -16.909 13.103  -7.761  1.00 15.05 ? 336 HOH A O   1 
HETATM 1064 O  O   . HOH D 3 .   ? 18.424  -9.764  -8.496  1.00 36.95 ? 337 HOH A O   1 
HETATM 1065 O  O   . HOH D 3 .   ? 8.794   9.843   -2.016  1.00 24.00 ? 338 HOH A O   1 
HETATM 1066 O  O   . HOH D 3 .   ? 18.713  2.312   2.677   1.00 9.15  ? 339 HOH A O   1 
HETATM 1067 O  O   . HOH D 3 .   ? -23.660 1.765   0.543   1.00 32.11 ? 340 HOH A O   1 
HETATM 1068 O  O   . HOH D 3 .   ? 2.323   3.143   -13.199 1.00 18.48 ? 341 HOH A O   1 
HETATM 1069 O  O   . HOH D 3 .   ? -10.250 2.951   -13.286 1.00 16.94 ? 342 HOH A O   1 
HETATM 1070 O  O   . HOH D 3 .   ? -6.497  8.525   16.773  1.00 16.52 ? 343 HOH A O   1 
HETATM 1071 O  O   . HOH D 3 .   ? 2.136   -11.190 1.228   1.00 15.85 ? 344 HOH A O   1 
HETATM 1072 O  O   . HOH D 3 .   ? 13.323  9.572   0.671   1.00 18.12 ? 345 HOH A O   1 
HETATM 1073 O  O   . HOH D 3 .   ? 21.840  -6.760  -13.824 1.00 19.56 ? 346 HOH A O   1 
HETATM 1074 O  O   . HOH D 3 .   ? 4.759   11.856  3.776   1.00 22.58 ? 347 HOH A O   1 
HETATM 1075 O  O   . HOH D 3 .   ? -21.887 5.691   -8.549  1.00 9.16  ? 348 HOH A O   1 
HETATM 1076 O  O   . HOH D 3 .   ? 10.689  -9.665  7.338   1.00 29.93 ? 349 HOH A O   1 
HETATM 1077 O  O   . HOH D 3 .   ? 23.923  -6.560  5.346   1.00 18.12 ? 350 HOH A O   1 
HETATM 1078 O  O   . HOH D 3 .   ? -0.705  6.120   -7.847  1.00 12.24 ? 351 HOH A O   1 
HETATM 1079 O  O   . HOH D 3 .   ? -21.428 -5.045  3.115   1.00 48.46 ? 352 HOH A O   1 
HETATM 1080 O  O   . HOH D 3 .   ? 2.160   7.545   -15.379 1.00 30.24 ? 353 HOH A O   1 
HETATM 1081 O  O   . HOH D 3 .   ? -19.071 2.592   -8.906  1.00 14.20 ? 354 HOH A O   1 
HETATM 1082 O  O   . HOH D 3 .   ? 9.532   11.207  2.222   1.00 17.57 ? 355 HOH A O   1 
HETATM 1083 O  O   . HOH D 3 .   ? -1.558  -10.369 -4.827  1.00 28.00 ? 356 HOH A O   1 
HETATM 1084 O  O   . HOH D 3 .   ? 8.359   -13.139 -0.767  1.00 21.64 ? 357 HOH A O   1 
HETATM 1085 O  O   . HOH D 3 .   ? 19.590  -9.405  -15.255 1.00 15.16 ? 358 HOH A O   1 
HETATM 1086 O  O   . HOH D 3 .   ? -12.351 -5.276  11.366  1.00 30.89 ? 359 HOH A O   1 
HETATM 1087 O  O   . HOH D 3 .   ? 2.074   -7.618  12.396  1.00 22.11 ? 360 HOH A O   1 
HETATM 1088 O  O   . HOH D 3 .   ? -0.702  -13.993 -4.902  1.00 22.75 ? 361 HOH A O   1 
HETATM 1089 O  O   . HOH D 3 .   ? -24.428 -3.553  -3.303  1.00 36.89 ? 362 HOH A O   1 
HETATM 1090 O  O   . HOH D 3 .   ? 13.968  6.092   9.167   1.00 17.43 ? 363 HOH A O   1 
HETATM 1091 O  O   . HOH D 3 .   ? 19.913  -1.026  0.660   1.00 22.06 ? 364 HOH A O   1 
HETATM 1092 O  O   . HOH D 3 .   ? 18.734  -11.170 -12.315 1.00 19.41 ? 365 HOH A O   1 
HETATM 1093 O  O   . HOH D 3 .   ? 12.839  7.888   7.240   1.00 15.40 ? 366 HOH A O   1 
HETATM 1094 O  O   . HOH D 3 .   ? -8.013  13.263  7.235   1.00 32.32 ? 367 HOH A O   1 
HETATM 1095 O  O   . HOH D 3 .   ? -16.847 -1.847  8.856   1.00 32.56 ? 368 HOH A O   1 
HETATM 1096 O  O   . HOH D 3 .   ? -5.680  4.871   16.880  1.00 21.45 ? 369 HOH A O   1 
HETATM 1097 O  O   . HOH D 3 .   ? 17.483  -1.618  10.387  1.00 32.85 ? 370 HOH A O   1 
HETATM 1098 O  O   . HOH D 3 .   ? -15.300 -4.463  7.211   1.00 21.56 ? 371 HOH A O   1 
HETATM 1099 O  O   . HOH D 3 .   ? 8.447   -13.854 -5.320  1.00 39.80 ? 372 HOH A O   1 
HETATM 1100 O  O   . HOH D 3 .   ? 19.838  1.282   -7.777  1.00 25.12 ? 373 HOH A O   1 
HETATM 1101 O  O   . HOH D 3 .   ? -15.384 -3.217  -14.206 1.00 25.54 ? 374 HOH A O   1 
HETATM 1102 O  O   . HOH D 3 .   ? -17.828 -8.919  -2.185  1.00 40.99 ? 375 HOH A O   1 
HETATM 1103 O  O   . HOH D 3 .   ? -9.353  0.020   13.425  1.00 34.79 ? 376 HOH A O   1 
HETATM 1104 O  O   . HOH D 3 .   ? 22.313  -0.566  -12.171 1.00 40.40 ? 377 HOH A O   1 
HETATM 1105 O  O   . HOH D 3 .   ? -26.314 -1.984  4.617   1.00 44.80 ? 378 HOH A O   1 
HETATM 1106 O  O   . HOH D 3 .   ? -2.519  -10.649 -7.072  1.00 36.07 ? 379 HOH A O   1 
HETATM 1107 O  O   . HOH D 3 .   ? -13.728 -7.415  -1.270  1.00 39.75 ? 380 HOH A O   1 
HETATM 1108 O  O   . HOH D 3 .   ? 4.121   -5.803  10.761  1.00 33.64 ? 381 HOH A O   1 
HETATM 1109 O  O   . HOH D 3 .   ? 20.916  -3.544  -0.265  1.00 34.13 ? 382 HOH A O   1 
HETATM 1110 O  O   . HOH D 3 .   ? 3.237   7.064   9.227   1.00 11.51 ? 383 HOH A O   1 
HETATM 1111 O  O   . HOH D 3 .   ? 7.567   4.292   15.551  1.00 34.99 ? 384 HOH A O   1 
HETATM 1112 O  O   . HOH D 3 .   ? -19.087 0.188   -12.159 1.00 14.73 ? 385 HOH A O   1 
HETATM 1113 O  O   . HOH D 3 .   ? 17.911  2.157   -7.783  1.00 44.56 ? 386 HOH A O   1 
HETATM 1114 O  O   . HOH D 3 .   ? -3.810  2.249   16.677  1.00 35.19 ? 387 HOH A O   1 
HETATM 1115 O  O   . HOH D 3 .   ? 5.642   -13.013 -1.954  1.00 21.71 ? 388 HOH A O   1 
HETATM 1116 O  O   . HOH D 3 .   ? 4.940   11.502  6.358   1.00 21.76 ? 389 HOH A O   1 
HETATM 1117 O  O   . HOH D 3 .   ? -13.166 -7.352  8.321   1.00 37.40 ? 390 HOH A O   1 
HETATM 1118 O  O   . HOH D 3 .   ? 22.318  -1.908  -2.147  1.00 28.86 ? 391 HOH A O   1 
HETATM 1119 O  O   . HOH D 3 .   ? 5.490   -12.683 -4.640  1.00 19.16 ? 392 HOH A O   1 
HETATM 1120 O  O   . HOH D 3 .   ? -26.003 -6.934  -5.741  1.00 43.37 ? 393 HOH A O   1 
HETATM 1121 O  O   . HOH D 3 .   ? -4.190  15.887  -1.611  1.00 21.33 ? 394 HOH A O   1 
HETATM 1122 O  O   . HOH D 3 .   ? -11.682 9.696   -4.559  1.00 21.63 ? 395 HOH A O   1 
HETATM 1123 O  O   . HOH D 3 .   ? -10.855 4.014   -15.564 1.00 26.17 ? 396 HOH A O   1 
HETATM 1124 O  O   . HOH D 3 .   ? -4.444  18.704  1.238   1.00 39.79 ? 397 HOH A O   1 
HETATM 1125 O  O   . HOH D 3 .   ? -15.102 14.819  -6.347  1.00 25.34 ? 398 HOH A O   1 
HETATM 1126 O  O   . HOH D 3 .   ? 10.901  -4.799  -16.549 1.00 43.07 ? 399 HOH A O   1 
HETATM 1127 O  O   . HOH D 3 .   ? -3.821  1.956   1.059   1.00 4.72  ? 400 HOH A O   1 
HETATM 1128 O  O   . HOH D 3 .   ? -5.707  1.806   -0.757  1.00 10.45 ? 401 HOH A O   1 
HETATM 1129 O  O   . HOH D 3 .   ? -7.081  2.895   7.807   1.00 9.11  ? 402 HOH A O   1 
HETATM 1130 O  O   . HOH D 3 .   ? -12.261 7.381   -2.954  1.00 10.68 ? 403 HOH A O   1 
HETATM 1131 O  O   . HOH D 3 .   ? 12.202  -8.106  5.878   1.00 38.02 ? 404 HOH A O   1 
HETATM 1132 O  O   . HOH D 3 .   ? -18.458 6.499   7.503   1.00 27.30 ? 405 HOH A O   1 
HETATM 1133 O  O   . HOH D 3 .   ? 10.641  0.611   10.163  1.00 11.50 ? 406 HOH A O   1 
HETATM 1134 O  O   . HOH D 3 .   ? -18.635 7.123   0.724   1.00 13.91 ? 407 HOH A O   1 
HETATM 1135 O  O   . HOH D 3 .   ? 18.535  -3.662  -2.746  1.00 15.07 ? 408 HOH A O   1 
HETATM 1136 O  O   . HOH D 3 .   ? -5.349  -2.060  -8.381  1.00 15.84 ? 409 HOH A O   1 
HETATM 1137 O  O   . HOH D 3 .   ? 11.629  8.571   -1.126  1.00 14.09 ? 410 HOH A O   1 
HETATM 1138 O  O   . HOH D 3 .   ? -11.776 3.867   11.280  1.00 15.61 ? 411 HOH A O   1 
HETATM 1139 O  O   . HOH D 3 .   ? 5.349   -2.220  12.619  1.00 17.22 ? 412 HOH A O   1 
HETATM 1140 O  O   . HOH D 3 .   ? 0.456   -1.378  11.910  1.00 17.98 ? 413 HOH A O   1 
HETATM 1141 O  O   . HOH D 3 .   ? 1.106   1.185   13.455  1.00 25.13 ? 414 HOH A O   1 
HETATM 1142 O  O   . HOH D 3 .   ? -4.726  -4.673  -7.524  1.00 21.32 ? 415 HOH A O   1 
HETATM 1143 O  O   . HOH D 3 .   ? -11.220 -4.234  -9.601  1.00 28.09 ? 416 HOH A O   1 
HETATM 1144 O  O   . HOH D 3 .   ? -4.119  4.352   -13.671 1.00 16.34 ? 417 HOH A O   1 
HETATM 1145 O  O   . HOH D 3 .   ? -17.448 -2.792  3.028   1.00 29.10 ? 418 HOH A O   1 
HETATM 1146 O  O   . HOH D 3 .   ? 14.873  -12.716 -2.380  1.00 21.19 ? 419 HOH A O   1 
HETATM 1147 O  O   . HOH D 3 .   ? -1.312  -1.328  -13.005 1.00 23.44 ? 420 HOH A O   1 
HETATM 1148 O  O   . HOH D 3 .   ? -14.128 7.645   6.328   1.00 18.28 ? 421 HOH A O   1 
HETATM 1149 O  O   . HOH D 3 .   ? 12.940  -6.023  9.399   1.00 22.64 ? 422 HOH A O   1 
HETATM 1150 O  O   . HOH D 3 .   ? 19.321  -10.330 -4.684  1.00 31.87 ? 423 HOH A O   1 
HETATM 1151 O  O   . HOH D 3 .   ? -5.254  -1.952  -15.138 1.00 46.55 ? 424 HOH A O   1 
HETATM 1152 O  O   . HOH D 3 .   ? -16.536 9.903   -2.706  1.00 19.72 ? 425 HOH A O   1 
HETATM 1153 O  O   . HOH D 3 .   ? 9.212   1.916   -10.539 1.00 26.43 ? 426 HOH A O   1 
HETATM 1154 O  O   . HOH D 3 .   ? -1.308  -2.133  13.966  1.00 38.42 ? 427 HOH A O   1 
HETATM 1155 O  O   . HOH D 3 .   ? 17.172  4.718   -4.954  1.00 30.63 ? 428 HOH A O   1 
HETATM 1156 O  O   . HOH D 3 .   ? -12.732 8.813   8.375   1.00 25.84 ? 429 HOH A O   1 
HETATM 1157 O  O   . HOH D 3 .   ? -17.487 -5.996  -7.199  1.00 25.74 ? 430 HOH A O   1 
HETATM 1158 O  O   . HOH D 3 .   ? -9.889  9.272   10.452  1.00 26.79 ? 431 HOH A O   1 
HETATM 1159 O  O   . HOH D 3 .   ? 13.249  2.712   -5.182  1.00 27.26 ? 432 HOH A O   1 
HETATM 1160 O  O   . HOH D 3 .   ? -17.143 10.815  1.137   1.00 21.44 ? 433 HOH A O   1 
HETATM 1161 O  O   . HOH D 3 .   ? -11.200 -9.045  -3.896  1.00 38.27 ? 434 HOH A O   1 
HETATM 1162 O  O   . HOH D 3 .   ? 4.917   -1.704  -14.623 1.00 24.54 ? 435 HOH A O   1 
HETATM 1163 O  O   . HOH D 3 .   ? 11.643  -4.733  11.372  1.00 28.41 ? 436 HOH A O   1 
HETATM 1164 O  O   . HOH D 3 .   ? 14.264  -5.188  3.762   1.00 26.46 ? 437 HOH A O   1 
HETATM 1165 O  O   . HOH D 3 .   ? -22.356 -0.379  2.675   1.00 32.25 ? 438 HOH A O   1 
HETATM 1166 O  O   . HOH D 3 .   ? 5.491   2.187   14.412  1.00 34.78 ? 439 HOH A O   1 
HETATM 1167 O  O   . HOH D 3 .   ? -23.630 -5.502  -6.391  1.00 42.86 ? 440 HOH A O   1 
HETATM 1168 O  O   . HOH D 3 .   ? -16.530 12.371  -1.155  1.00 28.92 ? 441 HOH A O   1 
HETATM 1169 O  O   . HOH D 3 .   ? -16.035 11.342  3.820   1.00 41.57 ? 442 HOH A O   1 
HETATM 1170 O  O   . HOH D 3 .   ? -0.686  1.819   15.487  1.00 35.46 ? 443 HOH A O   1 
HETATM 1171 O  O   . HOH D 3 .   ? -3.326  -2.885  -11.819 1.00 38.60 ? 444 HOH A O   1 
HETATM 1172 O  O   . HOH D 3 .   ? -11.051 -6.564  -7.442  1.00 38.14 ? 445 HOH A O   1 
HETATM 1173 O  O   . HOH D 3 .   ? 2.484   0.222   12.521  1.00 41.17 ? 446 HOH A O   1 
HETATM 1174 O  O   . HOH D 3 .   ? -12.901 -6.176  -8.197  1.00 35.78 ? 447 HOH A O   1 
HETATM 1175 O  O   . HOH D 3 .   ? 10.057  -7.983  13.205  1.00 51.15 ? 448 HOH A O   1 
HETATM 1176 O  O   . HOH D 3 .   ? -2.940  -0.336  -15.039 1.00 41.90 ? 449 HOH A O   1 
HETATM 1177 O  O   . HOH D 3 .   ? -14.113 -4.090  -8.717  1.00 28.26 ? 450 HOH A O   1 
HETATM 1178 O  O   . HOH D 3 .   ? 18.826  1.673   -11.077 1.00 47.95 ? 451 HOH A O   1 
HETATM 1179 O  O   . HOH D 3 .   ? 3.702   0.921   13.951  1.00 38.12 ? 452 HOH A O   1 
HETATM 1180 O  O   . HOH D 3 .   ? 15.763  2.127   -6.274  1.00 40.22 ? 453 HOH A O   1 
HETATM 1181 O  O   . HOH D 3 .   ? -15.411 -5.623  -8.834  1.00 38.35 ? 454 HOH A O   1 
HETATM 1182 O  O   . HOH D 3 .   ? -2.203  2.469   -14.606 1.00 20.74 ? 455 HOH A O   1 
HETATM 1183 O  O   . HOH D 3 .   ? 9.128   -3.839  12.185  1.00 33.62 ? 456 HOH A O   1 
HETATM 1184 O  O   . HOH D 3 .   ? -13.209 12.364  4.899   1.00 41.48 ? 457 HOH A O   1 
HETATM 1185 O  O   . HOH D 3 .   ? -14.846 14.553  -1.443  1.00 41.83 ? 458 HOH A O   1 
# 
loop_
_pdbx_poly_seq_scheme.asym_id 
_pdbx_poly_seq_scheme.entity_id 
_pdbx_poly_seq_scheme.seq_id 
_pdbx_poly_seq_scheme.mon_id 
_pdbx_poly_seq_scheme.ndb_seq_num 
_pdbx_poly_seq_scheme.pdb_seq_num 
_pdbx_poly_seq_scheme.auth_seq_num 
_pdbx_poly_seq_scheme.pdb_mon_id 
_pdbx_poly_seq_scheme.auth_mon_id 
_pdbx_poly_seq_scheme.pdb_strand_id 
_pdbx_poly_seq_scheme.pdb_ins_code 
_pdbx_poly_seq_scheme.hetero 
A 1 1   ALA 1   2   2   ALA ALA A . n 
A 1 2   LEU 2   3   3   LEU LEU A . n 
A 1 3   MET 3   4   4   MET MET A . n 
A 1 4   THR 4   5   5   THR THR A . n 
A 1 5   TRP 5   6   6   TRP TRP A . n 
A 1 6   THR 6   7   7   THR THR A . n 
A 1 7   ALA 7   8   8   ALA ALA A . n 
A 1 8   ALA 8   9   9   ALA ALA A . n 
A 1 9   GLU 9   10  10  GLU GLU A . n 
A 1 10  PHE 10  11  11  PHE PHE A . n 
A 1 11  GLY 11  12  12  GLY GLY A . n 
A 1 12  THR 12  13  13  THR THR A . n 
A 1 13  ASN 13  14  14  ASN ASN A . n 
A 1 14  VAL 14  15  15  VAL VAL A . n 
A 1 15  GLY 15  16  16  GLY GLY A . n 
A 1 16  PHE 16  17  17  PHE PHE A . n 
A 1 17  ALA 17  18  18  ALA ALA A . n 
A 1 18  ASP 18  19  19  ASP ASP A . n 
A 1 19  ASP 19  20  20  ASP ASP A . n 
A 1 20  GLN 20  21  21  GLN GLN A . n 
A 1 21  HIS 21  22  22  HIS HIS A . n 
A 1 22  LYS 22  23  23  LYS LYS A . n 
A 1 23  THR 23  24  24  THR THR A . n 
A 1 24  ILE 24  25  25  ILE ILE A . n 
A 1 25  PHE 25  26  26  PHE PHE A . n 
A 1 26  ASP 26  27  27  ASP ASP A . n 
A 1 27  MET 27  28  28  MET MET A . n 
A 1 28  VAL 28  29  29  VAL VAL A . n 
A 1 29  ASN 29  30  30  ASN ASN A . n 
A 1 30  LYS 30  31  31  LYS LYS A . n 
A 1 31  LEU 31  32  32  LEU LEU A . n 
A 1 32  HIS 32  33  33  HIS HIS A . n 
A 1 33  ASP 33  34  34  ASP ASP A . n 
A 1 34  THR 34  35  35  THR THR A . n 
A 1 35  ALA 35  36  36  ALA ALA A . n 
A 1 36  ALA 36  37  37  ALA ALA A . n 
A 1 37  THR 37  38  38  THR THR A . n 
A 1 38  GLY 38  39  39  GLY GLY A . n 
A 1 39  ASN 39  40  40  ASN ASN A . n 
A 1 40  ARG 40  41  41  ARG ARG A . n 
A 1 41  SER 41  42  42  SER SER A . n 
A 1 42  GLU 42  43  43  GLU GLU A . n 
A 1 43  ILE 43  44  44  ILE ILE A . n 
A 1 44  GLY 44  45  45  GLY GLY A . n 
A 1 45  LYS 45  46  46  LYS LYS A . n 
A 1 46  GLN 46  47  47  GLN GLN A . n 
A 1 47  LEU 47  48  48  LEU LEU A . n 
A 1 48  ASP 48  49  49  ASP ASP A . n 
A 1 49  ALA 49  50  50  ALA ALA A . n 
A 1 50  LEU 50  51  51  LEU LEU A . n 
A 1 51  ILE 51  52  52  ILE ILE A . n 
A 1 52  ASP 52  53  53  ASP ASP A . n 
A 1 53  TYR 53  54  54  TYR TYR A . n 
A 1 54  VAL 54  55  55  VAL VAL A . n 
A 1 55  VAL 55  56  56  VAL VAL A . n 
A 1 56  MET 56  57  57  MET MET A . n 
A 1 57  HIS 57  58  58  HIS HIS A . n 
A 1 58  PHE 58  59  59  PHE PHE A . n 
A 1 59  LYS 59  60  60  LYS LYS A . n 
A 1 60  SER 60  61  61  SER SER A . n 
A 1 61  GLU 61  62  62  GLU GLU A . n 
A 1 62  GLU 62  63  63  GLU GLU A . n 
A 1 63  THR 63  64  64  THR THR A . n 
A 1 64  GLU 64  65  65  GLU GLU A . n 
A 1 65  MET 65  66  66  MET MET A . n 
A 1 66  GLN 66  67  67  GLN GLN A . n 
A 1 67  LYS 67  68  68  LYS LYS A . n 
A 1 68  LYS 68  69  69  LYS LYS A . n 
A 1 69  GLY 69  70  70  GLY GLY A . n 
A 1 70  TYR 70  71  71  TYR TYR A . n 
A 1 71  ALA 71  72  72  ALA ALA A . n 
A 1 72  ASP 72  73  73  ASP ASP A . n 
A 1 73  PHE 73  74  74  PHE PHE A . n 
A 1 74  ALA 74  75  75  ALA ALA A . n 
A 1 75  ALA 75  76  76  ALA ALA A . n 
A 1 76  HIS 76  77  77  HIS HIS A . n 
A 1 77  LYS 77  78  78  LYS LYS A . n 
A 1 78  ALA 78  79  79  ALA ALA A . n 
A 1 79  GLU 79  80  80  GLU GLU A . n 
A 1 80  HIS 80  81  81  HIS HIS A . n 
A 1 81  ASP 81  82  82  ASP ASP A . n 
A 1 82  LYS 82  83  83  LYS LYS A . n 
A 1 83  LEU 83  84  84  LEU LEU A . n 
A 1 84  VAL 84  85  85  VAL VAL A . n 
A 1 85  GLY 85  86  86  GLY GLY A . n 
A 1 86  VAL 86  87  87  VAL VAL A . n 
A 1 87  CYS 87  88  88  CYS CYS A . n 
A 1 88  ALA 88  89  89  ALA ALA A . n 
A 1 89  ASP 89  90  90  ASP ASP A . n 
A 1 90  LEU 90  91  91  LEU LEU A . n 
A 1 91  GLN 91  92  92  GLN GLN A . n 
A 1 92  LYS 92  93  93  LYS LYS A . n 
A 1 93  LYS 93  94  94  LYS LYS A . n 
A 1 94  PHE 94  95  95  PHE PHE A . n 
A 1 95  HIS 95  96  96  HIS HIS A . n 
A 1 96  ALA 96  97  97  ALA ALA A . n 
A 1 97  GLY 97  98  98  GLY GLY A . n 
A 1 98  GLU 98  99  99  GLU GLU A . n 
A 1 99  ALA 99  100 100 ALA ALA A . n 
A 1 100 GLU 100 101 101 GLU GLU A . n 
A 1 101 VAL 101 102 102 VAL VAL A . n 
A 1 102 ASN 102 103 103 ASN ASN A . n 
A 1 103 GLN 103 104 104 GLN GLN A . n 
A 1 104 ASP 104 105 105 ASP ASP A . n 
A 1 105 THR 105 106 106 THR THR A . n 
A 1 106 THR 106 107 107 THR THR A . n 
A 1 107 ARG 107 108 108 ARG ARG A . n 
A 1 108 PHE 108 109 109 PHE PHE A . n 
A 1 109 VAL 109 110 110 VAL VAL A . n 
A 1 110 ARG 110 111 111 ARG ARG A . n 
A 1 111 ASP 111 112 112 ASP ASP A . n 
A 1 112 TRP 112 113 113 TRP TRP A . n 
A 1 113 LEU 113 114 114 LEU LEU A . n 
A 1 114 VAL 114 115 115 VAL VAL A . n 
A 1 115 ASN 115 116 116 ASN ASN A . n 
A 1 116 HIS 116 117 117 HIS HIS A . n 
A 1 117 ILE 117 118 118 ILE ILE A . n 
A 1 118 PRO 118 119 119 PRO PRO A . n 
A 1 119 LYS 119 120 120 LYS LYS A . n 
A 1 120 VAL 120 121 121 VAL VAL A . n 
A 1 121 ASP 121 122 122 ASP ASP A . n 
A 1 122 LYS 122 123 123 LYS LYS A . n 
A 1 123 LEU 123 124 124 LEU LEU A . n 
A 1 124 TYR 124 125 125 TYR TYR A . n 
A 1 125 GLY 125 126 126 GLY GLY A . n 
A 1 126 PRO 126 127 127 PRO PRO A . n 
A 1 127 CYS 127 128 128 CYS CYS A . n 
A 1 128 LEU 128 129 129 LEU LEU A . n 
A 1 129 SER 129 130 130 SER SER A . n 
A 1 130 ALA 130 131 131 ALA ALA A . n 
# 
loop_
_pdbx_nonpoly_scheme.asym_id 
_pdbx_nonpoly_scheme.entity_id 
_pdbx_nonpoly_scheme.mon_id 
_pdbx_nonpoly_scheme.ndb_seq_num 
_pdbx_nonpoly_scheme.pdb_seq_num 
_pdbx_nonpoly_scheme.auth_seq_num 
_pdbx_nonpoly_scheme.pdb_mon_id 
_pdbx_nonpoly_scheme.auth_mon_id 
_pdbx_nonpoly_scheme.pdb_strand_id 
_pdbx_nonpoly_scheme.pdb_ins_code 
B 2 FE2 1   201 1   FE2 Fe  A . 
C 2 FE2 1   202 2   FE2 Fe  A . 
D 3 HOH 1   301 157 HOH HOH A . 
D 3 HOH 2   302 129 HOH HOH A . 
D 3 HOH 3   303 156 HOH HOH A . 
D 3 HOH 4   304 61  HOH HOH A . 
D 3 HOH 5   305 28  HOH HOH A . 
D 3 HOH 6   306 74  HOH HOH A . 
D 3 HOH 7   307 54  HOH HOH A . 
D 3 HOH 8   308 108 HOH HOH A . 
D 3 HOH 9   309 197 HOH HOH A . 
D 3 HOH 10  310 79  HOH HOH A . 
D 3 HOH 11  311 39  HOH HOH A . 
D 3 HOH 12  312 118 HOH HOH A . 
D 3 HOH 13  313 33  HOH HOH A . 
D 3 HOH 14  314 98  HOH HOH A . 
D 3 HOH 15  315 62  HOH HOH A . 
D 3 HOH 16  316 20  HOH HOH A . 
D 3 HOH 17  317 29  HOH HOH A . 
D 3 HOH 18  318 122 HOH HOH A . 
D 3 HOH 19  319 21  HOH HOH A . 
D 3 HOH 20  320 49  HOH HOH A . 
D 3 HOH 21  321 163 HOH HOH A . 
D 3 HOH 22  322 93  HOH HOH A . 
D 3 HOH 23  323 106 HOH HOH A . 
D 3 HOH 24  324 2   HOH HOH A . 
D 3 HOH 25  325 110 HOH HOH A . 
D 3 HOH 26  326 192 HOH HOH A . 
D 3 HOH 27  327 52  HOH HOH A . 
D 3 HOH 28  328 14  HOH HOH A . 
D 3 HOH 29  329 18  HOH HOH A . 
D 3 HOH 30  330 59  HOH HOH A . 
D 3 HOH 31  331 41  HOH HOH A . 
D 3 HOH 32  332 97  HOH HOH A . 
D 3 HOH 33  333 4   HOH HOH A . 
D 3 HOH 34  334 82  HOH HOH A . 
D 3 HOH 35  335 30  HOH HOH A . 
D 3 HOH 36  336 43  HOH HOH A . 
D 3 HOH 37  337 177 HOH HOH A . 
D 3 HOH 38  338 71  HOH HOH A . 
D 3 HOH 39  339 5   HOH HOH A . 
D 3 HOH 40  340 126 HOH HOH A . 
D 3 HOH 41  341 10  HOH HOH A . 
D 3 HOH 42  342 223 HOH HOH A . 
D 3 HOH 43  343 17  HOH HOH A . 
D 3 HOH 44  344 31  HOH HOH A . 
D 3 HOH 45  345 42  HOH HOH A . 
D 3 HOH 46  346 70  HOH HOH A . 
D 3 HOH 47  347 100 HOH HOH A . 
D 3 HOH 48  348 6   HOH HOH A . 
D 3 HOH 49  349 183 HOH HOH A . 
D 3 HOH 50  350 45  HOH HOH A . 
D 3 HOH 51  351 1   HOH HOH A . 
D 3 HOH 52  352 73  HOH HOH A . 
D 3 HOH 53  353 25  HOH HOH A . 
D 3 HOH 54  354 47  HOH HOH A . 
D 3 HOH 55  355 51  HOH HOH A . 
D 3 HOH 56  356 105 HOH HOH A . 
D 3 HOH 57  357 34  HOH HOH A . 
D 3 HOH 58  358 13  HOH HOH A . 
D 3 HOH 59  359 53  HOH HOH A . 
D 3 HOH 60  360 66  HOH HOH A . 
D 3 HOH 61  361 86  HOH HOH A . 
D 3 HOH 62  362 132 HOH HOH A . 
D 3 HOH 63  363 222 HOH HOH A . 
D 3 HOH 64  364 16  HOH HOH A . 
D 3 HOH 65  365 88  HOH HOH A . 
D 3 HOH 66  366 40  HOH HOH A . 
D 3 HOH 67  367 113 HOH HOH A . 
D 3 HOH 68  368 83  HOH HOH A . 
D 3 HOH 69  369 35  HOH HOH A . 
D 3 HOH 70  370 119 HOH HOH A . 
D 3 HOH 71  371 46  HOH HOH A . 
D 3 HOH 72  372 50  HOH HOH A . 
D 3 HOH 73  373 75  HOH HOH A . 
D 3 HOH 74  374 142 HOH HOH A . 
D 3 HOH 75  375 102 HOH HOH A . 
D 3 HOH 76  376 72  HOH HOH A . 
D 3 HOH 77  377 78  HOH HOH A . 
D 3 HOH 78  378 104 HOH HOH A . 
D 3 HOH 79  379 99  HOH HOH A . 
D 3 HOH 80  380 138 HOH HOH A . 
D 3 HOH 81  381 8   HOH HOH A . 
D 3 HOH 82  382 103 HOH HOH A . 
D 3 HOH 83  383 22  HOH HOH A . 
D 3 HOH 84  384 238 HOH HOH A . 
D 3 HOH 85  385 24  HOH HOH A . 
D 3 HOH 86  386 159 HOH HOH A . 
D 3 HOH 87  387 143 HOH HOH A . 
D 3 HOH 88  388 80  HOH HOH A . 
D 3 HOH 89  389 225 HOH HOH A . 
D 3 HOH 90  390 115 HOH HOH A . 
D 3 HOH 91  391 230 HOH HOH A . 
D 3 HOH 92  392 64  HOH HOH A . 
D 3 HOH 93  393 161 HOH HOH A . 
D 3 HOH 94  394 57  HOH HOH A . 
D 3 HOH 95  395 36  HOH HOH A . 
D 3 HOH 96  396 137 HOH HOH A . 
D 3 HOH 97  397 228 HOH HOH A . 
D 3 HOH 98  398 131 HOH HOH A . 
D 3 HOH 99  399 232 HOH HOH A . 
D 3 HOH 100 400 1   HOH O   A . 
D 3 HOH 101 401 2   HOH O   A . 
D 3 HOH 102 402 3   HOH HOH A . 
D 3 HOH 103 403 7   HOH HOH A . 
D 3 HOH 104 404 9   HOH HOH A . 
D 3 HOH 105 405 11  HOH HOH A . 
D 3 HOH 106 406 12  HOH HOH A . 
D 3 HOH 107 407 19  HOH HOH A . 
D 3 HOH 108 408 23  HOH HOH A . 
D 3 HOH 109 409 26  HOH HOH A . 
D 3 HOH 110 410 27  HOH HOH A . 
D 3 HOH 111 411 32  HOH HOH A . 
D 3 HOH 112 412 37  HOH HOH A . 
D 3 HOH 113 413 38  HOH HOH A . 
D 3 HOH 114 414 44  HOH HOH A . 
D 3 HOH 115 415 48  HOH HOH A . 
D 3 HOH 116 416 55  HOH HOH A . 
D 3 HOH 117 417 56  HOH HOH A . 
D 3 HOH 118 418 58  HOH HOH A . 
D 3 HOH 119 419 60  HOH HOH A . 
D 3 HOH 120 420 63  HOH HOH A . 
D 3 HOH 121 421 65  HOH HOH A . 
D 3 HOH 122 422 67  HOH HOH A . 
D 3 HOH 123 423 68  HOH HOH A . 
D 3 HOH 124 424 69  HOH HOH A . 
D 3 HOH 125 425 76  HOH HOH A . 
D 3 HOH 126 426 81  HOH HOH A . 
D 3 HOH 127 427 84  HOH HOH A . 
D 3 HOH 128 428 85  HOH HOH A . 
D 3 HOH 129 429 87  HOH HOH A . 
D 3 HOH 130 430 89  HOH HOH A . 
D 3 HOH 131 431 92  HOH HOH A . 
D 3 HOH 132 432 94  HOH HOH A . 
D 3 HOH 133 433 95  HOH HOH A . 
D 3 HOH 134 434 101 HOH HOH A . 
D 3 HOH 135 435 107 HOH HOH A . 
D 3 HOH 136 436 109 HOH HOH A . 
D 3 HOH 137 437 111 HOH HOH A . 
D 3 HOH 138 438 112 HOH HOH A . 
D 3 HOH 139 439 114 HOH HOH A . 
D 3 HOH 140 440 116 HOH HOH A . 
D 3 HOH 141 441 120 HOH HOH A . 
D 3 HOH 142 442 121 HOH HOH A . 
D 3 HOH 143 443 123 HOH HOH A . 
D 3 HOH 144 444 144 HOH HOH A . 
D 3 HOH 145 445 145 HOH HOH A . 
D 3 HOH 146 446 148 HOH HOH A . 
D 3 HOH 147 447 152 HOH HOH A . 
D 3 HOH 148 448 158 HOH HOH A . 
D 3 HOH 149 449 162 HOH HOH A . 
D 3 HOH 150 450 168 HOH HOH A . 
D 3 HOH 151 451 175 HOH HOH A . 
D 3 HOH 152 452 185 HOH HOH A . 
D 3 HOH 153 453 207 HOH HOH A . 
D 3 HOH 154 454 213 HOH HOH A . 
D 3 HOH 155 455 224 HOH HOH A . 
D 3 HOH 156 456 226 HOH HOH A . 
D 3 HOH 157 457 227 HOH HOH A . 
D 3 HOH 158 458 233 HOH HOH A . 
# 
_pdbx_struct_assembly.id                   1 
_pdbx_struct_assembly.details              author_and_software_defined_assembly 
_pdbx_struct_assembly.method_details       PISA 
_pdbx_struct_assembly.oligomeric_details   monomeric 
_pdbx_struct_assembly.oligomeric_count     1 
# 
_pdbx_struct_assembly_gen.assembly_id       1 
_pdbx_struct_assembly_gen.oper_expression   1 
_pdbx_struct_assembly_gen.asym_id_list      A,B,C,D 
# 
loop_
_pdbx_struct_assembly_prop.biol_id 
_pdbx_struct_assembly_prop.type 
_pdbx_struct_assembly_prop.value 
_pdbx_struct_assembly_prop.details 
1 'ABSA (A^2)' 280  ? 
1 MORE         -30  ? 
1 'SSA (A^2)'  6720 ? 
# 
_pdbx_struct_oper_list.id                   1 
_pdbx_struct_oper_list.type                 'identity operation' 
_pdbx_struct_oper_list.name                 1_555 
_pdbx_struct_oper_list.symmetry_operation   x,y,z 
_pdbx_struct_oper_list.matrix[1][1]         1.0000000000 
_pdbx_struct_oper_list.matrix[1][2]         0.0000000000 
_pdbx_struct_oper_list.matrix[1][3]         0.0000000000 
_pdbx_struct_oper_list.vector[1]            0.0000000000 
_pdbx_struct_oper_list.matrix[2][1]         0.0000000000 
_pdbx_struct_oper_list.matrix[2][2]         1.0000000000 
_pdbx_struct_oper_list.matrix[2][3]         0.0000000000 
_pdbx_struct_oper_list.vector[2]            0.0000000000 
_pdbx_struct_oper_list.matrix[3][1]         0.0000000000 
_pdbx_struct_oper_list.matrix[3][2]         0.0000000000 
_pdbx_struct_oper_list.matrix[3][3]         1.0000000000 
_pdbx_struct_oper_list.vector[3]            0.0000000000 
# 
loop_
_pdbx_struct_conn_angle.id 
_pdbx_struct_conn_angle.ptnr1_label_atom_id 
_pdbx_struct_conn_angle.ptnr1_label_alt_id 
_pdbx_struct_conn_angle.ptnr1_label_asym_id 
_pdbx_struct_conn_angle.ptnr1_label_comp_id 
_pdbx_struct_conn_angle.ptnr1_label_seq_id 
_pdbx_struct_conn_angle.ptnr1_auth_atom_id 
_pdbx_struct_conn_angle.ptnr1_auth_asym_id 
_pdbx_struct_conn_angle.ptnr1_auth_comp_id 
_pdbx_struct_conn_angle.ptnr1_auth_seq_id 
_pdbx_struct_conn_angle.ptnr1_PDB_ins_code 
_pdbx_struct_conn_angle.ptnr1_symmetry 
_pdbx_struct_conn_angle.ptnr2_label_atom_id 
_pdbx_struct_conn_angle.ptnr2_label_alt_id 
_pdbx_struct_conn_angle.ptnr2_label_asym_id 
_pdbx_struct_conn_angle.ptnr2_label_comp_id 
_pdbx_struct_conn_angle.ptnr2_label_seq_id 
_pdbx_struct_conn_angle.ptnr2_auth_atom_id 
_pdbx_struct_conn_angle.ptnr2_auth_asym_id 
_pdbx_struct_conn_angle.ptnr2_auth_comp_id 
_pdbx_struct_conn_angle.ptnr2_auth_seq_id 
_pdbx_struct_conn_angle.ptnr2_PDB_ins_code 
_pdbx_struct_conn_angle.ptnr2_symmetry 
_pdbx_struct_conn_angle.ptnr3_label_atom_id 
_pdbx_struct_conn_angle.ptnr3_label_alt_id 
_pdbx_struct_conn_angle.ptnr3_label_asym_id 
_pdbx_struct_conn_angle.ptnr3_label_comp_id 
_pdbx_struct_conn_angle.ptnr3_label_seq_id 
_pdbx_struct_conn_angle.ptnr3_auth_atom_id 
_pdbx_struct_conn_angle.ptnr3_auth_asym_id 
_pdbx_struct_conn_angle.ptnr3_auth_comp_id 
_pdbx_struct_conn_angle.ptnr3_auth_seq_id 
_pdbx_struct_conn_angle.ptnr3_PDB_ins_code 
_pdbx_struct_conn_angle.ptnr3_symmetry 
_pdbx_struct_conn_angle.value 
_pdbx_struct_conn_angle.value_esd 
1  NE2 ? A HIS 21  ? A HIS 22  ? 1_555 FE ? C FE2 . ? A FE2 202 ? 1_555 NE2 ? A HIS 57  ? A HIS 58  ? 1_555 85.8  ? 
2  NE2 ? A HIS 21  ? A HIS 22  ? 1_555 FE ? C FE2 . ? A FE2 202 ? 1_555 OE2 ? A GLU 61  ? A GLU 62  ? 1_555 100.3 ? 
3  NE2 ? A HIS 57  ? A HIS 58  ? 1_555 FE ? C FE2 . ? A FE2 202 ? 1_555 OE2 ? A GLU 61  ? A GLU 62  ? 1_555 82.3  ? 
4  NE2 ? A HIS 21  ? A HIS 22  ? 1_555 FE ? C FE2 . ? A FE2 202 ? 1_555 OD2 ? A ASP 121 ? A ASP 122 ? 1_555 84.4  ? 
5  NE2 ? A HIS 57  ? A HIS 58  ? 1_555 FE ? C FE2 . ? A FE2 202 ? 1_555 OD2 ? A ASP 121 ? A ASP 122 ? 1_555 163.7 ? 
6  OE2 ? A GLU 61  ? A GLU 62  ? 1_555 FE ? C FE2 . ? A FE2 202 ? 1_555 OD2 ? A ASP 121 ? A ASP 122 ? 1_555 86.7  ? 
7  NE2 ? A HIS 21  ? A HIS 22  ? 1_555 FE ? C FE2 . ? A FE2 202 ? 1_555 O   ? D HOH .   ? A HOH 400 ? 1_555 89.6  ? 
8  NE2 ? A HIS 57  ? A HIS 58  ? 1_555 FE ? C FE2 . ? A FE2 202 ? 1_555 O   ? D HOH .   ? A HOH 400 ? 1_555 93.4  ? 
9  OE2 ? A GLU 61  ? A GLU 62  ? 1_555 FE ? C FE2 . ? A FE2 202 ? 1_555 O   ? D HOH .   ? A HOH 400 ? 1_555 168.8 ? 
10 OD2 ? A ASP 121 ? A ASP 122 ? 1_555 FE ? C FE2 . ? A FE2 202 ? 1_555 O   ? D HOH .   ? A HOH 400 ? 1_555 99.5  ? 
11 NE2 ? A HIS 21  ? A HIS 22  ? 1_555 FE ? C FE2 . ? A FE2 202 ? 1_555 O   ? D HOH .   ? A HOH 401 ? 1_555 159.7 ? 
12 NE2 ? A HIS 57  ? A HIS 58  ? 1_555 FE ? C FE2 . ? A FE2 202 ? 1_555 O   ? D HOH .   ? A HOH 401 ? 1_555 96.6  ? 
13 OE2 ? A GLU 61  ? A GLU 62  ? 1_555 FE ? C FE2 . ? A FE2 202 ? 1_555 O   ? D HOH .   ? A HOH 401 ? 1_555 100.0 ? 
14 OD2 ? A ASP 121 ? A ASP 122 ? 1_555 FE ? C FE2 . ? A FE2 202 ? 1_555 O   ? D HOH .   ? A HOH 401 ? 1_555 97.2  ? 
15 O   ? D HOH .   ? A HOH 400 ? 1_555 FE ? C FE2 . ? A FE2 202 ? 1_555 O   ? D HOH .   ? A HOH 401 ? 1_555 70.1  ? 
16 OE1 ? A GLU 61  ? A GLU 62  ? 1_555 FE ? B FE2 . ? A FE2 201 ? 1_555 NE2 ? A HIS 76  ? A HIS 77  ? 1_555 89.7  ? 
17 OE1 ? A GLU 61  ? A GLU 62  ? 1_555 FE ? B FE2 . ? A FE2 201 ? 1_555 NE2 ? A HIS 80  ? A HIS 81  ? 1_555 87.3  ? 
18 NE2 ? A HIS 76  ? A HIS 77  ? 1_555 FE ? B FE2 . ? A FE2 201 ? 1_555 NE2 ? A HIS 80  ? A HIS 81  ? 1_555 85.0  ? 
19 OE1 ? A GLU 61  ? A GLU 62  ? 1_555 FE ? B FE2 . ? A FE2 201 ? 1_555 NE2 ? A HIS 116 ? A HIS 117 ? 1_555 175.6 ? 
20 NE2 ? A HIS 76  ? A HIS 77  ? 1_555 FE ? B FE2 . ? A FE2 201 ? 1_555 NE2 ? A HIS 116 ? A HIS 117 ? 1_555 93.9  ? 
21 NE2 ? A HIS 80  ? A HIS 81  ? 1_555 FE ? B FE2 . ? A FE2 201 ? 1_555 NE2 ? A HIS 116 ? A HIS 117 ? 1_555 95.5  ? 
22 OE1 ? A GLU 61  ? A GLU 62  ? 1_555 FE ? B FE2 . ? A FE2 201 ? 1_555 OD1 ? A ASP 121 ? A ASP 122 ? 1_555 90.8  ? 
23 NE2 ? A HIS 76  ? A HIS 77  ? 1_555 FE ? B FE2 . ? A FE2 201 ? 1_555 OD1 ? A ASP 121 ? A ASP 122 ? 1_555 83.1  ? 
24 NE2 ? A HIS 80  ? A HIS 81  ? 1_555 FE ? B FE2 . ? A FE2 201 ? 1_555 OD1 ? A ASP 121 ? A ASP 122 ? 1_555 167.9 ? 
25 NE2 ? A HIS 116 ? A HIS 117 ? 1_555 FE ? B FE2 . ? A FE2 201 ? 1_555 OD1 ? A ASP 121 ? A ASP 122 ? 1_555 87.2  ? 
26 OE1 ? A GLU 61  ? A GLU 62  ? 1_555 FE ? B FE2 . ? A FE2 201 ? 1_555 O   ? D HOH .   ? A HOH 401 ? 1_555 89.2  ? 
27 NE2 ? A HIS 76  ? A HIS 77  ? 1_555 FE ? B FE2 . ? A FE2 201 ? 1_555 O   ? D HOH .   ? A HOH 401 ? 1_555 177.1 ? 
28 NE2 ? A HIS 80  ? A HIS 81  ? 1_555 FE ? B FE2 . ? A FE2 201 ? 1_555 O   ? D HOH .   ? A HOH 401 ? 1_555 92.3  ? 
29 NE2 ? A HIS 116 ? A HIS 117 ? 1_555 FE ? B FE2 . ? A FE2 201 ? 1_555 O   ? D HOH .   ? A HOH 401 ? 1_555 87.3  ? 
30 OD1 ? A ASP 121 ? A ASP 122 ? 1_555 FE ? B FE2 . ? A FE2 201 ? 1_555 O   ? D HOH .   ? A HOH 401 ? 1_555 99.6  ? 
# 
loop_
_pdbx_audit_revision_history.ordinal 
_pdbx_audit_revision_history.data_content_type 
_pdbx_audit_revision_history.major_revision 
_pdbx_audit_revision_history.minor_revision 
_pdbx_audit_revision_history.revision_date 
1 'Structure model' 1 0 2015-04-29 
2 'Structure model' 1 1 2015-05-06 
3 'Structure model' 1 2 2015-12-09 
4 'Structure model' 1 3 2020-02-05 
5 'Structure model' 1 4 2023-11-08 
# 
_pdbx_audit_revision_details.ordinal             1 
_pdbx_audit_revision_details.revision_ordinal    1 
_pdbx_audit_revision_details.data_content_type   'Structure model' 
_pdbx_audit_revision_details.provider            repository 
_pdbx_audit_revision_details.type                'Initial release' 
_pdbx_audit_revision_details.description         ? 
_pdbx_audit_revision_details.details             ? 
# 
loop_
_pdbx_audit_revision_group.ordinal 
_pdbx_audit_revision_group.revision_ordinal 
_pdbx_audit_revision_group.data_content_type 
_pdbx_audit_revision_group.group 
1 2 'Structure model' 'Database references'    
2 3 'Structure model' 'Database references'    
3 4 'Structure model' 'Data collection'        
4 4 'Structure model' 'Database references'    
5 4 'Structure model' 'Derived calculations'   
6 5 'Structure model' 'Data collection'        
7 5 'Structure model' 'Database references'    
8 5 'Structure model' 'Refinement description' 
# 
loop_
_pdbx_audit_revision_category.ordinal 
_pdbx_audit_revision_category.revision_ordinal 
_pdbx_audit_revision_category.data_content_type 
_pdbx_audit_revision_category.category 
1 4 'Structure model' citation                      
2 4 'Structure model' diffrn_source                 
3 4 'Structure model' pdbx_struct_oper_list         
4 5 'Structure model' chem_comp_atom                
5 5 'Structure model' chem_comp_bond                
6 5 'Structure model' database_2                    
7 5 'Structure model' pdbx_initial_refinement_model 
# 
loop_
_pdbx_audit_revision_item.ordinal 
_pdbx_audit_revision_item.revision_ordinal 
_pdbx_audit_revision_item.data_content_type 
_pdbx_audit_revision_item.item 
1 4 'Structure model' '_citation.journal_id_CSD'                  
2 4 'Structure model' '_diffrn_source.pdbx_synchrotron_site'      
3 4 'Structure model' '_pdbx_struct_oper_list.symmetry_operation' 
4 5 'Structure model' '_database_2.pdbx_DOI'                      
5 5 'Structure model' '_database_2.pdbx_database_accession'       
# 
_software.citation_id            ? 
_software.classification         refinement 
_software.compiler_name          ? 
_software.compiler_version       ? 
_software.contact_author         ? 
_software.contact_author_email   ? 
_software.date                   ? 
_software.description            ? 
_software.dependencies           ? 
_software.hardware               ? 
_software.language               ? 
_software.location               ? 
_software.mods                   ? 
_software.name                   REFMAC 
_software.os                     ? 
_software.os_version             ? 
_software.type                   ? 
_software.version                5.5.0102 
_software.pdbx_ordinal           1 
# 
loop_
_pdbx_validate_close_contact.id 
_pdbx_validate_close_contact.PDB_model_num 
_pdbx_validate_close_contact.auth_atom_id_1 
_pdbx_validate_close_contact.auth_asym_id_1 
_pdbx_validate_close_contact.auth_comp_id_1 
_pdbx_validate_close_contact.auth_seq_id_1 
_pdbx_validate_close_contact.PDB_ins_code_1 
_pdbx_validate_close_contact.label_alt_id_1 
_pdbx_validate_close_contact.auth_atom_id_2 
_pdbx_validate_close_contact.auth_asym_id_2 
_pdbx_validate_close_contact.auth_comp_id_2 
_pdbx_validate_close_contact.auth_seq_id_2 
_pdbx_validate_close_contact.PDB_ins_code_2 
_pdbx_validate_close_contact.label_alt_id_2 
_pdbx_validate_close_contact.dist 
1 1 CB  A ASP 27  ? ? O A HOH 381 ? ? 1.84 
2 1 O   A HOH 414 ? ? O A HOH 446 ? ? 1.92 
3 1 O   A HOH 446 ? ? O A HOH 452 ? ? 2.00 
4 1 O   A HOH 450 ? ? O A HOH 454 ? ? 2.01 
5 1 O   A HOH 445 ? ? O A HOH 447 ? ? 2.04 
6 1 CB  A THR 35  ? ? O A HOH 437 ? ? 2.07 
7 1 O   A HOH 373 ? ? O A HOH 386 ? ? 2.12 
8 1 ND2 A ASN 116 ? ? O A HOH 301 ? ? 2.18 
9 1 O   A HOH 303 ? ? O A HOH 334 ? ? 2.19 
# 
loop_
_pdbx_validate_rmsd_bond.id 
_pdbx_validate_rmsd_bond.PDB_model_num 
_pdbx_validate_rmsd_bond.auth_atom_id_1 
_pdbx_validate_rmsd_bond.auth_asym_id_1 
_pdbx_validate_rmsd_bond.auth_comp_id_1 
_pdbx_validate_rmsd_bond.auth_seq_id_1 
_pdbx_validate_rmsd_bond.PDB_ins_code_1 
_pdbx_validate_rmsd_bond.label_alt_id_1 
_pdbx_validate_rmsd_bond.auth_atom_id_2 
_pdbx_validate_rmsd_bond.auth_asym_id_2 
_pdbx_validate_rmsd_bond.auth_comp_id_2 
_pdbx_validate_rmsd_bond.auth_seq_id_2 
_pdbx_validate_rmsd_bond.PDB_ins_code_2 
_pdbx_validate_rmsd_bond.label_alt_id_2 
_pdbx_validate_rmsd_bond.bond_value 
_pdbx_validate_rmsd_bond.bond_target_value 
_pdbx_validate_rmsd_bond.bond_deviation 
_pdbx_validate_rmsd_bond.bond_standard_deviation 
_pdbx_validate_rmsd_bond.linker_flag 
1 1 CG A GLU 10  ? ? CD  A GLU 10  ? ? 1.705 1.515 0.190  0.015 N 
2 1 CD A GLU 10  ? ? OE2 A GLU 10  ? ? 1.176 1.252 -0.076 0.011 N 
3 1 CZ A ARG 108 ? ? NH1 A ARG 108 ? ? 1.229 1.326 -0.097 0.013 N 
4 1 CB A VAL 115 ? ? CG2 A VAL 115 ? ? 1.305 1.524 -0.219 0.021 N 
# 
loop_
_pdbx_validate_rmsd_angle.id 
_pdbx_validate_rmsd_angle.PDB_model_num 
_pdbx_validate_rmsd_angle.auth_atom_id_1 
_pdbx_validate_rmsd_angle.auth_asym_id_1 
_pdbx_validate_rmsd_angle.auth_comp_id_1 
_pdbx_validate_rmsd_angle.auth_seq_id_1 
_pdbx_validate_rmsd_angle.PDB_ins_code_1 
_pdbx_validate_rmsd_angle.label_alt_id_1 
_pdbx_validate_rmsd_angle.auth_atom_id_2 
_pdbx_validate_rmsd_angle.auth_asym_id_2 
_pdbx_validate_rmsd_angle.auth_comp_id_2 
_pdbx_validate_rmsd_angle.auth_seq_id_2 
_pdbx_validate_rmsd_angle.PDB_ins_code_2 
_pdbx_validate_rmsd_angle.label_alt_id_2 
_pdbx_validate_rmsd_angle.auth_atom_id_3 
_pdbx_validate_rmsd_angle.auth_asym_id_3 
_pdbx_validate_rmsd_angle.auth_comp_id_3 
_pdbx_validate_rmsd_angle.auth_seq_id_3 
_pdbx_validate_rmsd_angle.PDB_ins_code_3 
_pdbx_validate_rmsd_angle.label_alt_id_3 
_pdbx_validate_rmsd_angle.angle_value 
_pdbx_validate_rmsd_angle.angle_target_value 
_pdbx_validate_rmsd_angle.angle_deviation 
_pdbx_validate_rmsd_angle.angle_standard_deviation 
_pdbx_validate_rmsd_angle.linker_flag 
1 1 CB  A ASP 19  ? ? CG A ASP 19  ? ? OD2 A ASP 19  ? ? 112.50 118.30 -5.80 0.90 N 
2 1 CB  A ASP 34  ? ? CG A ASP 34  ? ? OD2 A ASP 34  ? ? 112.17 118.30 -6.13 0.90 N 
3 1 NE  A ARG 41  ? ? CZ A ARG 41  ? ? NH1 A ARG 41  ? ? 125.24 120.30 4.94  0.50 N 
4 1 OE1 A GLU 101 ? ? CD A GLU 101 ? ? OE2 A GLU 101 ? ? 116.08 123.30 -7.22 1.20 N 
5 1 NE  A ARG 111 ? ? CZ A ARG 111 ? ? NH1 A ARG 111 ? ? 123.40 120.30 3.10  0.50 N 
6 1 NE  A ARG 111 ? ? CZ A ARG 111 ? ? NH2 A ARG 111 ? ? 115.10 120.30 -5.20 0.50 N 
# 
_pdbx_validate_torsion.id              1 
_pdbx_validate_torsion.PDB_model_num   1 
_pdbx_validate_torsion.auth_comp_id    VAL 
_pdbx_validate_torsion.auth_asym_id    A 
_pdbx_validate_torsion.auth_seq_id     121 
_pdbx_validate_torsion.PDB_ins_code    ? 
_pdbx_validate_torsion.label_alt_id    ? 
_pdbx_validate_torsion.phi             -123.63 
_pdbx_validate_torsion.psi             -55.62 
# 
loop_
_chem_comp_atom.comp_id 
_chem_comp_atom.atom_id 
_chem_comp_atom.type_symbol 
_chem_comp_atom.pdbx_aromatic_flag 
_chem_comp_atom.pdbx_stereo_config 
_chem_comp_atom.pdbx_ordinal 
ALA N    N  N N 1   
ALA CA   C  N S 2   
ALA C    C  N N 3   
ALA O    O  N N 4   
ALA CB   C  N N 5   
ALA OXT  O  N N 6   
ALA H    H  N N 7   
ALA H2   H  N N 8   
ALA HA   H  N N 9   
ALA HB1  H  N N 10  
ALA HB2  H  N N 11  
ALA HB3  H  N N 12  
ALA HXT  H  N N 13  
ARG N    N  N N 14  
ARG CA   C  N S 15  
ARG C    C  N N 16  
ARG O    O  N N 17  
ARG CB   C  N N 18  
ARG CG   C  N N 19  
ARG CD   C  N N 20  
ARG NE   N  N N 21  
ARG CZ   C  N N 22  
ARG NH1  N  N N 23  
ARG NH2  N  N N 24  
ARG OXT  O  N N 25  
ARG H    H  N N 26  
ARG H2   H  N N 27  
ARG HA   H  N N 28  
ARG HB2  H  N N 29  
ARG HB3  H  N N 30  
ARG HG2  H  N N 31  
ARG HG3  H  N N 32  
ARG HD2  H  N N 33  
ARG HD3  H  N N 34  
ARG HE   H  N N 35  
ARG HH11 H  N N 36  
ARG HH12 H  N N 37  
ARG HH21 H  N N 38  
ARG HH22 H  N N 39  
ARG HXT  H  N N 40  
ASN N    N  N N 41  
ASN CA   C  N S 42  
ASN C    C  N N 43  
ASN O    O  N N 44  
ASN CB   C  N N 45  
ASN CG   C  N N 46  
ASN OD1  O  N N 47  
ASN ND2  N  N N 48  
ASN OXT  O  N N 49  
ASN H    H  N N 50  
ASN H2   H  N N 51  
ASN HA   H  N N 52  
ASN HB2  H  N N 53  
ASN HB3  H  N N 54  
ASN HD21 H  N N 55  
ASN HD22 H  N N 56  
ASN HXT  H  N N 57  
ASP N    N  N N 58  
ASP CA   C  N S 59  
ASP C    C  N N 60  
ASP O    O  N N 61  
ASP CB   C  N N 62  
ASP CG   C  N N 63  
ASP OD1  O  N N 64  
ASP OD2  O  N N 65  
ASP OXT  O  N N 66  
ASP H    H  N N 67  
ASP H2   H  N N 68  
ASP HA   H  N N 69  
ASP HB2  H  N N 70  
ASP HB3  H  N N 71  
ASP HD2  H  N N 72  
ASP HXT  H  N N 73  
CYS N    N  N N 74  
CYS CA   C  N R 75  
CYS C    C  N N 76  
CYS O    O  N N 77  
CYS CB   C  N N 78  
CYS SG   S  N N 79  
CYS OXT  O  N N 80  
CYS H    H  N N 81  
CYS H2   H  N N 82  
CYS HA   H  N N 83  
CYS HB2  H  N N 84  
CYS HB3  H  N N 85  
CYS HG   H  N N 86  
CYS HXT  H  N N 87  
FE2 FE   FE N N 88  
GLN N    N  N N 89  
GLN CA   C  N S 90  
GLN C    C  N N 91  
GLN O    O  N N 92  
GLN CB   C  N N 93  
GLN CG   C  N N 94  
GLN CD   C  N N 95  
GLN OE1  O  N N 96  
GLN NE2  N  N N 97  
GLN OXT  O  N N 98  
GLN H    H  N N 99  
GLN H2   H  N N 100 
GLN HA   H  N N 101 
GLN HB2  H  N N 102 
GLN HB3  H  N N 103 
GLN HG2  H  N N 104 
GLN HG3  H  N N 105 
GLN HE21 H  N N 106 
GLN HE22 H  N N 107 
GLN HXT  H  N N 108 
GLU N    N  N N 109 
GLU CA   C  N S 110 
GLU C    C  N N 111 
GLU O    O  N N 112 
GLU CB   C  N N 113 
GLU CG   C  N N 114 
GLU CD   C  N N 115 
GLU OE1  O  N N 116 
GLU OE2  O  N N 117 
GLU OXT  O  N N 118 
GLU H    H  N N 119 
GLU H2   H  N N 120 
GLU HA   H  N N 121 
GLU HB2  H  N N 122 
GLU HB3  H  N N 123 
GLU HG2  H  N N 124 
GLU HG3  H  N N 125 
GLU HE2  H  N N 126 
GLU HXT  H  N N 127 
GLY N    N  N N 128 
GLY CA   C  N N 129 
GLY C    C  N N 130 
GLY O    O  N N 131 
GLY OXT  O  N N 132 
GLY H    H  N N 133 
GLY H2   H  N N 134 
GLY HA2  H  N N 135 
GLY HA3  H  N N 136 
GLY HXT  H  N N 137 
HIS N    N  N N 138 
HIS CA   C  N S 139 
HIS C    C  N N 140 
HIS O    O  N N 141 
HIS CB   C  N N 142 
HIS CG   C  Y N 143 
HIS ND1  N  Y N 144 
HIS CD2  C  Y N 145 
HIS CE1  C  Y N 146 
HIS NE2  N  Y N 147 
HIS OXT  O  N N 148 
HIS H    H  N N 149 
HIS H2   H  N N 150 
HIS HA   H  N N 151 
HIS HB2  H  N N 152 
HIS HB3  H  N N 153 
HIS HD1  H  N N 154 
HIS HD2  H  N N 155 
HIS HE1  H  N N 156 
HIS HE2  H  N N 157 
HIS HXT  H  N N 158 
HOH O    O  N N 159 
HOH H1   H  N N 160 
HOH H2   H  N N 161 
ILE N    N  N N 162 
ILE CA   C  N S 163 
ILE C    C  N N 164 
ILE O    O  N N 165 
ILE CB   C  N S 166 
ILE CG1  C  N N 167 
ILE CG2  C  N N 168 
ILE CD1  C  N N 169 
ILE OXT  O  N N 170 
ILE H    H  N N 171 
ILE H2   H  N N 172 
ILE HA   H  N N 173 
ILE HB   H  N N 174 
ILE HG12 H  N N 175 
ILE HG13 H  N N 176 
ILE HG21 H  N N 177 
ILE HG22 H  N N 178 
ILE HG23 H  N N 179 
ILE HD11 H  N N 180 
ILE HD12 H  N N 181 
ILE HD13 H  N N 182 
ILE HXT  H  N N 183 
LEU N    N  N N 184 
LEU CA   C  N S 185 
LEU C    C  N N 186 
LEU O    O  N N 187 
LEU CB   C  N N 188 
LEU CG   C  N N 189 
LEU CD1  C  N N 190 
LEU CD2  C  N N 191 
LEU OXT  O  N N 192 
LEU H    H  N N 193 
LEU H2   H  N N 194 
LEU HA   H  N N 195 
LEU HB2  H  N N 196 
LEU HB3  H  N N 197 
LEU HG   H  N N 198 
LEU HD11 H  N N 199 
LEU HD12 H  N N 200 
LEU HD13 H  N N 201 
LEU HD21 H  N N 202 
LEU HD22 H  N N 203 
LEU HD23 H  N N 204 
LEU HXT  H  N N 205 
LYS N    N  N N 206 
LYS CA   C  N S 207 
LYS C    C  N N 208 
LYS O    O  N N 209 
LYS CB   C  N N 210 
LYS CG   C  N N 211 
LYS CD   C  N N 212 
LYS CE   C  N N 213 
LYS NZ   N  N N 214 
LYS OXT  O  N N 215 
LYS H    H  N N 216 
LYS H2   H  N N 217 
LYS HA   H  N N 218 
LYS HB2  H  N N 219 
LYS HB3  H  N N 220 
LYS HG2  H  N N 221 
LYS HG3  H  N N 222 
LYS HD2  H  N N 223 
LYS HD3  H  N N 224 
LYS HE2  H  N N 225 
LYS HE3  H  N N 226 
LYS HZ1  H  N N 227 
LYS HZ2  H  N N 228 
LYS HZ3  H  N N 229 
LYS HXT  H  N N 230 
MET N    N  N N 231 
MET CA   C  N S 232 
MET C    C  N N 233 
MET O    O  N N 234 
MET CB   C  N N 235 
MET CG   C  N N 236 
MET SD   S  N N 237 
MET CE   C  N N 238 
MET OXT  O  N N 239 
MET H    H  N N 240 
MET H2   H  N N 241 
MET HA   H  N N 242 
MET HB2  H  N N 243 
MET HB3  H  N N 244 
MET HG2  H  N N 245 
MET HG3  H  N N 246 
MET HE1  H  N N 247 
MET HE2  H  N N 248 
MET HE3  H  N N 249 
MET HXT  H  N N 250 
PHE N    N  N N 251 
PHE CA   C  N S 252 
PHE C    C  N N 253 
PHE O    O  N N 254 
PHE CB   C  N N 255 
PHE CG   C  Y N 256 
PHE CD1  C  Y N 257 
PHE CD2  C  Y N 258 
PHE CE1  C  Y N 259 
PHE CE2  C  Y N 260 
PHE CZ   C  Y N 261 
PHE OXT  O  N N 262 
PHE H    H  N N 263 
PHE H2   H  N N 264 
PHE HA   H  N N 265 
PHE HB2  H  N N 266 
PHE HB3  H  N N 267 
PHE HD1  H  N N 268 
PHE HD2  H  N N 269 
PHE HE1  H  N N 270 
PHE HE2  H  N N 271 
PHE HZ   H  N N 272 
PHE HXT  H  N N 273 
PRO N    N  N N 274 
PRO CA   C  N S 275 
PRO C    C  N N 276 
PRO O    O  N N 277 
PRO CB   C  N N 278 
PRO CG   C  N N 279 
PRO CD   C  N N 280 
PRO OXT  O  N N 281 
PRO H    H  N N 282 
PRO HA   H  N N 283 
PRO HB2  H  N N 284 
PRO HB3  H  N N 285 
PRO HG2  H  N N 286 
PRO HG3  H  N N 287 
PRO HD2  H  N N 288 
PRO HD3  H  N N 289 
PRO HXT  H  N N 290 
SER N    N  N N 291 
SER CA   C  N S 292 
SER C    C  N N 293 
SER O    O  N N 294 
SER CB   C  N N 295 
SER OG   O  N N 296 
SER OXT  O  N N 297 
SER H    H  N N 298 
SER H2   H  N N 299 
SER HA   H  N N 300 
SER HB2  H  N N 301 
SER HB3  H  N N 302 
SER HG   H  N N 303 
SER HXT  H  N N 304 
THR N    N  N N 305 
THR CA   C  N S 306 
THR C    C  N N 307 
THR O    O  N N 308 
THR CB   C  N R 309 
THR OG1  O  N N 310 
THR CG2  C  N N 311 
THR OXT  O  N N 312 
THR H    H  N N 313 
THR H2   H  N N 314 
THR HA   H  N N 315 
THR HB   H  N N 316 
THR HG1  H  N N 317 
THR HG21 H  N N 318 
THR HG22 H  N N 319 
THR HG23 H  N N 320 
THR HXT  H  N N 321 
TRP N    N  N N 322 
TRP CA   C  N S 323 
TRP C    C  N N 324 
TRP O    O  N N 325 
TRP CB   C  N N 326 
TRP CG   C  Y N 327 
TRP CD1  C  Y N 328 
TRP CD2  C  Y N 329 
TRP NE1  N  Y N 330 
TRP CE2  C  Y N 331 
TRP CE3  C  Y N 332 
TRP CZ2  C  Y N 333 
TRP CZ3  C  Y N 334 
TRP CH2  C  Y N 335 
TRP OXT  O  N N 336 
TRP H    H  N N 337 
TRP H2   H  N N 338 
TRP HA   H  N N 339 
TRP HB2  H  N N 340 
TRP HB3  H  N N 341 
TRP HD1  H  N N 342 
TRP HE1  H  N N 343 
TRP HE3  H  N N 344 
TRP HZ2  H  N N 345 
TRP HZ3  H  N N 346 
TRP HH2  H  N N 347 
TRP HXT  H  N N 348 
TYR N    N  N N 349 
TYR CA   C  N S 350 
TYR C    C  N N 351 
TYR O    O  N N 352 
TYR CB   C  N N 353 
TYR CG   C  Y N 354 
TYR CD1  C  Y N 355 
TYR CD2  C  Y N 356 
TYR CE1  C  Y N 357 
TYR CE2  C  Y N 358 
TYR CZ   C  Y N 359 
TYR OH   O  N N 360 
TYR OXT  O  N N 361 
TYR H    H  N N 362 
TYR H2   H  N N 363 
TYR HA   H  N N 364 
TYR HB2  H  N N 365 
TYR HB3  H  N N 366 
TYR HD1  H  N N 367 
TYR HD2  H  N N 368 
TYR HE1  H  N N 369 
TYR HE2  H  N N 370 
TYR HH   H  N N 371 
TYR HXT  H  N N 372 
VAL N    N  N N 373 
VAL CA   C  N S 374 
VAL C    C  N N 375 
VAL O    O  N N 376 
VAL CB   C  N N 377 
VAL CG1  C  N N 378 
VAL CG2  C  N N 379 
VAL OXT  O  N N 380 
VAL H    H  N N 381 
VAL H2   H  N N 382 
VAL HA   H  N N 383 
VAL HB   H  N N 384 
VAL HG11 H  N N 385 
VAL HG12 H  N N 386 
VAL HG13 H  N N 387 
VAL HG21 H  N N 388 
VAL HG22 H  N N 389 
VAL HG23 H  N N 390 
VAL HXT  H  N N 391 
# 
loop_
_chem_comp_bond.comp_id 
_chem_comp_bond.atom_id_1 
_chem_comp_bond.atom_id_2 
_chem_comp_bond.value_order 
_chem_comp_bond.pdbx_aromatic_flag 
_chem_comp_bond.pdbx_stereo_config 
_chem_comp_bond.pdbx_ordinal 
ALA N   CA   sing N N 1   
ALA N   H    sing N N 2   
ALA N   H2   sing N N 3   
ALA CA  C    sing N N 4   
ALA CA  CB   sing N N 5   
ALA CA  HA   sing N N 6   
ALA C   O    doub N N 7   
ALA C   OXT  sing N N 8   
ALA CB  HB1  sing N N 9   
ALA CB  HB2  sing N N 10  
ALA CB  HB3  sing N N 11  
ALA OXT HXT  sing N N 12  
ARG N   CA   sing N N 13  
ARG N   H    sing N N 14  
ARG N   H2   sing N N 15  
ARG CA  C    sing N N 16  
ARG CA  CB   sing N N 17  
ARG CA  HA   sing N N 18  
ARG C   O    doub N N 19  
ARG C   OXT  sing N N 20  
ARG CB  CG   sing N N 21  
ARG CB  HB2  sing N N 22  
ARG CB  HB3  sing N N 23  
ARG CG  CD   sing N N 24  
ARG CG  HG2  sing N N 25  
ARG CG  HG3  sing N N 26  
ARG CD  NE   sing N N 27  
ARG CD  HD2  sing N N 28  
ARG CD  HD3  sing N N 29  
ARG NE  CZ   sing N N 30  
ARG NE  HE   sing N N 31  
ARG CZ  NH1  sing N N 32  
ARG CZ  NH2  doub N N 33  
ARG NH1 HH11 sing N N 34  
ARG NH1 HH12 sing N N 35  
ARG NH2 HH21 sing N N 36  
ARG NH2 HH22 sing N N 37  
ARG OXT HXT  sing N N 38  
ASN N   CA   sing N N 39  
ASN N   H    sing N N 40  
ASN N   H2   sing N N 41  
ASN CA  C    sing N N 42  
ASN CA  CB   sing N N 43  
ASN CA  HA   sing N N 44  
ASN C   O    doub N N 45  
ASN C   OXT  sing N N 46  
ASN CB  CG   sing N N 47  
ASN CB  HB2  sing N N 48  
ASN CB  HB3  sing N N 49  
ASN CG  OD1  doub N N 50  
ASN CG  ND2  sing N N 51  
ASN ND2 HD21 sing N N 52  
ASN ND2 HD22 sing N N 53  
ASN OXT HXT  sing N N 54  
ASP N   CA   sing N N 55  
ASP N   H    sing N N 56  
ASP N   H2   sing N N 57  
ASP CA  C    sing N N 58  
ASP CA  CB   sing N N 59  
ASP CA  HA   sing N N 60  
ASP C   O    doub N N 61  
ASP C   OXT  sing N N 62  
ASP CB  CG   sing N N 63  
ASP CB  HB2  sing N N 64  
ASP CB  HB3  sing N N 65  
ASP CG  OD1  doub N N 66  
ASP CG  OD2  sing N N 67  
ASP OD2 HD2  sing N N 68  
ASP OXT HXT  sing N N 69  
CYS N   CA   sing N N 70  
CYS N   H    sing N N 71  
CYS N   H2   sing N N 72  
CYS CA  C    sing N N 73  
CYS CA  CB   sing N N 74  
CYS CA  HA   sing N N 75  
CYS C   O    doub N N 76  
CYS C   OXT  sing N N 77  
CYS CB  SG   sing N N 78  
CYS CB  HB2  sing N N 79  
CYS CB  HB3  sing N N 80  
CYS SG  HG   sing N N 81  
CYS OXT HXT  sing N N 82  
GLN N   CA   sing N N 83  
GLN N   H    sing N N 84  
GLN N   H2   sing N N 85  
GLN CA  C    sing N N 86  
GLN CA  CB   sing N N 87  
GLN CA  HA   sing N N 88  
GLN C   O    doub N N 89  
GLN C   OXT  sing N N 90  
GLN CB  CG   sing N N 91  
GLN CB  HB2  sing N N 92  
GLN CB  HB3  sing N N 93  
GLN CG  CD   sing N N 94  
GLN CG  HG2  sing N N 95  
GLN CG  HG3  sing N N 96  
GLN CD  OE1  doub N N 97  
GLN CD  NE2  sing N N 98  
GLN NE2 HE21 sing N N 99  
GLN NE2 HE22 sing N N 100 
GLN OXT HXT  sing N N 101 
GLU N   CA   sing N N 102 
GLU N   H    sing N N 103 
GLU N   H2   sing N N 104 
GLU CA  C    sing N N 105 
GLU CA  CB   sing N N 106 
GLU CA  HA   sing N N 107 
GLU C   O    doub N N 108 
GLU C   OXT  sing N N 109 
GLU CB  CG   sing N N 110 
GLU CB  HB2  sing N N 111 
GLU CB  HB3  sing N N 112 
GLU CG  CD   sing N N 113 
GLU CG  HG2  sing N N 114 
GLU CG  HG3  sing N N 115 
GLU CD  OE1  doub N N 116 
GLU CD  OE2  sing N N 117 
GLU OE2 HE2  sing N N 118 
GLU OXT HXT  sing N N 119 
GLY N   CA   sing N N 120 
GLY N   H    sing N N 121 
GLY N   H2   sing N N 122 
GLY CA  C    sing N N 123 
GLY CA  HA2  sing N N 124 
GLY CA  HA3  sing N N 125 
GLY C   O    doub N N 126 
GLY C   OXT  sing N N 127 
GLY OXT HXT  sing N N 128 
HIS N   CA   sing N N 129 
HIS N   H    sing N N 130 
HIS N   H2   sing N N 131 
HIS CA  C    sing N N 132 
HIS CA  CB   sing N N 133 
HIS CA  HA   sing N N 134 
HIS C   O    doub N N 135 
HIS C   OXT  sing N N 136 
HIS CB  CG   sing N N 137 
HIS CB  HB2  sing N N 138 
HIS CB  HB3  sing N N 139 
HIS CG  ND1  sing Y N 140 
HIS CG  CD2  doub Y N 141 
HIS ND1 CE1  doub Y N 142 
HIS ND1 HD1  sing N N 143 
HIS CD2 NE2  sing Y N 144 
HIS CD2 HD2  sing N N 145 
HIS CE1 NE2  sing Y N 146 
HIS CE1 HE1  sing N N 147 
HIS NE2 HE2  sing N N 148 
HIS OXT HXT  sing N N 149 
HOH O   H1   sing N N 150 
HOH O   H2   sing N N 151 
ILE N   CA   sing N N 152 
ILE N   H    sing N N 153 
ILE N   H2   sing N N 154 
ILE CA  C    sing N N 155 
ILE CA  CB   sing N N 156 
ILE CA  HA   sing N N 157 
ILE C   O    doub N N 158 
ILE C   OXT  sing N N 159 
ILE CB  CG1  sing N N 160 
ILE CB  CG2  sing N N 161 
ILE CB  HB   sing N N 162 
ILE CG1 CD1  sing N N 163 
ILE CG1 HG12 sing N N 164 
ILE CG1 HG13 sing N N 165 
ILE CG2 HG21 sing N N 166 
ILE CG2 HG22 sing N N 167 
ILE CG2 HG23 sing N N 168 
ILE CD1 HD11 sing N N 169 
ILE CD1 HD12 sing N N 170 
ILE CD1 HD13 sing N N 171 
ILE OXT HXT  sing N N 172 
LEU N   CA   sing N N 173 
LEU N   H    sing N N 174 
LEU N   H2   sing N N 175 
LEU CA  C    sing N N 176 
LEU CA  CB   sing N N 177 
LEU CA  HA   sing N N 178 
LEU C   O    doub N N 179 
LEU C   OXT  sing N N 180 
LEU CB  CG   sing N N 181 
LEU CB  HB2  sing N N 182 
LEU CB  HB3  sing N N 183 
LEU CG  CD1  sing N N 184 
LEU CG  CD2  sing N N 185 
LEU CG  HG   sing N N 186 
LEU CD1 HD11 sing N N 187 
LEU CD1 HD12 sing N N 188 
LEU CD1 HD13 sing N N 189 
LEU CD2 HD21 sing N N 190 
LEU CD2 HD22 sing N N 191 
LEU CD2 HD23 sing N N 192 
LEU OXT HXT  sing N N 193 
LYS N   CA   sing N N 194 
LYS N   H    sing N N 195 
LYS N   H2   sing N N 196 
LYS CA  C    sing N N 197 
LYS CA  CB   sing N N 198 
LYS CA  HA   sing N N 199 
LYS C   O    doub N N 200 
LYS C   OXT  sing N N 201 
LYS CB  CG   sing N N 202 
LYS CB  HB2  sing N N 203 
LYS CB  HB3  sing N N 204 
LYS CG  CD   sing N N 205 
LYS CG  HG2  sing N N 206 
LYS CG  HG3  sing N N 207 
LYS CD  CE   sing N N 208 
LYS CD  HD2  sing N N 209 
LYS CD  HD3  sing N N 210 
LYS CE  NZ   sing N N 211 
LYS CE  HE2  sing N N 212 
LYS CE  HE3  sing N N 213 
LYS NZ  HZ1  sing N N 214 
LYS NZ  HZ2  sing N N 215 
LYS NZ  HZ3  sing N N 216 
LYS OXT HXT  sing N N 217 
MET N   CA   sing N N 218 
MET N   H    sing N N 219 
MET N   H2   sing N N 220 
MET CA  C    sing N N 221 
MET CA  CB   sing N N 222 
MET CA  HA   sing N N 223 
MET C   O    doub N N 224 
MET C   OXT  sing N N 225 
MET CB  CG   sing N N 226 
MET CB  HB2  sing N N 227 
MET CB  HB3  sing N N 228 
MET CG  SD   sing N N 229 
MET CG  HG2  sing N N 230 
MET CG  HG3  sing N N 231 
MET SD  CE   sing N N 232 
MET CE  HE1  sing N N 233 
MET CE  HE2  sing N N 234 
MET CE  HE3  sing N N 235 
MET OXT HXT  sing N N 236 
PHE N   CA   sing N N 237 
PHE N   H    sing N N 238 
PHE N   H2   sing N N 239 
PHE CA  C    sing N N 240 
PHE CA  CB   sing N N 241 
PHE CA  HA   sing N N 242 
PHE C   O    doub N N 243 
PHE C   OXT  sing N N 244 
PHE CB  CG   sing N N 245 
PHE CB  HB2  sing N N 246 
PHE CB  HB3  sing N N 247 
PHE CG  CD1  doub Y N 248 
PHE CG  CD2  sing Y N 249 
PHE CD1 CE1  sing Y N 250 
PHE CD1 HD1  sing N N 251 
PHE CD2 CE2  doub Y N 252 
PHE CD2 HD2  sing N N 253 
PHE CE1 CZ   doub Y N 254 
PHE CE1 HE1  sing N N 255 
PHE CE2 CZ   sing Y N 256 
PHE CE2 HE2  sing N N 257 
PHE CZ  HZ   sing N N 258 
PHE OXT HXT  sing N N 259 
PRO N   CA   sing N N 260 
PRO N   CD   sing N N 261 
PRO N   H    sing N N 262 
PRO CA  C    sing N N 263 
PRO CA  CB   sing N N 264 
PRO CA  HA   sing N N 265 
PRO C   O    doub N N 266 
PRO C   OXT  sing N N 267 
PRO CB  CG   sing N N 268 
PRO CB  HB2  sing N N 269 
PRO CB  HB3  sing N N 270 
PRO CG  CD   sing N N 271 
PRO CG  HG2  sing N N 272 
PRO CG  HG3  sing N N 273 
PRO CD  HD2  sing N N 274 
PRO CD  HD3  sing N N 275 
PRO OXT HXT  sing N N 276 
SER N   CA   sing N N 277 
SER N   H    sing N N 278 
SER N   H2   sing N N 279 
SER CA  C    sing N N 280 
SER CA  CB   sing N N 281 
SER CA  HA   sing N N 282 
SER C   O    doub N N 283 
SER C   OXT  sing N N 284 
SER CB  OG   sing N N 285 
SER CB  HB2  sing N N 286 
SER CB  HB3  sing N N 287 
SER OG  HG   sing N N 288 
SER OXT HXT  sing N N 289 
THR N   CA   sing N N 290 
THR N   H    sing N N 291 
THR N   H2   sing N N 292 
THR CA  C    sing N N 293 
THR CA  CB   sing N N 294 
THR CA  HA   sing N N 295 
THR C   O    doub N N 296 
THR C   OXT  sing N N 297 
THR CB  OG1  sing N N 298 
THR CB  CG2  sing N N 299 
THR CB  HB   sing N N 300 
THR OG1 HG1  sing N N 301 
THR CG2 HG21 sing N N 302 
THR CG2 HG22 sing N N 303 
THR CG2 HG23 sing N N 304 
THR OXT HXT  sing N N 305 
TRP N   CA   sing N N 306 
TRP N   H    sing N N 307 
TRP N   H2   sing N N 308 
TRP CA  C    sing N N 309 
TRP CA  CB   sing N N 310 
TRP CA  HA   sing N N 311 
TRP C   O    doub N N 312 
TRP C   OXT  sing N N 313 
TRP CB  CG   sing N N 314 
TRP CB  HB2  sing N N 315 
TRP CB  HB3  sing N N 316 
TRP CG  CD1  doub Y N 317 
TRP CG  CD2  sing Y N 318 
TRP CD1 NE1  sing Y N 319 
TRP CD1 HD1  sing N N 320 
TRP CD2 CE2  doub Y N 321 
TRP CD2 CE3  sing Y N 322 
TRP NE1 CE2  sing Y N 323 
TRP NE1 HE1  sing N N 324 
TRP CE2 CZ2  sing Y N 325 
TRP CE3 CZ3  doub Y N 326 
TRP CE3 HE3  sing N N 327 
TRP CZ2 CH2  doub Y N 328 
TRP CZ2 HZ2  sing N N 329 
TRP CZ3 CH2  sing Y N 330 
TRP CZ3 HZ3  sing N N 331 
TRP CH2 HH2  sing N N 332 
TRP OXT HXT  sing N N 333 
TYR N   CA   sing N N 334 
TYR N   H    sing N N 335 
TYR N   H2   sing N N 336 
TYR CA  C    sing N N 337 
TYR CA  CB   sing N N 338 
TYR CA  HA   sing N N 339 
TYR C   O    doub N N 340 
TYR C   OXT  sing N N 341 
TYR CB  CG   sing N N 342 
TYR CB  HB2  sing N N 343 
TYR CB  HB3  sing N N 344 
TYR CG  CD1  doub Y N 345 
TYR CG  CD2  sing Y N 346 
TYR CD1 CE1  sing Y N 347 
TYR CD1 HD1  sing N N 348 
TYR CD2 CE2  doub Y N 349 
TYR CD2 HD2  sing N N 350 
TYR CE1 CZ   doub Y N 351 
TYR CE1 HE1  sing N N 352 
TYR CE2 CZ   sing Y N 353 
TYR CE2 HE2  sing N N 354 
TYR CZ  OH   sing N N 355 
TYR OH  HH   sing N N 356 
TYR OXT HXT  sing N N 357 
VAL N   CA   sing N N 358 
VAL N   H    sing N N 359 
VAL N   H2   sing N N 360 
VAL CA  C    sing N N 361 
VAL CA  CB   sing N N 362 
VAL CA  HA   sing N N 363 
VAL C   O    doub N N 364 
VAL C   OXT  sing N N 365 
VAL CB  CG1  sing N N 366 
VAL CB  CG2  sing N N 367 
VAL CB  HB   sing N N 368 
VAL CG1 HG11 sing N N 369 
VAL CG1 HG12 sing N N 370 
VAL CG1 HG13 sing N N 371 
VAL CG2 HG21 sing N N 372 
VAL CG2 HG22 sing N N 373 
VAL CG2 HG23 sing N N 374 
VAL OXT HXT  sing N N 375 
# 
loop_
_pdbx_entity_nonpoly.entity_id 
_pdbx_entity_nonpoly.name 
_pdbx_entity_nonpoly.comp_id 
2 'FE (II) ION' FE2 
3 water         HOH 
# 
_pdbx_initial_refinement_model.id               1 
_pdbx_initial_refinement_model.entity_id_list   ? 
_pdbx_initial_refinement_model.type             'experimental model' 
_pdbx_initial_refinement_model.source_name      PDB 
_pdbx_initial_refinement_model.accession_code   2AVK 
_pdbx_initial_refinement_model.details          ? 
# 
